data_6RJC
#
_entry.id   6RJC
#
_cell.length_a   89.905
_cell.length_b   102.048
_cell.length_c   132.933
_cell.angle_alpha   90.00
_cell.angle_beta   90.00
_cell.angle_gamma   90.00
#
_symmetry.space_group_name_H-M   'P 21 21 21'
#
loop_
_entity.id
_entity.type
_entity.pdbx_description
1 polymer 'Transketolase 1'
2 non-polymer 'CALCIUM ION'
3 non-polymer 1,2-ETHANEDIOL
4 non-polymer 'SODIUM ION'
5 non-polymer GLYCEROL
6 water water
#
_entity_poly.entity_id   1
_entity_poly.type   'polypeptide(L)'
_entity_poly.pdbx_seq_one_letter_code
;MSSRKELANAIRALSMDAVQKAKSGHPGAPMGMADIAEVLWRDFLKHNPQNPSWADRDRFVLSNGHGSMLIYSLLHLTGY
DLPMEELKNFRQLHSKTPGHPEVGYTAGVETTTGPLGQGIANAVGMAIAEKTLAAQFNRPGHDIVDHYTYAFMGDGCMME
GISHEVCSLAGTLKLGKLIAFYDDNGISIDGHVEGWFTDDTAMRFEAYGWHVIRDIDGHDAASIKRAVEEARAVTDKPSL
LMCKTIIGFGSPNKAGTHDSHGAPLGDAEIALTREQLGWKYAPFEIPSEIYAQWDAKEAGQAKESAWNEKFAAYAKAYPQ
EAAEFTRRMKGEMPSDFDAKAKEFIAKLQANPAKIASRKASQNAIEAFGPLLPEFLGGSADLAPSNLTLWSGSKAINEDA
AGNYIHYGVREFGMTAIANGISLHGGFLPYTSTFLMFVEYARNAVRMAALMKQRQVMVYTHDSIGLGEDGPTHQPVEQVA
SLRVTPNMSTWRPCDQVESAVAWKYGVERQDGPTALILSRQNLAQQERTEEQLANIARGGYVLKDCAGQPELIFIATGSE
VELAVAAYEKLTAEGVKARVVSMPSTDAFDKQDAAYRESVLPKAVTARVAVEAGIADYWYKYVGLNGAIVGMTTFGESAP
AELLFEEFGFTVDNVVAKAKELLHHHHHH
;
_entity_poly.pdbx_strand_id   A,B
#
# COMPACT_ATOMS: atom_id res chain seq x y z
N SER A 2 28.37 -30.46 24.47
CA SER A 2 26.92 -30.63 24.48
C SER A 2 26.48 -31.08 23.11
N SER A 3 25.32 -31.75 23.05
CA SER A 3 24.77 -32.15 21.78
C SER A 3 24.22 -30.93 21.03
N ARG A 4 24.08 -31.08 19.73
CA ARG A 4 23.51 -30.00 18.94
C ARG A 4 22.09 -29.69 19.40
N LYS A 5 21.31 -30.72 19.75
N LYS A 5 21.31 -30.71 19.74
CA LYS A 5 19.94 -30.48 20.22
CA LYS A 5 19.96 -30.46 20.22
C LYS A 5 19.95 -29.70 21.53
C LYS A 5 19.99 -29.62 21.49
N GLU A 6 20.91 -29.98 22.43
N GLU A 6 20.86 -29.96 22.44
CA GLU A 6 21.02 -29.21 23.66
CA GLU A 6 20.98 -29.17 23.66
C GLU A 6 21.38 -27.75 23.36
C GLU A 6 21.36 -27.73 23.35
N LEU A 7 22.27 -27.52 22.40
CA LEU A 7 22.63 -26.17 22.03
C LEU A 7 21.45 -25.42 21.45
N ALA A 8 20.66 -26.08 20.59
CA ALA A 8 19.44 -25.48 20.08
C ALA A 8 18.41 -25.23 21.18
N ASN A 9 18.34 -26.13 22.16
CA ASN A 9 17.39 -25.96 23.25
C ASN A 9 17.69 -24.73 24.10
N ALA A 10 18.93 -24.24 24.07
CA ALA A 10 19.22 -22.98 24.75
C ALA A 10 18.41 -21.84 24.16
N ILE A 11 18.24 -21.83 22.82
CA ILE A 11 17.38 -20.85 22.18
C ILE A 11 15.94 -21.03 22.64
N ARG A 12 15.48 -22.28 22.69
CA ARG A 12 14.11 -22.54 23.09
C ARG A 12 13.85 -22.03 24.49
N ALA A 13 14.75 -22.32 25.43
CA ALA A 13 14.57 -21.90 26.82
C ALA A 13 14.58 -20.37 26.93
N LEU A 14 15.60 -19.72 26.36
CA LEU A 14 15.66 -18.27 26.48
C LEU A 14 14.42 -17.63 25.87
N SER A 15 13.96 -18.17 24.75
N SER A 15 13.95 -18.18 24.75
CA SER A 15 12.82 -17.58 24.05
CA SER A 15 12.82 -17.60 24.05
C SER A 15 11.54 -17.75 24.85
C SER A 15 11.53 -17.75 24.86
N MET A 16 11.21 -18.97 25.29
CA MET A 16 9.97 -19.16 26.02
C MET A 16 10.01 -18.40 27.34
N ASP A 17 11.17 -18.39 28.01
CA ASP A 17 11.28 -17.71 29.29
C ASP A 17 11.19 -16.19 29.13
N ALA A 18 11.84 -15.63 28.10
CA ALA A 18 11.80 -14.18 27.92
C ALA A 18 10.39 -13.70 27.58
N VAL A 19 9.69 -14.46 26.73
CA VAL A 19 8.29 -14.17 26.42
C VAL A 19 7.45 -14.25 27.69
N GLN A 20 7.69 -15.28 28.51
CA GLN A 20 6.89 -15.44 29.72
C GLN A 20 7.10 -14.27 30.67
N LYS A 21 8.34 -13.86 30.86
CA LYS A 21 8.62 -12.76 31.77
C LYS A 21 7.98 -11.46 31.31
N ALA A 22 7.99 -11.22 29.99
CA ALA A 22 7.35 -10.04 29.42
C ALA A 22 5.83 -10.15 29.42
N LYS A 23 5.31 -11.36 29.60
CA LYS A 23 3.88 -11.63 29.42
C LYS A 23 3.40 -11.21 28.04
N SER A 24 4.28 -11.30 27.05
CA SER A 24 4.01 -10.79 25.71
C SER A 24 5.04 -11.36 24.75
N GLY A 25 4.61 -11.69 23.55
CA GLY A 25 5.50 -12.09 22.48
C GLY A 25 5.17 -13.46 21.92
N HIS A 26 6.12 -13.97 21.15
CA HIS A 26 5.88 -15.03 20.17
C HIS A 26 6.88 -16.15 20.41
N PRO A 27 6.51 -17.19 21.15
CA PRO A 27 7.49 -18.25 21.44
C PRO A 27 7.57 -19.33 20.35
N GLY A 28 6.52 -19.45 19.54
CA GLY A 28 6.38 -20.62 18.70
C GLY A 28 7.43 -20.73 17.61
N ALA A 29 7.61 -19.68 16.84
CA ALA A 29 8.57 -19.72 15.73
C ALA A 29 10.01 -19.86 16.24
N PRO A 30 10.43 -19.14 17.30
CA PRO A 30 11.79 -19.39 17.82
C PRO A 30 11.99 -20.84 18.22
N MET A 31 11.00 -21.45 18.86
CA MET A 31 11.14 -22.85 19.25
C MET A 31 11.13 -23.77 18.04
N GLY A 32 10.35 -23.42 17.02
CA GLY A 32 10.29 -24.23 15.82
C GLY A 32 11.54 -24.17 14.97
N MET A 33 12.24 -23.04 14.96
CA MET A 33 13.39 -22.81 14.09
CA MET A 33 13.39 -22.84 14.09
C MET A 33 14.73 -22.99 14.79
N ALA A 34 14.74 -23.36 16.06
CA ALA A 34 15.99 -23.34 16.81
C ALA A 34 17.04 -24.30 16.24
N ASP A 35 16.62 -25.49 15.78
CA ASP A 35 17.61 -26.44 15.26
C ASP A 35 18.21 -25.94 13.94
N ILE A 36 17.39 -25.31 13.10
CA ILE A 36 17.89 -24.72 11.87
C ILE A 36 18.89 -23.62 12.18
N ALA A 37 18.55 -22.75 13.14
CA ALA A 37 19.42 -21.66 13.50
C ALA A 37 20.75 -22.16 14.05
N GLU A 38 20.71 -23.22 14.86
CA GLU A 38 21.94 -23.76 15.44
C GLU A 38 22.88 -24.21 14.32
N VAL A 39 22.36 -24.92 13.32
CA VAL A 39 23.24 -25.35 12.22
C VAL A 39 23.74 -24.14 11.44
N LEU A 40 22.83 -23.25 11.02
CA LEU A 40 23.27 -22.12 10.20
C LEU A 40 24.31 -21.29 10.92
N TRP A 41 24.00 -20.87 12.15
CA TRP A 41 24.88 -19.95 12.85
C TRP A 41 26.18 -20.62 13.25
N ARG A 42 26.13 -21.85 13.78
CA ARG A 42 27.37 -22.44 14.29
C ARG A 42 28.25 -22.99 13.18
N ASP A 43 27.68 -23.48 12.07
CA ASP A 43 28.49 -24.15 11.07
C ASP A 43 28.78 -23.31 9.83
N PHE A 44 27.97 -22.29 9.55
CA PHE A 44 28.11 -21.58 8.27
C PHE A 44 28.30 -20.08 8.38
N LEU A 45 27.55 -19.40 9.25
CA LEU A 45 27.51 -17.94 9.19
C LEU A 45 28.88 -17.35 9.47
N LYS A 46 29.29 -16.42 8.60
CA LYS A 46 30.56 -15.72 8.70
C LYS A 46 30.28 -14.34 9.31
N HIS A 47 30.70 -14.13 10.56
CA HIS A 47 30.35 -12.92 11.27
C HIS A 47 31.30 -12.73 12.43
N ASN A 48 31.41 -11.49 12.89
CA ASN A 48 32.24 -11.17 14.04
C ASN A 48 31.43 -10.42 15.08
N PRO A 49 31.04 -11.05 16.18
CA PRO A 49 30.29 -10.34 17.24
C PRO A 49 30.96 -9.07 17.72
N GLN A 50 32.30 -9.01 17.65
N GLN A 50 32.29 -9.01 17.64
CA GLN A 50 33.03 -7.85 18.12
CA GLN A 50 33.04 -7.85 18.11
C GLN A 50 32.91 -6.66 17.16
C GLN A 50 33.00 -6.68 17.14
N ASN A 51 32.53 -6.90 15.91
CA ASN A 51 32.33 -5.82 14.96
C ASN A 51 31.15 -6.14 14.05
N PRO A 52 29.93 -5.83 14.49
CA PRO A 52 28.74 -6.07 13.66
C PRO A 52 28.72 -5.27 12.38
N SER A 53 29.62 -4.31 12.19
CA SER A 53 29.68 -3.53 10.97
C SER A 53 30.75 -4.00 9.98
N TRP A 54 31.40 -5.13 10.25
CA TRP A 54 32.38 -5.66 9.31
C TRP A 54 31.82 -5.72 7.90
N ALA A 55 32.52 -5.08 6.96
CA ALA A 55 31.93 -4.86 5.64
C ALA A 55 31.60 -6.17 4.92
N ASP A 56 32.40 -7.22 5.14
CA ASP A 56 32.27 -8.45 4.37
C ASP A 56 31.58 -9.58 5.15
N ARG A 57 30.92 -9.26 6.26
CA ARG A 57 30.16 -10.28 7.00
C ARG A 57 29.03 -10.82 6.13
N ASP A 58 28.64 -12.08 6.38
CA ASP A 58 27.36 -12.53 5.89
C ASP A 58 26.24 -11.70 6.53
N ARG A 59 25.12 -11.57 5.83
CA ARG A 59 23.93 -10.91 6.38
C ARG A 59 22.86 -11.96 6.66
N PHE A 60 22.29 -11.90 7.86
CA PHE A 60 21.16 -12.73 8.25
C PHE A 60 19.92 -11.86 8.44
N VAL A 61 18.78 -12.33 7.92
CA VAL A 61 17.52 -11.59 8.01
C VAL A 61 16.41 -12.51 8.51
N LEU A 62 15.71 -12.07 9.55
CA LEU A 62 14.53 -12.75 10.10
C LEU A 62 13.29 -12.09 9.49
N SER A 63 12.78 -12.64 8.38
CA SER A 63 11.60 -12.06 7.75
C SER A 63 10.35 -12.33 8.58
N ASN A 64 10.30 -13.48 9.25
CA ASN A 64 9.25 -13.77 10.22
C ASN A 64 9.60 -13.12 11.56
N GLY A 65 9.58 -11.79 11.56
CA GLY A 65 10.19 -10.99 12.60
C GLY A 65 9.49 -11.02 13.94
N HIS A 66 8.24 -11.50 13.97
CA HIS A 66 7.59 -11.73 15.25
C HIS A 66 8.42 -12.67 16.12
N GLY A 67 9.18 -13.58 15.52
CA GLY A 67 10.04 -14.46 16.28
C GLY A 67 11.32 -13.82 16.76
N SER A 68 11.20 -12.60 17.28
CA SER A 68 12.37 -11.79 17.66
C SER A 68 13.25 -12.45 18.71
N MET A 69 12.70 -13.23 19.63
CA MET A 69 13.58 -13.88 20.61
C MET A 69 14.53 -14.86 19.96
N LEU A 70 14.23 -15.36 18.75
CA LEU A 70 15.20 -16.18 18.05
C LEU A 70 16.50 -15.41 17.79
N ILE A 71 16.38 -14.21 17.20
CA ILE A 71 17.59 -13.46 16.91
CA ILE A 71 17.59 -13.44 16.91
C ILE A 71 18.25 -12.93 18.19
N TYR A 72 17.44 -12.52 19.19
CA TYR A 72 18.08 -12.07 20.43
C TYR A 72 18.83 -13.20 21.11
N SER A 73 18.27 -14.42 21.09
CA SER A 73 18.98 -15.57 21.65
C SER A 73 20.29 -15.81 20.91
N LEU A 74 20.26 -15.77 19.58
CA LEU A 74 21.46 -16.02 18.79
C LEU A 74 22.52 -14.97 19.05
N LEU A 75 22.14 -13.69 19.07
CA LEU A 75 23.09 -12.62 19.31
C LEU A 75 23.70 -12.72 20.70
N HIS A 76 22.87 -13.02 21.70
CA HIS A 76 23.38 -13.18 23.06
C HIS A 76 24.34 -14.36 23.15
N LEU A 77 23.92 -15.53 22.65
CA LEU A 77 24.70 -16.74 22.82
C LEU A 77 26.03 -16.68 22.07
N THR A 78 26.06 -16.02 20.92
CA THR A 78 27.28 -16.00 20.12
C THR A 78 28.26 -14.91 20.54
N GLY A 79 27.87 -14.03 21.47
CA GLY A 79 28.81 -13.10 22.04
C GLY A 79 28.68 -11.65 21.62
N TYR A 80 27.58 -11.27 20.97
CA TYR A 80 27.34 -9.86 20.70
C TYR A 80 27.10 -9.11 22.01
N ASP A 81 27.16 -7.79 21.93
CA ASP A 81 26.90 -6.92 23.07
C ASP A 81 25.40 -6.84 23.33
N LEU A 82 24.86 -7.93 23.87
CA LEU A 82 23.45 -8.04 24.20
C LEU A 82 23.35 -8.90 25.44
N PRO A 83 23.53 -8.31 26.61
CA PRO A 83 23.61 -9.08 27.85
C PRO A 83 22.28 -9.72 28.25
N MET A 84 22.39 -10.68 29.17
CA MET A 84 21.20 -11.39 29.66
C MET A 84 20.18 -10.41 30.23
N GLU A 85 20.63 -9.33 30.88
CA GLU A 85 19.66 -8.39 31.43
CA GLU A 85 19.72 -8.32 31.40
C GLU A 85 18.79 -7.80 30.32
N GLU A 86 19.32 -7.61 29.10
CA GLU A 86 18.47 -7.13 28.02
C GLU A 86 17.42 -8.16 27.63
N LEU A 87 17.79 -9.45 27.61
N LEU A 87 17.80 -9.45 27.62
CA LEU A 87 16.80 -10.48 27.33
CA LEU A 87 16.81 -10.49 27.35
C LEU A 87 15.72 -10.52 28.42
C LEU A 87 15.71 -10.48 28.40
N LYS A 88 16.08 -10.23 29.67
CA LYS A 88 15.11 -10.12 30.75
C LYS A 88 14.26 -8.86 30.66
N ASN A 89 14.60 -7.96 29.73
N ASN A 89 14.59 -7.96 29.74
CA ASN A 89 13.86 -6.74 29.48
CA ASN A 89 13.81 -6.75 29.49
C ASN A 89 13.20 -6.76 28.10
C ASN A 89 13.23 -6.75 28.08
N PHE A 90 13.01 -7.94 27.52
CA PHE A 90 12.30 -8.09 26.26
C PHE A 90 10.99 -7.32 26.32
N ARG A 91 10.73 -6.52 25.30
CA ARG A 91 9.46 -5.80 25.13
C ARG A 91 9.25 -4.71 26.18
N GLN A 92 10.29 -4.32 26.93
CA GLN A 92 10.17 -3.27 27.92
C GLN A 92 10.74 -1.95 27.39
N LEU A 93 10.21 -0.84 27.92
CA LEU A 93 10.53 0.47 27.38
C LEU A 93 12.04 0.72 27.32
N HIS A 94 12.49 1.09 26.11
N HIS A 94 12.54 1.13 26.17
CA HIS A 94 13.88 1.46 25.79
CA HIS A 94 13.93 1.53 25.96
C HIS A 94 14.88 0.34 26.07
C HIS A 94 14.88 0.33 25.84
N SER A 95 14.43 -0.92 25.99
CA SER A 95 15.38 -2.01 26.07
C SER A 95 16.03 -2.18 24.68
N LYS A 96 17.09 -2.97 24.64
CA LYS A 96 17.70 -3.38 23.38
C LYS A 96 17.01 -4.58 22.76
N THR A 97 15.85 -4.97 23.31
CA THR A 97 15.13 -6.16 22.84
C THR A 97 13.67 -5.80 22.60
N PRO A 98 13.39 -4.90 21.66
CA PRO A 98 12.00 -4.58 21.30
C PRO A 98 11.28 -5.79 20.69
N GLY A 99 9.96 -5.71 20.72
CA GLY A 99 9.13 -6.85 20.36
C GLY A 99 9.33 -7.36 18.95
N HIS A 100 9.66 -6.48 18.01
CA HIS A 100 10.15 -6.84 16.68
C HIS A 100 11.55 -6.26 16.54
N PRO A 101 12.47 -6.95 15.88
CA PRO A 101 13.85 -6.47 15.87
C PRO A 101 13.98 -5.17 15.09
N GLU A 102 14.85 -4.29 15.58
CA GLU A 102 15.04 -2.96 15.02
CA GLU A 102 15.04 -2.97 15.00
C GLU A 102 16.52 -2.71 14.73
N VAL A 103 16.83 -2.35 13.49
CA VAL A 103 18.20 -1.99 13.15
C VAL A 103 18.59 -0.73 13.90
N GLY A 104 19.81 -0.70 14.42
CA GLY A 104 20.27 0.40 15.25
C GLY A 104 20.01 0.23 16.74
N TYR A 105 19.02 -0.58 17.14
CA TYR A 105 18.68 -0.71 18.56
C TYR A 105 19.55 -1.76 19.23
N THR A 106 20.19 -2.60 18.44
CA THR A 106 20.65 -3.88 18.94
C THR A 106 21.80 -4.31 18.06
N ALA A 107 22.94 -4.60 18.69
CA ALA A 107 24.12 -5.03 17.95
C ALA A 107 23.80 -6.29 17.17
N GLY A 108 24.08 -6.25 15.87
CA GLY A 108 23.93 -7.41 15.01
C GLY A 108 22.60 -7.52 14.30
N VAL A 109 21.62 -6.68 14.60
CA VAL A 109 20.35 -6.71 13.85
C VAL A 109 20.54 -5.96 12.54
N GLU A 110 20.22 -6.61 11.42
CA GLU A 110 20.54 -6.04 10.12
C GLU A 110 19.44 -5.18 9.53
N THR A 111 18.21 -5.37 9.98
CA THR A 111 17.05 -4.71 9.40
C THR A 111 15.94 -4.77 10.44
N THR A 112 14.96 -3.87 10.30
CA THR A 112 13.76 -3.89 11.13
C THR A 112 12.70 -4.69 10.41
N THR A 113 12.25 -5.78 11.03
CA THR A 113 11.24 -6.62 10.40
C THR A 113 10.06 -6.81 11.33
N GLY A 114 9.07 -7.56 10.86
CA GLY A 114 7.80 -7.63 11.52
C GLY A 114 6.67 -7.60 10.51
N PRO A 115 6.59 -6.50 9.74
CA PRO A 115 5.67 -6.46 8.60
C PRO A 115 6.05 -7.55 7.61
N LEU A 116 5.16 -8.53 7.44
CA LEU A 116 5.55 -9.76 6.79
C LEU A 116 5.86 -9.52 5.31
N GLY A 117 6.78 -10.33 4.81
CA GLY A 117 7.26 -10.25 3.45
C GLY A 117 8.39 -9.26 3.22
N GLN A 118 8.49 -8.22 4.04
CA GLN A 118 9.51 -7.21 3.77
C GLN A 118 10.91 -7.68 4.11
N GLY A 119 11.07 -8.60 5.06
CA GLY A 119 12.41 -9.09 5.35
C GLY A 119 13.02 -9.82 4.17
N ILE A 120 12.27 -10.72 3.54
CA ILE A 120 12.82 -11.40 2.37
C ILE A 120 13.14 -10.38 1.26
N ALA A 121 12.30 -9.35 1.10
CA ALA A 121 12.63 -8.29 0.16
C ALA A 121 13.94 -7.60 0.52
N ASN A 122 14.12 -7.26 1.79
CA ASN A 122 15.36 -6.64 2.22
C ASN A 122 16.55 -7.56 1.91
N ALA A 123 16.38 -8.87 2.16
CA ALA A 123 17.44 -9.84 1.88
C ALA A 123 17.77 -9.88 0.40
N VAL A 124 16.77 -9.83 -0.47
CA VAL A 124 17.04 -9.76 -1.90
C VAL A 124 17.89 -8.54 -2.22
N GLY A 125 17.55 -7.39 -1.62
CA GLY A 125 18.36 -6.20 -1.82
C GLY A 125 19.79 -6.34 -1.31
N MET A 126 19.96 -6.97 -0.13
CA MET A 126 21.31 -7.21 0.38
C MET A 126 22.10 -8.11 -0.55
N ALA A 127 21.45 -9.11 -1.15
CA ALA A 127 22.15 -10.00 -2.07
C ALA A 127 22.47 -9.30 -3.38
N ILE A 128 21.55 -8.47 -3.88
CA ILE A 128 21.87 -7.64 -5.05
C ILE A 128 23.06 -6.74 -4.75
N ALA A 129 23.07 -6.13 -3.56
CA ALA A 129 24.18 -5.26 -3.20
C ALA A 129 25.50 -6.02 -3.18
N GLU A 130 25.53 -7.21 -2.56
CA GLU A 130 26.78 -7.96 -2.54
C GLU A 130 27.25 -8.31 -3.94
N LYS A 131 26.33 -8.73 -4.80
CA LYS A 131 26.72 -9.16 -6.13
C LYS A 131 27.27 -7.99 -6.94
N THR A 132 26.60 -6.85 -6.82
CA THR A 132 26.99 -5.67 -7.57
C THR A 132 28.31 -5.10 -7.05
N LEU A 133 28.45 -5.04 -5.72
CA LEU A 133 29.68 -4.52 -5.12
C LEU A 133 30.86 -5.41 -5.47
N ALA A 134 30.65 -6.74 -5.45
CA ALA A 134 31.70 -7.66 -5.84
C ALA A 134 32.14 -7.42 -7.28
N ALA A 135 31.17 -7.28 -8.18
CA ALA A 135 31.48 -7.04 -9.58
C ALA A 135 32.22 -5.72 -9.76
N GLN A 136 31.82 -4.68 -9.01
CA GLN A 136 32.46 -3.39 -9.14
C GLN A 136 33.89 -3.40 -8.59
N PHE A 137 34.11 -4.04 -7.43
CA PHE A 137 35.37 -3.87 -6.71
C PHE A 137 36.33 -5.04 -6.78
N ASN A 138 35.87 -6.28 -6.93
CA ASN A 138 36.81 -7.38 -6.93
C ASN A 138 37.72 -7.30 -8.14
N ARG A 139 38.95 -7.74 -7.97
CA ARG A 139 39.94 -7.74 -9.03
C ARG A 139 40.66 -9.09 -8.99
N PRO A 140 41.35 -9.45 -10.07
CA PRO A 140 42.00 -10.77 -10.08
C PRO A 140 42.98 -10.90 -8.92
N GLY A 141 42.81 -11.97 -8.14
CA GLY A 141 43.61 -12.19 -6.96
C GLY A 141 43.16 -11.45 -5.73
N HIS A 142 42.09 -10.63 -5.83
CA HIS A 142 41.65 -9.75 -4.74
C HIS A 142 40.11 -9.75 -4.69
N ASP A 143 39.54 -10.81 -4.11
CA ASP A 143 38.08 -10.89 -3.97
C ASP A 143 37.65 -10.37 -2.60
N ILE A 144 37.65 -9.03 -2.47
CA ILE A 144 37.36 -8.39 -1.19
C ILE A 144 35.88 -8.40 -0.83
N VAL A 145 34.99 -8.66 -1.77
CA VAL A 145 33.57 -8.81 -1.49
C VAL A 145 33.20 -10.26 -1.77
N ASP A 146 32.77 -10.98 -0.74
CA ASP A 146 32.38 -12.38 -0.90
C ASP A 146 31.60 -12.78 0.35
N HIS A 147 30.27 -12.59 0.33
CA HIS A 147 29.48 -13.01 1.47
C HIS A 147 28.08 -13.41 1.05
N TYR A 148 27.47 -14.22 1.92
CA TYR A 148 26.14 -14.76 1.72
C TYR A 148 25.07 -13.91 2.40
N THR A 149 23.85 -14.07 1.92
CA THR A 149 22.67 -13.49 2.53
C THR A 149 21.73 -14.65 2.86
N TYR A 150 21.45 -14.83 4.15
CA TYR A 150 20.58 -15.89 4.63
C TYR A 150 19.32 -15.27 5.20
N ALA A 151 18.17 -15.84 4.86
CA ALA A 151 16.91 -15.33 5.36
C ALA A 151 16.06 -16.47 5.91
N PHE A 152 15.37 -16.22 7.02
CA PHE A 152 14.31 -17.08 7.53
C PHE A 152 12.97 -16.44 7.18
N MET A 153 12.00 -17.25 6.78
CA MET A 153 10.68 -16.72 6.45
C MET A 153 9.64 -17.80 6.68
N GLY A 154 8.40 -17.37 6.91
CA GLY A 154 7.32 -18.28 7.21
C GLY A 154 6.15 -18.18 6.25
N ASP A 155 5.03 -18.79 6.66
CA ASP A 155 3.86 -18.84 5.78
C ASP A 155 3.34 -17.45 5.46
N GLY A 156 3.37 -16.53 6.41
CA GLY A 156 2.86 -15.20 6.14
C GLY A 156 3.65 -14.48 5.07
N CYS A 157 4.99 -14.57 5.15
CA CYS A 157 5.82 -13.98 4.11
C CYS A 157 5.51 -14.62 2.76
N MET A 158 5.32 -15.95 2.73
CA MET A 158 5.03 -16.64 1.48
C MET A 158 3.68 -16.23 0.89
N MET A 159 2.67 -15.97 1.73
CA MET A 159 1.36 -15.57 1.22
C MET A 159 1.39 -14.15 0.68
N GLU A 160 2.17 -13.28 1.30
CA GLU A 160 2.18 -11.87 0.90
C GLU A 160 2.66 -11.71 -0.54
N GLY A 161 1.99 -10.82 -1.26
CA GLY A 161 2.37 -10.55 -2.64
C GLY A 161 3.80 -10.09 -2.81
N ILE A 162 4.35 -9.38 -1.83
CA ILE A 162 5.70 -8.87 -2.01
C ILE A 162 6.69 -10.02 -2.18
N SER A 163 6.40 -11.20 -1.61
CA SER A 163 7.32 -12.32 -1.81
C SER A 163 7.40 -12.71 -3.28
N HIS A 164 6.27 -12.66 -3.98
CA HIS A 164 6.24 -12.93 -5.41
C HIS A 164 7.09 -11.91 -6.16
N GLU A 165 6.94 -10.63 -5.83
CA GLU A 165 7.70 -9.61 -6.54
C GLU A 165 9.19 -9.84 -6.38
N VAL A 166 9.66 -10.00 -5.14
CA VAL A 166 11.10 -9.98 -4.91
C VAL A 166 11.74 -11.31 -5.26
N CYS A 167 11.03 -12.42 -5.06
CA CYS A 167 11.61 -13.72 -5.37
C CYS A 167 11.60 -13.98 -6.87
N SER A 168 10.61 -13.46 -7.59
CA SER A 168 10.67 -13.49 -9.06
C SER A 168 11.92 -12.77 -9.55
N LEU A 169 12.15 -11.55 -9.06
CA LEU A 169 13.30 -10.78 -9.52
C LEU A 169 14.62 -11.43 -9.09
N ALA A 170 14.67 -11.98 -7.88
CA ALA A 170 15.89 -12.67 -7.43
C ALA A 170 16.25 -13.81 -8.36
N GLY A 171 15.24 -14.52 -8.89
CA GLY A 171 15.50 -15.56 -9.86
C GLY A 171 16.09 -15.01 -11.15
N THR A 172 15.49 -13.93 -11.67
CA THR A 172 16.02 -13.31 -12.88
C THR A 172 17.48 -12.92 -12.71
N LEU A 173 17.83 -12.38 -11.54
CA LEU A 173 19.17 -11.88 -11.29
C LEU A 173 20.14 -12.96 -10.82
N LYS A 174 19.69 -14.22 -10.72
N LYS A 174 19.68 -14.22 -10.75
CA LYS A 174 20.60 -15.35 -10.50
CA LYS A 174 20.57 -15.36 -10.49
C LYS A 174 21.42 -15.15 -9.23
C LYS A 174 21.42 -15.11 -9.24
N LEU A 175 20.73 -14.82 -8.14
CA LEU A 175 21.39 -14.47 -6.88
C LEU A 175 21.81 -15.73 -6.11
N GLY A 176 22.90 -16.33 -6.56
CA GLY A 176 23.39 -17.58 -6.02
C GLY A 176 23.91 -17.54 -4.60
N LYS A 177 24.08 -16.35 -4.01
CA LYS A 177 24.49 -16.28 -2.62
C LYS A 177 23.33 -15.95 -1.69
N LEU A 178 22.10 -15.96 -2.20
CA LEU A 178 20.90 -15.83 -1.39
C LEU A 178 20.37 -17.22 -1.06
N ILE A 179 20.22 -17.50 0.23
CA ILE A 179 19.72 -18.79 0.71
C ILE A 179 18.63 -18.50 1.72
N ALA A 180 17.41 -18.94 1.41
CA ALA A 180 16.25 -18.72 2.27
C ALA A 180 15.77 -20.03 2.85
N PHE A 181 15.37 -19.98 4.12
CA PHE A 181 14.83 -21.12 4.84
C PHE A 181 13.36 -20.83 5.11
N TYR A 182 12.47 -21.69 4.59
CA TYR A 182 11.03 -21.59 4.80
C TYR A 182 10.65 -22.46 5.99
N ASP A 183 10.07 -21.82 7.01
CA ASP A 183 9.56 -22.45 8.23
C ASP A 183 8.20 -23.04 7.90
N ASP A 184 8.22 -24.26 7.38
CA ASP A 184 7.02 -24.92 6.85
C ASP A 184 6.39 -25.70 7.99
N ASN A 185 5.58 -25.00 8.78
CA ASN A 185 5.04 -25.55 10.01
C ASN A 185 3.52 -25.72 9.99
N GLY A 186 2.83 -25.36 8.90
CA GLY A 186 1.42 -25.65 8.76
C GLY A 186 0.47 -24.80 9.57
N ILE A 187 0.97 -23.78 10.26
CA ILE A 187 0.18 -23.02 11.22
C ILE A 187 0.28 -21.53 10.93
N SER A 188 -0.87 -20.85 10.97
CA SER A 188 -0.88 -19.40 11.02
C SER A 188 -1.90 -18.97 12.08
N ILE A 189 -2.18 -17.69 12.20
CA ILE A 189 -2.97 -17.23 13.34
C ILE A 189 -4.39 -17.79 13.28
N ASP A 190 -4.96 -17.94 12.09
CA ASP A 190 -6.32 -18.48 12.00
C ASP A 190 -6.38 -19.99 12.23
N GLY A 191 -5.24 -20.68 12.29
CA GLY A 191 -5.22 -22.12 12.52
C GLY A 191 -4.41 -22.89 11.49
N HIS A 192 -4.93 -24.05 11.10
CA HIS A 192 -4.25 -24.89 10.11
C HIS A 192 -4.31 -24.23 8.73
N VAL A 193 -3.14 -23.99 8.14
CA VAL A 193 -3.09 -23.13 6.97
C VAL A 193 -3.82 -23.68 5.75
N GLU A 194 -4.09 -24.99 5.69
N GLU A 194 -4.09 -24.99 5.69
CA GLU A 194 -4.69 -25.59 4.51
CA GLU A 194 -4.69 -25.59 4.51
C GLU A 194 -6.05 -25.00 4.14
C GLU A 194 -6.00 -24.91 4.12
N GLY A 195 -6.73 -24.33 5.07
CA GLY A 195 -7.99 -23.67 4.72
C GLY A 195 -7.84 -22.43 3.87
N TRP A 196 -6.63 -21.87 3.78
CA TRP A 196 -6.40 -20.63 3.06
C TRP A 196 -5.08 -20.60 2.33
N PHE A 197 -4.23 -21.63 2.42
CA PHE A 197 -2.91 -21.57 1.81
C PHE A 197 -2.55 -22.98 1.38
N THR A 198 -2.61 -23.22 0.08
CA THR A 198 -2.45 -24.55 -0.48
C THR A 198 -1.41 -24.61 -1.59
N ASP A 199 -0.62 -23.56 -1.79
CA ASP A 199 0.32 -23.55 -2.88
C ASP A 199 1.28 -24.73 -2.78
N ASP A 200 1.70 -25.24 -3.94
CA ASP A 200 2.93 -26.03 -4.04
C ASP A 200 4.07 -25.02 -4.08
N THR A 201 4.51 -24.61 -2.89
CA THR A 201 5.49 -23.53 -2.78
C THR A 201 6.78 -23.89 -3.48
N ALA A 202 7.20 -25.15 -3.39
CA ALA A 202 8.42 -25.55 -4.09
C ALA A 202 8.29 -25.35 -5.60
N MET A 203 7.17 -25.78 -6.18
CA MET A 203 6.95 -25.59 -7.62
C MET A 203 6.92 -24.12 -7.98
N ARG A 204 6.27 -23.30 -7.15
CA ARG A 204 6.25 -21.85 -7.37
C ARG A 204 7.66 -21.29 -7.46
N PHE A 205 8.52 -21.66 -6.51
CA PHE A 205 9.87 -21.10 -6.50
C PHE A 205 10.73 -21.65 -7.64
N GLU A 206 10.50 -22.90 -8.06
CA GLU A 206 11.15 -23.38 -9.28
C GLU A 206 10.70 -22.57 -10.50
N ALA A 207 9.45 -22.10 -10.50
CA ALA A 207 8.98 -21.27 -11.60
C ALA A 207 9.72 -19.93 -11.65
N TYR A 208 10.24 -19.47 -10.51
CA TYR A 208 11.05 -18.27 -10.46
C TYR A 208 12.51 -18.51 -10.81
N GLY A 209 12.91 -19.76 -11.04
CA GLY A 209 14.31 -20.04 -11.28
C GLY A 209 15.13 -20.24 -10.02
N TRP A 210 14.51 -20.53 -8.89
CA TRP A 210 15.24 -20.87 -7.69
C TRP A 210 15.57 -22.36 -7.66
N HIS A 211 16.61 -22.68 -6.91
N HIS A 211 16.68 -22.67 -7.00
CA HIS A 211 16.97 -24.06 -6.59
CA HIS A 211 16.96 -24.03 -6.58
C HIS A 211 16.30 -24.41 -5.27
C HIS A 211 16.14 -24.29 -5.33
N VAL A 212 15.40 -25.39 -5.29
CA VAL A 212 14.54 -25.70 -4.16
C VAL A 212 14.89 -27.07 -3.60
N ILE A 213 15.07 -27.13 -2.28
CA ILE A 213 15.36 -28.37 -1.58
C ILE A 213 14.13 -28.72 -0.74
N ARG A 214 13.43 -29.77 -1.16
CA ARG A 214 12.19 -30.19 -0.52
C ARG A 214 12.45 -31.12 0.66
N ASP A 215 11.47 -31.17 1.56
CA ASP A 215 11.34 -32.25 2.54
CA ASP A 215 11.35 -32.27 2.52
C ASP A 215 12.52 -32.33 3.50
N ILE A 216 13.00 -31.18 3.94
CA ILE A 216 14.05 -31.16 4.97
C ILE A 216 13.41 -31.35 6.33
N ASP A 217 13.97 -32.24 7.14
CA ASP A 217 13.53 -32.39 8.54
C ASP A 217 14.18 -31.25 9.33
N GLY A 218 13.38 -30.21 9.64
CA GLY A 218 13.89 -29.05 10.32
C GLY A 218 14.23 -29.26 11.77
N HIS A 219 14.07 -30.47 12.29
CA HIS A 219 14.51 -30.83 13.64
C HIS A 219 15.64 -31.82 13.62
N ASP A 220 16.32 -31.98 12.48
CA ASP A 220 17.42 -32.91 12.36
C ASP A 220 18.65 -32.19 11.82
N ALA A 221 19.65 -32.01 12.67
CA ALA A 221 20.83 -31.25 12.27
C ALA A 221 21.47 -31.81 11.00
N ALA A 222 21.58 -33.14 10.89
CA ALA A 222 22.20 -33.71 9.70
C ALA A 222 21.46 -33.32 8.43
N SER A 223 20.12 -33.38 8.47
CA SER A 223 19.31 -33.02 7.30
CA SER A 223 19.34 -33.02 7.29
C SER A 223 19.52 -31.56 6.93
N ILE A 224 19.49 -30.69 7.93
CA ILE A 224 19.64 -29.26 7.68
C ILE A 224 21.01 -28.97 7.11
N LYS A 225 22.05 -29.53 7.72
CA LYS A 225 23.41 -29.24 7.28
CA LYS A 225 23.42 -29.26 7.29
C LYS A 225 23.64 -29.67 5.84
N ARG A 226 23.16 -30.86 5.47
N ARG A 226 23.15 -30.86 5.47
CA ARG A 226 23.31 -31.32 4.09
CA ARG A 226 23.32 -31.32 4.10
C ARG A 226 22.62 -30.35 3.14
C ARG A 226 22.60 -30.40 3.11
N ALA A 227 21.44 -29.88 3.51
CA ALA A 227 20.72 -28.97 2.63
C ALA A 227 21.46 -27.66 2.44
N VAL A 228 22.02 -27.10 3.52
CA VAL A 228 22.76 -25.86 3.40
C VAL A 228 23.97 -26.06 2.50
N GLU A 229 24.68 -27.18 2.65
CA GLU A 229 25.82 -27.47 1.78
C GLU A 229 25.40 -27.53 0.33
N GLU A 230 24.27 -28.18 0.04
N GLU A 230 24.25 -28.15 0.04
CA GLU A 230 23.79 -28.25 -1.33
CA GLU A 230 23.77 -28.25 -1.33
C GLU A 230 23.49 -26.85 -1.87
C GLU A 230 23.42 -26.88 -1.89
N ALA A 231 22.80 -26.02 -1.08
CA ALA A 231 22.46 -24.69 -1.52
C ALA A 231 23.70 -23.85 -1.80
N ARG A 232 24.72 -24.00 -0.96
CA ARG A 232 25.96 -23.25 -1.17
C ARG A 232 26.69 -23.72 -2.41
N ALA A 233 26.49 -24.97 -2.83
CA ALA A 233 27.13 -25.47 -4.03
C ALA A 233 26.44 -24.98 -5.31
N VAL A 234 25.20 -24.52 -5.23
CA VAL A 234 24.48 -24.01 -6.39
C VAL A 234 24.75 -22.51 -6.47
N THR A 235 25.62 -22.10 -7.39
CA THR A 235 26.11 -20.73 -7.38
C THR A 235 25.38 -19.82 -8.36
N ASP A 236 24.45 -20.35 -9.15
CA ASP A 236 23.80 -19.56 -10.20
C ASP A 236 22.31 -19.38 -9.97
N LYS A 237 21.80 -19.77 -8.80
CA LYS A 237 20.39 -19.62 -8.49
CA LYS A 237 20.39 -19.62 -8.49
C LYS A 237 20.27 -19.34 -7.00
N PRO A 238 19.34 -18.47 -6.59
CA PRO A 238 18.99 -18.41 -5.17
C PRO A 238 18.35 -19.74 -4.77
N SER A 239 18.48 -20.09 -3.48
CA SER A 239 18.01 -21.38 -3.00
C SER A 239 16.96 -21.21 -1.90
N LEU A 240 15.95 -22.08 -1.96
CA LEU A 240 14.89 -22.16 -0.94
C LEU A 240 14.97 -23.53 -0.29
N LEU A 241 15.10 -23.55 1.02
CA LEU A 241 15.13 -24.77 1.82
C LEU A 241 13.77 -24.93 2.48
N MET A 242 13.04 -25.98 2.10
CA MET A 242 11.69 -26.28 2.60
CA MET A 242 11.72 -26.20 2.66
C MET A 242 11.86 -27.03 3.92
N CYS A 243 11.81 -26.33 5.06
CA CYS A 243 12.12 -26.94 6.34
C CYS A 243 10.84 -27.29 7.09
N LYS A 244 10.55 -28.58 7.21
N LYS A 244 10.55 -28.58 7.20
CA LYS A 244 9.40 -29.01 7.96
CA LYS A 244 9.39 -29.02 7.95
C LYS A 244 9.70 -28.88 9.45
C LYS A 244 9.70 -28.88 9.44
N THR A 245 8.94 -28.04 10.13
CA THR A 245 9.13 -27.81 11.55
C THR A 245 7.81 -27.92 12.28
N ILE A 246 7.93 -28.04 13.59
CA ILE A 246 6.79 -28.06 14.50
C ILE A 246 6.85 -26.76 15.30
N ILE A 247 5.85 -25.89 15.10
CA ILE A 247 5.82 -24.64 15.86
C ILE A 247 5.77 -24.99 17.35
N GLY A 248 6.51 -24.24 18.17
CA GLY A 248 6.48 -24.55 19.60
C GLY A 248 7.13 -25.87 19.98
N PHE A 249 8.01 -26.39 19.14
CA PHE A 249 8.68 -27.66 19.40
C PHE A 249 9.17 -27.73 20.84
N GLY A 250 8.80 -28.81 21.53
CA GLY A 250 9.15 -29.06 22.91
C GLY A 250 7.97 -28.98 23.87
N SER A 251 6.95 -28.23 23.51
CA SER A 251 5.78 -28.07 24.36
C SER A 251 4.82 -29.23 24.16
N PRO A 252 4.56 -30.05 25.19
CA PRO A 252 3.66 -31.19 24.98
C PRO A 252 2.27 -30.79 24.51
N ASN A 253 1.73 -29.69 25.03
CA ASN A 253 0.34 -29.35 24.77
C ASN A 253 0.16 -28.25 23.73
N LYS A 254 1.20 -27.47 23.45
CA LYS A 254 1.06 -26.38 22.50
C LYS A 254 1.92 -26.52 21.25
N ALA A 255 2.84 -27.46 21.18
CA ALA A 255 3.55 -27.68 19.93
C ALA A 255 2.54 -28.01 18.83
N GLY A 256 2.75 -27.45 17.65
CA GLY A 256 1.87 -27.73 16.55
C GLY A 256 0.53 -27.02 16.61
N THR A 257 0.36 -26.06 17.51
CA THR A 257 -0.91 -25.36 17.66
C THR A 257 -0.73 -23.87 17.38
N HIS A 258 -1.80 -23.24 16.92
CA HIS A 258 -1.79 -21.79 16.79
C HIS A 258 -1.60 -21.10 18.14
N ASP A 259 -1.95 -21.79 19.22
N ASP A 259 -1.94 -21.78 19.24
CA ASP A 259 -1.78 -21.19 20.55
CA ASP A 259 -1.79 -21.18 20.55
C ASP A 259 -0.33 -20.79 20.80
C ASP A 259 -0.34 -20.87 20.89
N SER A 260 0.62 -21.55 20.28
CA SER A 260 2.03 -21.28 20.52
C SER A 260 2.58 -20.12 19.72
N HIS A 261 1.81 -19.58 18.76
CA HIS A 261 2.36 -18.57 17.87
C HIS A 261 2.65 -17.26 18.58
N GLY A 262 1.69 -16.73 19.33
CA GLY A 262 1.71 -15.32 19.66
C GLY A 262 1.33 -14.97 21.07
N ALA A 263 1.44 -15.91 21.99
CA ALA A 263 1.19 -15.62 23.39
C ALA A 263 2.14 -16.44 24.24
N PRO A 264 2.43 -15.99 25.45
CA PRO A 264 3.22 -16.82 26.37
C PRO A 264 2.63 -18.22 26.53
N LEU A 265 3.52 -19.21 26.69
CA LEU A 265 3.06 -20.58 26.86
C LEU A 265 2.36 -20.80 28.20
N GLY A 266 2.72 -20.04 29.22
CA GLY A 266 2.26 -20.23 30.58
C GLY A 266 3.27 -20.99 31.41
N ASP A 267 3.27 -20.72 32.72
CA ASP A 267 4.29 -21.30 33.60
C ASP A 267 4.22 -22.82 33.63
N ALA A 268 3.01 -23.38 33.77
CA ALA A 268 2.91 -24.83 33.85
C ALA A 268 3.40 -25.49 32.56
N GLU A 269 3.04 -24.92 31.41
CA GLU A 269 3.46 -25.49 30.15
C GLU A 269 4.97 -25.35 29.93
N ILE A 270 5.56 -24.26 30.41
CA ILE A 270 7.01 -24.12 30.34
C ILE A 270 7.69 -25.21 31.16
N ALA A 271 7.14 -25.52 32.35
CA ALA A 271 7.73 -26.59 33.14
C ALA A 271 7.64 -27.93 32.41
N LEU A 272 6.51 -28.20 31.75
CA LEU A 272 6.37 -29.43 30.99
C LEU A 272 7.30 -29.45 29.79
N THR A 273 7.56 -28.27 29.20
CA THR A 273 8.47 -28.16 28.07
C THR A 273 9.90 -28.43 28.50
N ARG A 274 10.32 -27.89 29.65
CA ARG A 274 11.64 -28.23 30.18
C ARG A 274 11.77 -29.73 30.35
N GLU A 275 10.74 -30.38 30.87
N GLU A 275 10.73 -30.39 30.86
CA GLU A 275 10.79 -31.83 31.06
CA GLU A 275 10.79 -31.83 31.06
C GLU A 275 10.93 -32.54 29.71
C GLU A 275 10.89 -32.58 29.73
N GLN A 276 10.11 -32.17 28.73
CA GLN A 276 10.15 -32.83 27.43
C GLN A 276 11.50 -32.63 26.75
N LEU A 277 12.09 -31.44 26.85
CA LEU A 277 13.37 -31.16 26.22
C LEU A 277 14.55 -31.67 27.04
N GLY A 278 14.33 -32.04 28.29
CA GLY A 278 15.44 -32.38 29.15
C GLY A 278 16.31 -31.20 29.49
N TRP A 279 15.73 -30.01 29.59
CA TRP A 279 16.46 -28.77 29.84
C TRP A 279 16.41 -28.49 31.34
N LYS A 280 17.57 -28.58 32.00
CA LYS A 280 17.61 -28.56 33.45
C LYS A 280 17.94 -27.19 34.04
N TYR A 281 18.08 -26.16 33.23
CA TYR A 281 18.51 -24.87 33.72
C TYR A 281 17.33 -23.94 33.98
N ALA A 282 17.49 -23.10 35.02
CA ALA A 282 16.47 -22.14 35.40
C ALA A 282 16.35 -21.03 34.35
N PRO A 283 15.27 -20.26 34.39
CA PRO A 283 15.15 -19.15 33.43
C PRO A 283 16.36 -18.24 33.51
N PHE A 284 16.92 -17.93 32.33
CA PHE A 284 18.04 -17.00 32.22
C PHE A 284 19.34 -17.57 32.77
N GLU A 285 19.39 -18.89 32.94
CA GLU A 285 20.63 -19.59 33.27
C GLU A 285 21.14 -20.34 32.03
N ILE A 286 22.38 -20.09 31.66
CA ILE A 286 23.04 -20.79 30.55
C ILE A 286 24.39 -21.25 31.10
N PRO A 287 24.72 -22.54 31.07
CA PRO A 287 25.98 -23.01 31.63
C PRO A 287 27.16 -22.66 30.73
N SER A 288 28.34 -22.67 31.34
CA SER A 288 29.53 -22.22 30.63
C SER A 288 29.83 -23.07 29.39
N GLU A 289 29.56 -24.39 29.46
N GLU A 289 29.58 -24.36 29.43
CA GLU A 289 29.85 -25.27 28.32
CA GLU A 289 29.97 -25.14 28.26
C GLU A 289 29.03 -24.85 27.11
C GLU A 289 29.02 -24.92 27.08
N ILE A 290 27.78 -24.47 27.33
CA ILE A 290 26.92 -24.07 26.23
C ILE A 290 27.39 -22.74 25.64
N TYR A 291 27.77 -21.78 26.48
CA TYR A 291 28.37 -20.56 25.95
C TYR A 291 29.64 -20.85 25.15
N ALA A 292 30.48 -21.78 25.66
CA ALA A 292 31.74 -22.06 24.98
C ALA A 292 31.50 -22.57 23.57
N GLN A 293 30.46 -23.40 23.39
CA GLN A 293 30.18 -23.95 22.06
CA GLN A 293 30.20 -23.94 22.06
C GLN A 293 29.47 -22.95 21.16
N TRP A 294 28.70 -22.01 21.74
CA TRP A 294 28.00 -21.03 20.93
C TRP A 294 28.88 -19.82 20.59
N ASP A 295 29.90 -19.52 21.40
CA ASP A 295 30.55 -18.24 21.26
C ASP A 295 31.28 -18.16 19.91
N ALA A 296 31.15 -17.00 19.26
CA ALA A 296 31.74 -16.77 17.94
C ALA A 296 32.82 -15.69 17.97
N LYS A 297 33.21 -15.23 19.15
CA LYS A 297 34.17 -14.12 19.19
C LYS A 297 35.54 -14.51 18.65
N GLU A 298 36.05 -15.69 19.03
CA GLU A 298 37.39 -16.07 18.59
CA GLU A 298 37.39 -16.06 18.59
C GLU A 298 37.42 -16.33 17.10
N ALA A 299 36.49 -17.15 16.60
CA ALA A 299 36.48 -17.44 15.17
C ALA A 299 36.15 -16.18 14.36
N GLY A 300 35.22 -15.37 14.87
CA GLY A 300 34.83 -14.19 14.13
C GLY A 300 35.95 -13.18 14.03
N GLN A 301 36.70 -13.00 15.12
CA GLN A 301 37.83 -12.08 15.04
C GLN A 301 38.88 -12.62 14.08
N ALA A 302 39.12 -13.93 14.08
CA ALA A 302 40.10 -14.47 13.16
C ALA A 302 39.67 -14.26 11.71
N LYS A 303 38.39 -14.45 11.41
CA LYS A 303 37.91 -14.28 10.04
C LYS A 303 37.98 -12.81 9.62
N GLU A 304 37.57 -11.89 10.51
CA GLU A 304 37.64 -10.49 10.15
C GLU A 304 39.08 -10.02 10.00
N SER A 305 39.98 -10.48 10.87
CA SER A 305 41.38 -10.10 10.73
CA SER A 305 41.38 -10.09 10.74
C SER A 305 41.96 -10.58 9.41
N ALA A 306 41.62 -11.81 9.02
CA ALA A 306 42.06 -12.31 7.72
C ALA A 306 41.55 -11.43 6.60
N TRP A 307 40.29 -10.99 6.70
CA TRP A 307 39.73 -10.10 5.69
C TRP A 307 40.46 -8.76 5.69
N ASN A 308 40.75 -8.22 6.88
CA ASN A 308 41.47 -6.96 6.94
C ASN A 308 42.83 -7.07 6.23
N GLU A 309 43.49 -8.21 6.37
CA GLU A 309 44.77 -8.41 5.70
C GLU A 309 44.59 -8.48 4.19
N LYS A 310 43.51 -9.12 3.73
N LYS A 310 43.52 -9.14 3.74
CA LYS A 310 43.18 -9.16 2.31
CA LYS A 310 43.19 -9.15 2.32
C LYS A 310 42.89 -7.76 1.79
C LYS A 310 42.93 -7.74 1.81
N PHE A 311 42.14 -6.97 2.56
CA PHE A 311 41.83 -5.61 2.12
C PHE A 311 43.08 -4.75 2.06
N ALA A 312 44.00 -4.91 3.02
CA ALA A 312 45.25 -4.15 2.99
C ALA A 312 46.04 -4.46 1.72
N ALA A 313 46.09 -5.73 1.32
CA ALA A 313 46.79 -6.09 0.10
C ALA A 313 46.09 -5.52 -1.13
N TYR A 314 44.76 -5.55 -1.13
CA TYR A 314 44.01 -4.93 -2.22
C TYR A 314 44.32 -3.45 -2.33
N ALA A 315 44.37 -2.76 -1.18
CA ALA A 315 44.61 -1.33 -1.20
C ALA A 315 46.00 -1.00 -1.74
N LYS A 316 46.98 -1.88 -1.55
CA LYS A 316 48.29 -1.63 -2.13
C LYS A 316 48.25 -1.73 -3.65
N ALA A 317 47.49 -2.68 -4.18
CA ALA A 317 47.42 -2.88 -5.62
C ALA A 317 46.43 -1.94 -6.28
N TYR A 318 45.40 -1.52 -5.55
CA TYR A 318 44.27 -0.74 -6.09
C TYR A 318 43.94 0.38 -5.12
N PRO A 319 44.85 1.34 -4.94
CA PRO A 319 44.64 2.37 -3.90
C PRO A 319 43.39 3.23 -4.08
N GLN A 320 43.10 3.69 -5.30
CA GLN A 320 41.94 4.55 -5.47
C GLN A 320 40.64 3.77 -5.28
N GLU A 321 40.62 2.52 -5.75
CA GLU A 321 39.45 1.68 -5.56
C GLU A 321 39.21 1.38 -4.09
N ALA A 322 40.29 1.10 -3.35
CA ALA A 322 40.14 0.81 -1.92
C ALA A 322 39.60 2.03 -1.17
N ALA A 323 40.08 3.23 -1.51
CA ALA A 323 39.56 4.43 -0.88
C ALA A 323 38.08 4.60 -1.18
N GLU A 324 37.67 4.31 -2.41
N GLU A 324 37.66 4.30 -2.41
CA GLU A 324 36.25 4.41 -2.76
CA GLU A 324 36.25 4.43 -2.74
C GLU A 324 35.42 3.38 -2.01
C GLU A 324 35.41 3.38 -2.02
N PHE A 325 35.95 2.16 -1.85
CA PHE A 325 35.22 1.14 -1.11
C PHE A 325 34.96 1.59 0.32
N THR A 326 36.00 2.09 0.98
CA THR A 326 35.84 2.55 2.36
C THR A 326 34.85 3.71 2.45
N ARG A 327 34.98 4.69 1.57
CA ARG A 327 34.06 5.83 1.58
C ARG A 327 32.62 5.35 1.42
N ARG A 328 32.40 4.48 0.43
CA ARG A 328 31.04 4.04 0.12
C ARG A 328 30.46 3.16 1.22
N MET A 329 31.27 2.26 1.80
CA MET A 329 30.75 1.43 2.88
C MET A 329 30.39 2.26 4.10
N LYS A 330 31.08 3.37 4.33
CA LYS A 330 30.77 4.27 5.43
C LYS A 330 29.58 5.17 5.14
N GLY A 331 29.11 5.22 3.89
CA GLY A 331 28.02 6.09 3.53
C GLY A 331 28.38 7.55 3.42
N GLU A 332 29.68 7.86 3.32
N GLU A 332 29.67 7.85 3.27
CA GLU A 332 30.13 9.24 3.24
CA GLU A 332 30.19 9.22 3.25
C GLU A 332 30.01 9.77 1.82
C GLU A 332 30.18 9.78 1.83
N MET A 333 29.85 11.07 1.72
CA MET A 333 29.75 11.71 0.42
C MET A 333 31.14 12.13 -0.06
N PRO A 334 31.35 12.24 -1.36
CA PRO A 334 32.62 12.79 -1.85
C PRO A 334 32.82 14.20 -1.29
N SER A 335 34.07 14.51 -0.94
CA SER A 335 34.35 15.78 -0.28
CA SER A 335 34.36 15.78 -0.28
C SER A 335 33.97 16.97 -1.13
N ASP A 336 34.05 16.87 -2.46
CA ASP A 336 33.73 18.00 -3.31
C ASP A 336 32.30 17.96 -3.86
N PHE A 337 31.46 17.04 -3.39
CA PHE A 337 30.12 16.93 -3.95
C PHE A 337 29.31 18.21 -3.69
N ASP A 338 29.35 18.72 -2.45
CA ASP A 338 28.58 19.91 -2.13
C ASP A 338 28.92 21.07 -3.07
N ALA A 339 30.22 21.32 -3.26
CA ALA A 339 30.63 22.43 -4.12
C ALA A 339 30.20 22.19 -5.56
N LYS A 340 30.36 20.97 -6.06
CA LYS A 340 30.04 20.70 -7.45
C LYS A 340 28.53 20.75 -7.68
N ALA A 341 27.75 20.24 -6.74
CA ALA A 341 26.30 20.31 -6.88
C ALA A 341 25.81 21.75 -6.82
N LYS A 342 26.41 22.57 -5.94
CA LYS A 342 26.03 23.98 -5.88
C LYS A 342 26.34 24.68 -7.19
N GLU A 343 27.46 24.33 -7.82
N GLU A 343 27.47 24.33 -7.82
CA GLU A 343 27.82 24.91 -9.11
CA GLU A 343 27.80 24.93 -9.11
C GLU A 343 26.80 24.56 -10.18
C GLU A 343 26.77 24.56 -10.17
N PHE A 344 26.31 23.31 -10.16
CA PHE A 344 25.29 22.89 -11.11
C PHE A 344 24.00 23.67 -10.88
N ILE A 345 23.58 23.78 -9.62
CA ILE A 345 22.36 24.51 -9.27
C ILE A 345 22.46 25.96 -9.73
N ALA A 346 23.60 26.60 -9.49
CA ALA A 346 23.77 28.00 -9.90
C ALA A 346 23.71 28.13 -11.41
N LYS A 347 24.28 27.18 -12.14
CA LYS A 347 24.22 27.20 -13.60
C LYS A 347 22.78 27.11 -14.08
N LEU A 348 21.97 26.26 -13.44
CA LEU A 348 20.56 26.18 -13.83
C LEU A 348 19.84 27.51 -13.59
N GLN A 349 20.08 28.14 -12.45
CA GLN A 349 19.40 29.40 -12.18
C GLN A 349 19.76 30.45 -13.22
N ALA A 350 21.02 30.45 -13.66
CA ALA A 350 21.52 31.44 -14.62
C ALA A 350 21.12 31.14 -16.05
N ASN A 351 20.60 29.94 -16.33
CA ASN A 351 20.31 29.49 -17.70
C ASN A 351 18.92 28.87 -17.71
N PRO A 352 17.89 29.72 -17.73
CA PRO A 352 16.53 29.21 -17.50
C PRO A 352 16.05 28.23 -18.56
N ALA A 353 15.25 27.27 -18.11
CA ALA A 353 14.63 26.29 -18.98
C ALA A 353 13.25 25.96 -18.43
N LYS A 354 12.28 25.85 -19.33
CA LYS A 354 10.91 25.45 -19.00
C LYS A 354 10.78 23.99 -19.41
N ILE A 355 10.91 23.10 -18.42
CA ILE A 355 10.91 21.65 -18.65
C ILE A 355 10.11 21.03 -17.52
N ALA A 356 9.66 19.79 -17.73
CA ALA A 356 8.94 19.10 -16.67
C ALA A 356 9.90 18.79 -15.53
N SER A 357 9.41 18.78 -14.29
CA SER A 357 10.35 18.43 -13.24
C SER A 357 10.78 16.97 -13.32
N ARG A 358 10.04 16.09 -14.00
CA ARG A 358 10.58 14.76 -14.25
C ARG A 358 11.84 14.83 -15.12
N LYS A 359 11.88 15.75 -16.09
N LYS A 359 11.87 15.73 -16.11
CA LYS A 359 13.08 15.92 -16.92
CA LYS A 359 13.07 15.91 -16.91
C LYS A 359 14.19 16.61 -16.12
C LYS A 359 14.18 16.56 -16.07
N ALA A 360 13.83 17.57 -15.28
CA ALA A 360 14.83 18.20 -14.43
C ALA A 360 15.45 17.19 -13.47
N SER A 361 14.67 16.20 -13.04
CA SER A 361 15.18 15.11 -12.22
C SER A 361 16.21 14.29 -13.00
N GLN A 362 15.86 13.88 -14.22
CA GLN A 362 16.82 13.18 -15.06
C GLN A 362 18.10 14.00 -15.22
N ASN A 363 17.97 15.31 -15.39
CA ASN A 363 19.14 16.15 -15.59
C ASN A 363 20.02 16.18 -14.34
N ALA A 364 19.40 16.16 -13.15
CA ALA A 364 20.18 16.10 -11.91
C ALA A 364 20.88 14.76 -11.76
N ILE A 365 20.22 13.66 -12.15
CA ILE A 365 20.88 12.35 -12.13
C ILE A 365 22.09 12.38 -13.05
N GLU A 366 21.93 12.98 -14.23
CA GLU A 366 23.04 13.07 -15.19
C GLU A 366 24.20 13.87 -14.61
N ALA A 367 23.90 14.98 -13.92
CA ALA A 367 24.94 15.80 -13.33
C ALA A 367 25.61 15.11 -12.15
N PHE A 368 24.82 14.39 -11.32
N PHE A 368 24.84 14.38 -11.34
CA PHE A 368 25.37 13.76 -10.14
CA PHE A 368 25.38 13.79 -10.13
C PHE A 368 26.07 12.45 -10.46
C PHE A 368 25.93 12.38 -10.35
N GLY A 369 25.57 11.73 -11.46
CA GLY A 369 26.01 10.39 -11.76
C GLY A 369 27.52 10.20 -11.74
N PRO A 370 28.26 11.06 -12.43
CA PRO A 370 29.73 10.94 -12.44
C PRO A 370 30.35 11.14 -11.06
N LEU A 371 29.66 11.85 -10.17
CA LEU A 371 30.17 12.16 -8.85
C LEU A 371 29.80 11.11 -7.81
N LEU A 372 28.75 10.33 -8.06
CA LEU A 372 28.18 9.38 -7.10
C LEU A 372 28.18 7.98 -7.71
N PRO A 373 29.35 7.35 -7.81
CA PRO A 373 29.39 5.97 -8.33
C PRO A 373 28.62 4.99 -7.47
N GLU A 374 28.28 5.37 -6.23
CA GLU A 374 27.44 4.56 -5.36
C GLU A 374 25.99 4.49 -5.79
N PHE A 375 25.52 5.30 -6.74
CA PHE A 375 24.13 5.19 -7.16
C PHE A 375 23.82 3.75 -7.59
N LEU A 376 22.70 3.22 -7.12
CA LEU A 376 22.13 1.98 -7.63
C LEU A 376 20.65 2.29 -7.81
N GLY A 377 20.29 2.73 -9.03
CA GLY A 377 18.99 3.31 -9.29
C GLY A 377 18.11 2.35 -10.06
N GLY A 378 16.84 2.71 -10.19
CA GLY A 378 15.95 1.89 -11.01
C GLY A 378 14.56 2.47 -11.04
N SER A 379 13.72 1.84 -11.87
N SER A 379 13.71 1.78 -11.81
CA SER A 379 12.31 2.20 -12.01
CA SER A 379 12.34 2.18 -12.01
C SER A 379 11.50 0.92 -12.12
C SER A 379 11.49 0.93 -12.17
N ALA A 380 10.24 1.02 -11.72
CA ALA A 380 9.28 -0.09 -11.81
C ALA A 380 8.59 -0.10 -13.17
N ASP A 381 9.38 -0.50 -14.17
CA ASP A 381 8.94 -0.63 -15.56
C ASP A 381 8.50 0.70 -16.17
N LEU A 382 9.06 1.82 -15.71
CA LEU A 382 8.67 3.12 -16.23
C LEU A 382 9.86 3.99 -16.56
N ALA A 383 10.99 3.40 -16.95
CA ALA A 383 12.15 4.22 -17.26
C ALA A 383 11.86 5.34 -18.25
N PRO A 384 11.16 5.12 -19.37
CA PRO A 384 10.96 6.21 -20.33
C PRO A 384 9.93 7.24 -19.90
N SER A 385 9.19 6.98 -18.81
CA SER A 385 8.21 7.91 -18.29
CA SER A 385 8.21 7.92 -18.28
C SER A 385 8.70 8.62 -17.03
N ASN A 386 9.33 7.89 -16.11
CA ASN A 386 9.90 8.47 -14.91
C ASN A 386 11.21 9.19 -15.18
N LEU A 387 11.91 8.82 -16.27
CA LEU A 387 13.16 9.44 -16.72
C LEU A 387 14.32 9.19 -15.75
N THR A 388 14.53 7.92 -15.44
CA THR A 388 15.48 7.48 -14.44
C THR A 388 16.83 7.07 -15.03
N LEU A 389 16.97 6.99 -16.35
CA LEU A 389 18.25 6.65 -16.97
C LEU A 389 19.05 7.91 -17.26
N TRP A 390 20.35 7.84 -17.04
CA TRP A 390 21.30 8.86 -17.49
C TRP A 390 22.30 8.18 -18.43
N SER A 391 23.20 8.98 -19.00
CA SER A 391 24.10 8.45 -20.03
C SER A 391 24.98 7.33 -19.50
N GLY A 392 25.27 7.32 -18.20
CA GLY A 392 26.10 6.30 -17.58
C GLY A 392 25.35 5.16 -16.95
N SER A 393 24.03 5.09 -17.10
CA SER A 393 23.30 3.97 -16.52
C SER A 393 23.68 2.67 -17.23
N LYS A 394 23.89 1.62 -16.45
N LYS A 394 23.87 1.62 -16.46
CA LYS A 394 24.20 0.29 -16.95
CA LYS A 394 24.15 0.30 -17.00
C LYS A 394 23.35 -0.70 -16.16
C LYS A 394 23.38 -0.73 -16.18
N ALA A 395 22.46 -1.42 -16.85
CA ALA A 395 21.58 -2.36 -16.17
C ALA A 395 22.35 -3.55 -15.64
N ILE A 396 22.08 -3.92 -14.38
CA ILE A 396 22.83 -4.99 -13.75
C ILE A 396 22.49 -6.36 -14.32
N ASN A 397 21.36 -6.52 -15.01
CA ASN A 397 21.07 -7.79 -15.68
C ASN A 397 21.93 -7.95 -16.93
N GLU A 398 22.53 -6.87 -17.43
CA GLU A 398 23.43 -6.91 -18.57
C GLU A 398 24.89 -6.89 -18.15
N ASP A 399 25.21 -6.16 -17.09
CA ASP A 399 26.58 -6.00 -16.61
C ASP A 399 26.50 -5.97 -15.09
N ALA A 400 27.00 -7.02 -14.44
CA ALA A 400 26.86 -7.11 -12.99
C ALA A 400 27.52 -5.96 -12.25
N ALA A 401 28.49 -5.28 -12.86
CA ALA A 401 29.14 -4.13 -12.26
C ALA A 401 28.40 -2.83 -12.53
N GLY A 402 27.17 -2.90 -13.04
CA GLY A 402 26.39 -1.73 -13.35
C GLY A 402 25.78 -1.05 -12.15
N ASN A 403 24.80 -0.19 -12.43
CA ASN A 403 24.30 0.77 -11.46
C ASN A 403 22.81 1.02 -11.63
N TYR A 404 22.09 0.15 -12.36
CA TYR A 404 20.69 0.39 -12.68
C TYR A 404 19.94 -0.94 -12.63
N ILE A 405 18.73 -0.91 -12.08
CA ILE A 405 17.89 -2.10 -11.95
C ILE A 405 16.57 -1.85 -12.67
N HIS A 406 16.25 -2.71 -13.63
CA HIS A 406 14.90 -2.80 -14.18
C HIS A 406 14.07 -3.62 -13.20
N TYR A 407 13.29 -2.95 -12.35
CA TYR A 407 12.56 -3.66 -11.31
C TYR A 407 11.30 -4.34 -11.80
N GLY A 408 10.83 -4.04 -13.01
CA GLY A 408 9.54 -4.56 -13.41
C GLY A 408 8.42 -3.88 -12.66
N VAL A 409 7.22 -4.43 -12.86
CA VAL A 409 5.99 -3.83 -12.35
C VAL A 409 5.78 -4.34 -10.92
N ARG A 410 6.60 -3.82 -10.01
CA ARG A 410 6.83 -4.39 -8.69
C ARG A 410 7.16 -3.28 -7.71
N GLU A 411 6.21 -2.37 -7.45
CA GLU A 411 6.56 -1.15 -6.73
C GLU A 411 6.92 -1.42 -5.27
N PHE A 412 6.13 -2.26 -4.59
CA PHE A 412 6.38 -2.57 -3.18
C PHE A 412 7.70 -3.31 -3.03
N GLY A 413 7.88 -4.36 -3.84
CA GLY A 413 9.12 -5.10 -3.81
C GLY A 413 10.32 -4.24 -4.15
N MET A 414 10.21 -3.39 -5.16
CA MET A 414 11.28 -2.46 -5.49
C MET A 414 11.71 -1.66 -4.27
N THR A 415 10.72 -1.09 -3.57
CA THR A 415 11.05 -0.17 -2.49
C THR A 415 11.68 -0.90 -1.31
N ALA A 416 11.18 -2.10 -0.99
CA ALA A 416 11.77 -2.88 0.09
C ALA A 416 13.10 -3.52 -0.30
N ILE A 417 13.29 -3.86 -1.58
CA ILE A 417 14.62 -4.25 -2.05
C ILE A 417 15.59 -3.10 -1.85
N ALA A 418 15.18 -1.88 -2.22
CA ALA A 418 16.04 -0.72 -2.05
C ALA A 418 16.36 -0.46 -0.58
N ASN A 419 15.42 -0.77 0.32
CA ASN A 419 15.74 -0.72 1.74
C ASN A 419 16.88 -1.68 2.08
N GLY A 420 16.85 -2.89 1.52
CA GLY A 420 17.97 -3.80 1.72
C GLY A 420 19.27 -3.27 1.14
N ILE A 421 19.21 -2.64 -0.04
CA ILE A 421 20.39 -2.04 -0.64
C ILE A 421 20.99 -0.98 0.27
N SER A 422 20.16 -0.08 0.81
N SER A 422 20.15 -0.07 0.79
CA SER A 422 20.69 0.96 1.69
CA SER A 422 20.63 0.95 1.70
C SER A 422 21.22 0.37 3.00
C SER A 422 21.24 0.31 2.95
N LEU A 423 20.55 -0.67 3.52
CA LEU A 423 21.01 -1.30 4.76
C LEU A 423 22.34 -2.01 4.57
N HIS A 424 22.61 -2.51 3.37
CA HIS A 424 23.83 -3.27 3.15
C HIS A 424 25.07 -2.41 3.32
N GLY A 425 25.01 -1.17 2.86
CA GLY A 425 26.18 -0.32 2.72
C GLY A 425 26.81 -0.44 1.34
N GLY A 426 27.40 0.65 0.90
CA GLY A 426 28.13 0.69 -0.36
C GLY A 426 27.40 1.41 -1.47
N PHE A 427 26.11 1.65 -1.31
CA PHE A 427 25.27 2.18 -2.37
C PHE A 427 24.36 3.29 -1.85
N LEU A 428 23.86 4.06 -2.81
CA LEU A 428 22.81 5.05 -2.58
C LEU A 428 21.69 4.69 -3.54
N PRO A 429 20.63 4.03 -3.09
CA PRO A 429 19.59 3.60 -4.02
C PRO A 429 18.61 4.72 -4.33
N TYR A 430 18.15 4.74 -5.58
CA TYR A 430 16.97 5.51 -5.95
C TYR A 430 15.98 4.58 -6.63
N THR A 431 14.70 4.84 -6.40
CA THR A 431 13.62 4.04 -6.97
C THR A 431 12.65 5.00 -7.63
N SER A 432 11.75 4.47 -8.46
CA SER A 432 10.86 5.36 -9.20
C SER A 432 9.63 4.63 -9.70
N THR A 433 8.51 5.34 -9.66
CA THR A 433 7.24 4.93 -10.26
C THR A 433 6.38 6.20 -10.37
N PHE A 434 5.20 6.04 -10.96
N PHE A 434 5.20 6.03 -10.95
CA PHE A 434 4.23 7.13 -10.89
CA PHE A 434 4.19 7.08 -10.86
C PHE A 434 3.81 7.34 -9.43
C PHE A 434 3.85 7.33 -9.39
N LEU A 435 3.62 8.59 -9.04
CA LEU A 435 3.28 8.91 -7.66
C LEU A 435 2.10 8.09 -7.12
N MET A 436 1.06 7.87 -7.93
CA MET A 436 -0.07 7.13 -7.40
C MET A 436 0.37 5.83 -6.76
N PHE A 437 1.36 5.17 -7.36
CA PHE A 437 1.74 3.82 -6.92
C PHE A 437 2.70 3.82 -5.75
N VAL A 438 2.96 5.00 -5.16
CA VAL A 438 3.45 5.01 -3.79
C VAL A 438 2.48 4.24 -2.90
N GLU A 439 1.20 4.20 -3.26
CA GLU A 439 0.23 3.48 -2.45
C GLU A 439 0.48 1.97 -2.49
N TYR A 440 0.97 1.42 -3.60
CA TYR A 440 1.34 0.01 -3.64
C TYR A 440 2.54 -0.25 -2.71
N ALA A 441 3.45 0.70 -2.62
CA ALA A 441 4.69 0.52 -1.89
C ALA A 441 4.67 1.15 -0.50
N ARG A 442 3.49 1.53 -0.01
N ARG A 442 3.50 1.60 -0.06
CA ARG A 442 3.41 2.53 1.04
CA ARG A 442 3.41 2.54 1.06
C ARG A 442 4.10 2.11 2.33
C ARG A 442 4.20 2.08 2.28
N ASN A 443 3.98 0.85 2.74
CA ASN A 443 4.62 0.46 4.01
C ASN A 443 6.13 0.34 3.88
N ALA A 444 6.65 0.02 2.69
CA ALA A 444 8.10 0.01 2.51
C ALA A 444 8.67 1.41 2.57
N VAL A 445 7.94 2.40 2.07
CA VAL A 445 8.33 3.80 2.25
C VAL A 445 8.39 4.14 3.74
N ARG A 446 7.35 3.75 4.47
CA ARG A 446 7.34 4.00 5.91
C ARG A 446 8.52 3.33 6.58
N MET A 447 8.83 2.08 6.19
CA MET A 447 9.93 1.36 6.80
C MET A 447 11.27 2.03 6.53
N ALA A 448 11.45 2.63 5.35
CA ALA A 448 12.68 3.39 5.10
C ALA A 448 12.81 4.53 6.09
N ALA A 449 11.72 5.24 6.36
CA ALA A 449 11.73 6.33 7.32
C ALA A 449 11.99 5.83 8.73
N LEU A 450 11.31 4.76 9.14
CA LEU A 450 11.49 4.21 10.48
C LEU A 450 12.92 3.74 10.70
N MET A 451 13.52 3.11 9.69
CA MET A 451 14.88 2.61 9.77
C MET A 451 15.94 3.68 9.49
N LYS A 452 15.54 4.92 9.27
N LYS A 452 15.52 4.93 9.27
CA LYS A 452 16.48 6.03 9.07
CA LYS A 452 16.46 6.03 9.06
C LYS A 452 17.39 5.80 7.87
C LYS A 452 17.39 5.76 7.88
N GLN A 453 16.82 5.25 6.80
CA GLN A 453 17.59 4.89 5.61
C GLN A 453 17.55 5.95 4.53
N ARG A 454 18.68 6.13 3.87
CA ARG A 454 18.82 7.02 2.74
C ARG A 454 18.42 6.30 1.46
N GLN A 455 17.37 6.80 0.83
CA GLN A 455 16.85 6.32 -0.44
C GLN A 455 16.13 7.50 -1.06
N VAL A 456 16.36 7.76 -2.34
CA VAL A 456 15.63 8.81 -3.05
C VAL A 456 14.53 8.14 -3.84
N MET A 457 13.30 8.59 -3.63
N MET A 457 13.29 8.50 -3.52
CA MET A 457 12.11 7.98 -4.20
CA MET A 457 12.10 7.99 -4.21
C MET A 457 11.53 8.98 -5.21
C MET A 457 11.68 9.04 -5.23
N VAL A 458 11.66 8.64 -6.50
CA VAL A 458 11.41 9.54 -7.61
C VAL A 458 9.98 9.27 -8.11
N TYR A 459 9.03 10.12 -7.74
CA TYR A 459 7.61 9.89 -8.02
C TYR A 459 7.13 10.90 -9.05
N THR A 460 6.82 10.43 -10.24
CA THR A 460 6.46 11.34 -11.32
C THR A 460 4.97 11.30 -11.60
N HIS A 461 4.54 12.22 -12.46
N HIS A 461 4.50 12.20 -12.47
CA HIS A 461 3.14 12.34 -12.87
CA HIS A 461 3.08 12.25 -12.83
C HIS A 461 2.27 12.59 -11.63
C HIS A 461 2.23 12.59 -11.61
N ASP A 462 2.50 13.77 -11.06
CA ASP A 462 2.12 14.08 -9.69
C ASP A 462 0.73 14.62 -9.46
N SER A 463 -0.06 14.91 -10.48
CA SER A 463 -1.35 15.54 -10.25
C SER A 463 -2.25 15.32 -11.46
N ILE A 464 -3.40 15.98 -11.45
CA ILE A 464 -4.24 16.11 -12.63
C ILE A 464 -3.50 16.62 -13.85
N GLY A 465 -2.34 17.25 -13.65
CA GLY A 465 -1.49 17.64 -14.77
C GLY A 465 -1.07 16.50 -15.68
N LEU A 466 -1.20 15.25 -15.24
CA LEU A 466 -0.87 14.14 -16.13
C LEU A 466 -1.93 13.96 -17.21
N GLY A 467 -3.13 14.49 -17.00
CA GLY A 467 -4.14 14.50 -18.07
C GLY A 467 -4.97 13.22 -18.19
N GLU A 468 -5.01 12.67 -19.41
CA GLU A 468 -6.09 11.81 -19.85
C GLU A 468 -6.14 10.43 -19.17
N ASP A 469 -5.05 9.97 -18.56
CA ASP A 469 -5.15 8.67 -17.90
C ASP A 469 -6.19 8.66 -16.78
N GLY A 470 -6.52 9.81 -16.20
CA GLY A 470 -7.72 9.89 -15.38
C GLY A 470 -7.53 9.55 -13.91
N PRO A 471 -8.66 9.42 -13.20
CA PRO A 471 -8.62 9.49 -11.72
C PRO A 471 -7.95 8.31 -11.05
N THR A 472 -7.83 7.15 -11.72
CA THR A 472 -7.11 6.05 -11.09
C THR A 472 -5.62 6.32 -11.00
N HIS A 473 -5.11 7.24 -11.81
CA HIS A 473 -3.69 7.55 -11.89
C HIS A 473 -3.33 8.93 -11.35
N GLN A 474 -4.30 9.85 -11.28
CA GLN A 474 -4.03 11.23 -10.88
C GLN A 474 -3.95 11.37 -9.37
N PRO A 475 -2.77 11.62 -8.83
CA PRO A 475 -2.66 11.79 -7.39
C PRO A 475 -3.45 12.99 -6.92
N VAL A 476 -4.00 12.86 -5.71
CA VAL A 476 -4.68 13.96 -5.02
C VAL A 476 -4.17 14.01 -3.58
N GLU A 477 -4.32 12.91 -2.85
CA GLU A 477 -4.08 12.88 -1.41
C GLU A 477 -2.77 12.19 -1.01
N GLN A 478 -1.97 11.74 -1.99
CA GLN A 478 -0.77 10.97 -1.68
C GLN A 478 0.33 11.84 -1.06
N VAL A 479 0.53 13.05 -1.58
CA VAL A 479 1.58 13.91 -1.04
C VAL A 479 1.31 14.25 0.42
N ALA A 480 0.06 14.56 0.75
CA ALA A 480 -0.29 14.89 2.13
C ALA A 480 0.06 13.76 3.07
N SER A 481 -0.17 12.53 2.64
N SER A 481 -0.11 12.51 2.62
CA SER A 481 0.19 11.41 3.49
CA SER A 481 0.18 11.35 3.46
C SER A 481 1.69 11.32 3.69
C SER A 481 1.67 11.06 3.58
N LEU A 482 2.48 11.50 2.62
CA LEU A 482 3.93 11.50 2.79
C LEU A 482 4.38 12.61 3.74
N ARG A 483 3.76 13.79 3.63
CA ARG A 483 4.18 14.91 4.45
C ARG A 483 3.97 14.68 5.93
N VAL A 484 3.00 13.86 6.32
CA VAL A 484 2.76 13.61 7.74
C VAL A 484 3.40 12.32 8.22
N THR A 485 4.27 11.72 7.42
CA THR A 485 4.99 10.53 7.84
C THR A 485 6.25 10.93 8.62
N PRO A 486 6.42 10.46 9.86
CA PRO A 486 7.61 10.83 10.61
C PRO A 486 8.88 10.46 9.86
N ASN A 487 9.85 11.37 9.89
CA ASN A 487 11.18 11.20 9.31
C ASN A 487 11.21 11.10 7.78
N MET A 488 10.10 11.37 7.10
N MET A 488 10.10 11.39 7.12
CA MET A 488 10.11 11.41 5.64
CA MET A 488 10.05 11.48 5.67
C MET A 488 10.34 12.84 5.17
C MET A 488 10.46 12.89 5.27
N SER A 489 11.16 13.00 4.14
CA SER A 489 11.34 14.29 3.49
C SER A 489 10.63 14.22 2.15
N THR A 490 9.85 15.26 1.82
CA THR A 490 9.04 15.30 0.61
C THR A 490 9.25 16.65 -0.06
N TRP A 491 9.66 16.62 -1.33
CA TRP A 491 9.93 17.83 -2.10
C TRP A 491 9.06 17.84 -3.34
N ARG A 492 8.40 18.97 -3.60
CA ARG A 492 7.57 19.16 -4.79
C ARG A 492 8.11 20.38 -5.53
N PRO A 493 9.17 20.21 -6.31
CA PRO A 493 9.86 21.37 -6.89
C PRO A 493 9.04 22.06 -7.97
N CYS A 494 9.20 23.39 -8.05
CA CYS A 494 8.41 24.17 -8.98
C CYS A 494 9.09 24.39 -10.32
N ASP A 495 10.37 24.05 -10.45
CA ASP A 495 11.12 24.28 -11.67
C ASP A 495 12.40 23.45 -11.62
N GLN A 496 13.24 23.63 -12.64
CA GLN A 496 14.41 22.75 -12.74
C GLN A 496 15.42 23.03 -11.63
N VAL A 497 15.42 24.26 -11.11
CA VAL A 497 16.35 24.66 -10.06
C VAL A 497 15.96 24.03 -8.74
N GLU A 498 14.69 24.20 -8.35
CA GLU A 498 14.21 23.53 -7.14
C GLU A 498 14.39 22.03 -7.26
N SER A 499 14.26 21.47 -8.48
CA SER A 499 14.42 20.02 -8.65
C SER A 499 15.83 19.58 -8.31
N ALA A 500 16.84 20.33 -8.76
CA ALA A 500 18.22 20.00 -8.46
C ALA A 500 18.53 20.16 -6.97
N VAL A 501 17.97 21.20 -6.34
CA VAL A 501 18.16 21.38 -4.90
C VAL A 501 17.56 20.20 -4.13
N ALA A 502 16.38 19.75 -4.54
CA ALA A 502 15.73 18.63 -3.88
C ALA A 502 16.53 17.35 -4.03
N TRP A 503 17.06 17.08 -5.24
CA TRP A 503 17.92 15.93 -5.44
C TRP A 503 19.16 16.01 -4.55
N LYS A 504 19.78 17.19 -4.46
CA LYS A 504 20.94 17.37 -3.59
C LYS A 504 20.56 17.06 -2.14
N TYR A 505 19.43 17.59 -1.69
CA TYR A 505 18.98 17.34 -0.33
C TYR A 505 18.80 15.85 -0.09
N GLY A 506 18.19 15.16 -1.06
CA GLY A 506 17.96 13.74 -0.90
C GLY A 506 19.22 12.92 -0.78
N VAL A 507 20.21 13.19 -1.64
CA VAL A 507 21.42 12.38 -1.60
C VAL A 507 22.28 12.72 -0.38
N GLU A 508 22.14 13.93 0.16
CA GLU A 508 22.89 14.34 1.33
C GLU A 508 22.22 13.98 2.66
N ARG A 509 20.99 13.46 2.66
N ARG A 509 20.98 13.52 2.59
CA ARG A 509 20.45 12.99 3.93
CA ARG A 509 20.19 13.20 3.76
C ARG A 509 21.30 11.82 4.45
C ARG A 509 20.53 11.78 4.21
N GLN A 510 21.55 11.82 5.75
N GLN A 510 21.27 11.69 5.32
CA GLN A 510 22.26 10.73 6.38
CA GLN A 510 21.94 10.49 5.79
C GLN A 510 21.34 9.84 7.20
C GLN A 510 21.11 9.64 6.74
N ASP A 511 20.03 10.17 7.26
CA ASP A 511 19.26 9.58 8.34
C ASP A 511 17.80 9.38 7.93
N GLY A 512 17.49 9.41 6.64
CA GLY A 512 16.17 9.08 6.20
C GLY A 512 15.99 9.31 4.73
N PRO A 513 14.81 8.95 4.23
CA PRO A 513 14.54 8.95 2.79
C PRO A 513 13.95 10.28 2.32
N THR A 514 13.95 10.46 1.01
CA THR A 514 13.47 11.69 0.38
C THR A 514 12.65 11.33 -0.84
N ALA A 515 11.40 11.78 -0.85
CA ALA A 515 10.49 11.61 -1.96
C ALA A 515 10.47 12.89 -2.80
N LEU A 516 10.63 12.72 -4.11
CA LEU A 516 10.56 13.79 -5.07
C LEU A 516 9.25 13.69 -5.82
N ILE A 517 8.50 14.78 -5.86
CA ILE A 517 7.15 14.83 -6.39
C ILE A 517 7.24 15.63 -7.69
N LEU A 518 7.15 14.95 -8.84
CA LEU A 518 7.60 15.48 -10.12
C LEU A 518 6.48 15.49 -11.15
N SER A 519 6.52 16.52 -12.00
CA SER A 519 5.45 16.77 -12.95
C SER A 519 5.66 16.05 -14.27
N ARG A 520 4.54 15.72 -14.91
N ARG A 520 4.55 15.75 -14.94
CA ARG A 520 4.56 15.31 -16.31
CA ARG A 520 4.59 15.32 -16.32
C ARG A 520 4.83 16.50 -17.23
C ARG A 520 4.82 16.50 -17.25
N GLN A 521 4.20 17.63 -16.94
CA GLN A 521 4.14 18.79 -17.82
C GLN A 521 5.24 19.81 -17.52
N ASN A 522 5.52 20.65 -18.51
CA ASN A 522 6.61 21.61 -18.38
C ASN A 522 6.28 22.67 -17.34
N LEU A 523 7.30 23.05 -16.56
CA LEU A 523 7.20 24.04 -15.49
C LEU A 523 8.10 25.22 -15.81
N ALA A 524 7.54 26.42 -15.74
CA ALA A 524 8.33 27.63 -15.96
C ALA A 524 9.37 27.82 -14.86
N GLN A 525 10.53 28.35 -15.24
CA GLN A 525 11.55 28.66 -14.24
C GLN A 525 11.29 30.03 -13.62
N GLN A 526 11.42 30.10 -12.29
CA GLN A 526 11.28 31.34 -11.57
C GLN A 526 12.61 32.06 -11.45
N GLU A 527 12.57 33.39 -11.51
N GLU A 527 12.54 33.40 -11.52
CA GLU A 527 13.76 34.19 -11.27
CA GLU A 527 13.68 34.26 -11.23
C GLU A 527 14.02 34.27 -9.78
C GLU A 527 14.00 34.20 -9.74
N ARG A 528 15.29 34.26 -9.42
CA ARG A 528 15.69 34.25 -8.02
C ARG A 528 16.93 35.09 -7.81
N THR A 529 16.96 35.82 -6.70
CA THR A 529 18.18 36.44 -6.23
C THR A 529 19.09 35.37 -5.64
N GLU A 530 20.34 35.75 -5.32
N GLU A 530 20.34 35.76 -5.34
CA GLU A 530 21.25 34.80 -4.70
CA GLU A 530 21.26 34.83 -4.69
C GLU A 530 20.71 34.31 -3.36
C GLU A 530 20.68 34.32 -3.38
N GLU A 531 20.06 35.21 -2.60
N GLU A 531 20.06 35.21 -2.60
CA GLU A 531 19.49 34.82 -1.32
CA GLU A 531 19.51 34.80 -1.31
C GLU A 531 18.35 33.82 -1.49
C GLU A 531 18.36 33.80 -1.49
N GLN A 532 17.46 34.06 -2.45
CA GLN A 532 16.38 33.13 -2.70
C GLN A 532 16.92 31.79 -3.18
N LEU A 533 17.90 31.81 -4.08
CA LEU A 533 18.50 30.58 -4.57
C LEU A 533 19.04 29.74 -3.42
N ALA A 534 19.75 30.37 -2.49
CA ALA A 534 20.31 29.68 -1.33
C ALA A 534 19.21 29.18 -0.40
N ASN A 535 18.07 29.86 -0.37
CA ASN A 535 17.00 29.49 0.56
C ASN A 535 16.08 28.41 0.04
N ILE A 536 16.22 27.96 -1.22
CA ILE A 536 15.40 26.84 -1.66
C ILE A 536 15.60 25.65 -0.73
N ALA A 537 16.85 25.41 -0.33
CA ALA A 537 17.17 24.26 0.52
C ALA A 537 16.54 24.35 1.90
N ARG A 538 16.02 25.52 2.28
CA ARG A 538 15.29 25.68 3.53
C ARG A 538 13.82 25.29 3.41
N GLY A 539 13.38 24.81 2.26
CA GLY A 539 12.08 24.18 2.10
C GLY A 539 10.94 25.13 1.81
N GLY A 540 10.99 26.33 2.36
CA GLY A 540 10.00 27.35 2.08
C GLY A 540 10.73 28.69 2.07
N TYR A 541 10.38 29.56 1.14
CA TYR A 541 11.08 30.84 1.03
C TYR A 541 10.19 31.84 0.32
N VAL A 542 10.51 33.11 0.52
CA VAL A 542 9.80 34.21 -0.13
C VAL A 542 10.30 34.31 -1.57
N LEU A 543 9.41 34.08 -2.52
CA LEU A 543 9.72 34.14 -3.95
C LEU A 543 9.36 35.48 -4.57
N LYS A 544 8.21 36.03 -4.21
CA LYS A 544 7.76 37.35 -4.65
C LYS A 544 7.29 38.10 -3.42
N ASP A 545 7.54 39.40 -3.36
CA ASP A 545 7.28 40.13 -2.12
C ASP A 545 6.72 41.51 -2.41
N CYS A 546 6.44 42.20 -1.32
CA CYS A 546 5.99 43.58 -1.31
C CYS A 546 6.88 44.33 -0.34
N ALA A 547 6.79 45.66 -0.41
CA ALA A 547 7.40 46.52 0.60
C ALA A 547 6.52 46.50 1.85
N GLY A 548 7.14 46.32 3.01
CA GLY A 548 6.40 46.33 4.25
C GLY A 548 5.71 45.00 4.49
N GLN A 549 4.91 44.97 5.56
CA GLN A 549 4.23 43.76 5.95
C GLN A 549 3.19 43.38 4.90
N PRO A 550 3.16 42.13 4.44
CA PRO A 550 2.14 41.75 3.45
C PRO A 550 0.74 41.80 4.04
N GLU A 551 -0.22 42.14 3.17
CA GLU A 551 -1.64 41.99 3.42
CA GLU A 551 -1.60 41.92 3.58
C GLU A 551 -2.16 40.60 3.05
N LEU A 552 -1.40 39.89 2.22
N LEU A 552 -1.45 39.92 2.15
CA LEU A 552 -1.88 38.68 1.58
CA LEU A 552 -1.92 38.66 1.57
C LEU A 552 -0.68 37.83 1.23
C LEU A 552 -0.70 37.83 1.22
N ILE A 553 -0.70 36.55 1.59
CA ILE A 553 0.41 35.64 1.27
C ILE A 553 -0.14 34.43 0.54
N PHE A 554 0.34 34.19 -0.68
CA PHE A 554 0.11 32.93 -1.37
C PHE A 554 1.20 31.95 -0.97
N ILE A 555 0.81 30.70 -0.70
CA ILE A 555 1.74 29.61 -0.42
C ILE A 555 1.48 28.58 -1.52
N ALA A 556 2.50 28.28 -2.32
CA ALA A 556 2.30 27.39 -3.45
C ALA A 556 3.47 26.43 -3.59
N THR A 557 3.20 25.32 -4.27
CA THR A 557 4.20 24.29 -4.49
C THR A 557 4.17 23.85 -5.95
N GLY A 558 5.29 23.29 -6.39
CA GLY A 558 5.33 22.57 -7.65
C GLY A 558 4.76 23.33 -8.80
N SER A 559 3.96 22.63 -9.60
CA SER A 559 3.39 23.21 -10.80
C SER A 559 2.47 24.39 -10.55
N GLU A 560 2.03 24.62 -9.31
CA GLU A 560 1.10 25.71 -9.02
C GLU A 560 1.80 27.01 -8.64
N VAL A 561 3.12 27.03 -8.54
CA VAL A 561 3.81 28.29 -8.26
C VAL A 561 3.54 29.31 -9.36
N GLU A 562 3.57 28.91 -10.62
CA GLU A 562 3.34 29.87 -11.70
CA GLU A 562 3.34 29.87 -11.71
C GLU A 562 1.97 30.53 -11.58
N LEU A 563 0.94 29.73 -11.28
CA LEU A 563 -0.40 30.25 -11.08
C LEU A 563 -0.43 31.24 -9.92
N ALA A 564 0.19 30.90 -8.80
CA ALA A 564 0.22 31.82 -7.67
C ALA A 564 0.92 33.13 -8.03
N VAL A 565 2.03 33.04 -8.77
CA VAL A 565 2.73 34.25 -9.21
C VAL A 565 1.83 35.10 -10.09
N ALA A 566 1.07 34.48 -11.00
CA ALA A 566 0.18 35.25 -11.86
C ALA A 566 -0.90 35.97 -11.05
N ALA A 567 -1.43 35.30 -10.03
CA ALA A 567 -2.40 35.97 -9.15
C ALA A 567 -1.74 37.11 -8.37
N TYR A 568 -0.54 36.87 -7.87
CA TYR A 568 0.23 37.91 -7.21
C TYR A 568 0.42 39.12 -8.12
N GLU A 569 0.74 38.89 -9.40
CA GLU A 569 0.97 40.03 -10.27
C GLU A 569 -0.30 40.86 -10.45
N LYS A 570 -1.44 40.18 -10.62
N LYS A 570 -1.45 40.17 -10.58
CA LYS A 570 -2.70 40.90 -10.78
CA LYS A 570 -2.69 40.88 -10.78
C LYS A 570 -3.00 41.73 -9.54
C LYS A 570 -3.08 41.70 -9.55
N LEU A 571 -2.93 41.11 -8.36
CA LEU A 571 -3.26 41.83 -7.13
C LEU A 571 -2.24 42.93 -6.84
N THR A 572 -0.95 42.69 -7.12
CA THR A 572 0.06 43.72 -6.92
C THR A 572 -0.25 44.93 -7.78
N ALA A 573 -0.69 44.71 -9.02
CA ALA A 573 -1.01 45.82 -9.91
C ALA A 573 -2.21 46.63 -9.41
N GLU A 574 -3.15 45.98 -8.71
CA GLU A 574 -4.26 46.70 -8.09
C GLU A 574 -3.82 47.48 -6.85
N GLY A 575 -2.64 47.20 -6.33
CA GLY A 575 -2.14 47.85 -5.14
C GLY A 575 -2.21 47.05 -3.86
N VAL A 576 -2.40 45.74 -3.95
CA VAL A 576 -2.36 44.88 -2.77
C VAL A 576 -0.91 44.60 -2.41
N LYS A 577 -0.61 44.63 -1.11
CA LYS A 577 0.70 44.23 -0.61
CA LYS A 577 0.70 44.24 -0.61
C LYS A 577 0.71 42.70 -0.51
N ALA A 578 1.10 42.06 -1.60
CA ALA A 578 1.05 40.61 -1.72
C ALA A 578 2.43 39.99 -1.71
N ARG A 579 2.46 38.70 -1.37
CA ARG A 579 3.68 37.90 -1.30
C ARG A 579 3.37 36.52 -1.84
N VAL A 580 4.37 35.91 -2.49
CA VAL A 580 4.31 34.49 -2.85
C VAL A 580 5.44 33.77 -2.12
N VAL A 581 5.07 32.71 -1.40
CA VAL A 581 6.01 31.77 -0.78
C VAL A 581 5.98 30.51 -1.61
N SER A 582 7.16 30.07 -2.06
CA SER A 582 7.31 28.75 -2.65
C SER A 582 7.69 27.79 -1.51
N MET A 583 6.96 26.69 -1.40
CA MET A 583 7.12 25.73 -0.30
CA MET A 583 7.16 25.74 -0.31
C MET A 583 7.45 24.35 -0.88
N PRO A 584 8.61 24.17 -1.50
CA PRO A 584 8.92 22.86 -2.06
C PRO A 584 9.00 21.76 -1.02
N SER A 585 9.40 22.05 0.22
CA SER A 585 9.44 21.01 1.25
C SER A 585 8.97 21.55 2.59
N THR A 586 7.79 21.10 3.00
CA THR A 586 7.27 21.46 4.31
C THR A 586 8.15 20.95 5.44
N ASP A 587 8.73 19.75 5.29
CA ASP A 587 9.56 19.21 6.37
C ASP A 587 10.84 20.02 6.54
N ALA A 588 11.49 20.39 5.44
CA ALA A 588 12.70 21.22 5.56
C ALA A 588 12.36 22.58 6.13
N PHE A 589 11.21 23.14 5.74
CA PHE A 589 10.78 24.43 6.27
C PHE A 589 10.55 24.34 7.78
N ASP A 590 9.83 23.31 8.22
CA ASP A 590 9.48 23.20 9.62
C ASP A 590 10.71 23.08 10.50
N LYS A 591 11.81 22.53 9.96
CA LYS A 591 13.05 22.35 10.69
C LYS A 591 13.88 23.63 10.79
N GLN A 592 13.50 24.68 10.07
CA GLN A 592 14.23 25.93 10.17
C GLN A 592 14.00 26.61 11.51
N ASP A 593 14.91 27.50 11.87
CA ASP A 593 14.75 28.28 13.08
C ASP A 593 13.52 29.17 12.97
N ALA A 594 13.00 29.58 14.14
CA ALA A 594 11.73 30.29 14.15
C ALA A 594 11.82 31.69 13.56
N ALA A 595 12.99 32.36 13.61
CA ALA A 595 13.11 33.64 12.95
C ALA A 595 12.96 33.50 11.45
N TYR A 596 13.60 32.47 10.87
CA TYR A 596 13.44 32.24 9.45
C TYR A 596 11.98 31.95 9.10
N ARG A 597 11.32 31.08 9.86
CA ARG A 597 9.94 30.76 9.54
CA ARG A 597 9.94 30.76 9.54
C ARG A 597 9.06 32.00 9.63
N GLU A 598 9.29 32.85 10.65
CA GLU A 598 8.54 34.10 10.77
C GLU A 598 8.81 35.05 9.61
N SER A 599 10.03 35.04 9.08
CA SER A 599 10.35 35.92 7.96
C SER A 599 9.58 35.52 6.70
N VAL A 600 9.20 34.26 6.58
CA VAL A 600 8.49 33.74 5.42
C VAL A 600 6.98 33.81 5.61
N LEU A 601 6.51 33.32 6.75
CA LEU A 601 5.09 33.28 7.12
C LEU A 601 4.90 34.04 8.43
N PRO A 602 4.86 35.37 8.38
CA PRO A 602 4.72 36.15 9.63
C PRO A 602 3.42 35.82 10.36
N LYS A 603 3.55 35.61 11.68
N LYS A 603 3.53 35.59 11.67
CA LYS A 603 2.40 35.16 12.46
CA LYS A 603 2.37 35.14 12.43
C LYS A 603 1.26 36.17 12.42
C LYS A 603 1.25 36.18 12.47
N ALA A 604 1.56 37.46 12.26
CA ALA A 604 0.52 38.47 12.24
C ALA A 604 -0.29 38.48 10.95
N VAL A 605 0.19 37.83 9.89
CA VAL A 605 -0.47 37.86 8.59
C VAL A 605 -1.26 36.56 8.48
N THR A 606 -2.58 36.65 8.68
CA THR A 606 -3.46 35.49 8.66
C THR A 606 -4.14 35.29 7.31
N ALA A 607 -4.08 36.28 6.41
CA ALA A 607 -4.71 36.17 5.10
C ALA A 607 -3.75 35.42 4.18
N ARG A 608 -3.84 34.08 4.25
CA ARG A 608 -2.95 33.17 3.54
C ARG A 608 -3.79 32.28 2.62
N VAL A 609 -3.35 32.16 1.38
CA VAL A 609 -4.02 31.35 0.36
C VAL A 609 -3.04 30.28 -0.11
N ALA A 610 -3.34 29.01 0.17
CA ALA A 610 -2.53 27.91 -0.34
C ALA A 610 -3.04 27.52 -1.72
N VAL A 611 -2.11 27.18 -2.61
CA VAL A 611 -2.44 26.77 -3.97
C VAL A 611 -1.63 25.53 -4.32
N GLU A 612 -2.32 24.41 -4.53
CA GLU A 612 -1.67 23.14 -4.82
C GLU A 612 -2.71 22.21 -5.41
N ALA A 613 -2.36 21.52 -6.50
CA ALA A 613 -3.26 20.54 -7.12
C ALA A 613 -3.19 19.20 -6.37
N GLY A 614 -3.58 19.25 -5.10
CA GLY A 614 -3.63 18.11 -4.21
C GLY A 614 -4.66 18.39 -3.13
N ILE A 615 -4.85 17.42 -2.23
CA ILE A 615 -5.96 17.51 -1.29
C ILE A 615 -5.84 18.76 -0.43
N ALA A 616 -6.95 19.48 -0.31
CA ALA A 616 -6.93 20.77 0.37
C ALA A 616 -6.66 20.62 1.86
N ASP A 617 -7.13 19.54 2.48
CA ASP A 617 -7.17 19.46 3.94
C ASP A 617 -5.76 19.57 4.56
N TYR A 618 -4.72 19.20 3.82
CA TYR A 618 -3.37 19.31 4.35
C TYR A 618 -3.05 20.75 4.78
N TRP A 619 -3.51 21.72 4.01
CA TRP A 619 -2.97 23.08 4.06
C TRP A 619 -3.47 23.90 5.24
N TYR A 620 -4.45 23.40 6.00
CA TYR A 620 -4.80 24.07 7.25
C TYR A 620 -3.61 24.22 8.17
N LYS A 621 -2.60 23.35 8.04
CA LYS A 621 -1.41 23.49 8.86
CA LYS A 621 -1.39 23.48 8.84
C LYS A 621 -0.74 24.85 8.68
N TYR A 622 -0.79 25.42 7.47
CA TYR A 622 -0.16 26.71 7.22
C TYR A 622 -1.13 27.86 7.02
N VAL A 623 -2.40 27.60 6.70
CA VAL A 623 -3.37 28.69 6.54
C VAL A 623 -4.32 28.82 7.72
N GLY A 624 -4.40 27.84 8.61
CA GLY A 624 -5.29 27.95 9.76
C GLY A 624 -6.75 28.03 9.37
N LEU A 625 -7.53 28.67 10.24
CA LEU A 625 -8.97 28.77 10.08
C LEU A 625 -9.39 30.06 9.37
N ASN A 626 -8.47 30.97 9.10
N ASN A 626 -8.47 30.99 9.13
CA ASN A 626 -8.83 32.28 8.54
CA ASN A 626 -8.80 32.29 8.58
C ASN A 626 -8.15 32.55 7.21
C ASN A 626 -8.14 32.54 7.23
N GLY A 627 -7.79 31.48 6.51
CA GLY A 627 -7.22 31.59 5.19
C GLY A 627 -8.11 31.00 4.13
N ALA A 628 -7.48 30.59 3.03
CA ALA A 628 -8.18 29.98 1.92
C ALA A 628 -7.25 28.96 1.29
N ILE A 629 -7.86 27.97 0.65
CA ILE A 629 -7.11 26.89 0.00
C ILE A 629 -7.71 26.68 -1.39
N VAL A 630 -6.87 26.78 -2.40
CA VAL A 630 -7.22 26.43 -3.78
C VAL A 630 -6.55 25.08 -4.01
N GLY A 631 -7.33 24.01 -3.80
CA GLY A 631 -6.83 22.66 -3.85
C GLY A 631 -7.86 21.75 -4.48
N MET A 632 -7.60 20.44 -4.39
N MET A 632 -7.66 20.46 -4.29
CA MET A 632 -8.55 19.42 -4.79
CA MET A 632 -8.60 19.45 -4.77
C MET A 632 -9.32 18.94 -3.56
C MET A 632 -9.31 18.83 -3.58
N THR A 633 -10.59 18.58 -3.76
CA THR A 633 -11.40 17.96 -2.72
C THR A 633 -12.06 16.68 -3.23
N THR A 634 -11.74 16.26 -4.45
CA THR A 634 -12.37 15.14 -5.14
C THR A 634 -11.29 14.35 -5.85
N PHE A 635 -11.68 13.19 -6.37
CA PHE A 635 -10.88 12.52 -7.38
C PHE A 635 -10.83 13.36 -8.66
N GLY A 636 -9.90 13.01 -9.54
CA GLY A 636 -9.75 13.67 -10.82
C GLY A 636 -10.76 13.20 -11.87
N GLU A 637 -10.43 13.50 -13.13
CA GLU A 637 -11.25 13.16 -14.27
C GLU A 637 -10.33 12.88 -15.46
N SER A 638 -10.81 12.05 -16.38
CA SER A 638 -10.07 11.80 -17.63
C SER A 638 -10.35 12.89 -18.65
N ALA A 639 -9.36 13.74 -18.90
CA ALA A 639 -9.44 14.82 -19.89
C ALA A 639 -8.05 15.40 -20.07
N PRO A 640 -7.83 16.22 -21.09
CA PRO A 640 -6.54 16.91 -21.22
C PRO A 640 -6.27 17.78 -20.00
N ALA A 641 -4.99 17.84 -19.62
CA ALA A 641 -4.58 18.53 -18.40
C ALA A 641 -5.04 19.98 -18.37
N GLU A 642 -4.92 20.71 -19.47
N GLU A 642 -4.94 20.69 -19.50
CA GLU A 642 -5.29 22.13 -19.42
CA GLU A 642 -5.28 22.11 -19.53
C GLU A 642 -6.75 22.29 -19.03
C GLU A 642 -6.74 22.32 -19.13
N LEU A 643 -7.62 21.43 -19.58
CA LEU A 643 -9.04 21.51 -19.26
CA LEU A 643 -9.04 21.52 -19.25
C LEU A 643 -9.30 21.09 -17.82
N LEU A 644 -8.54 20.11 -17.31
CA LEU A 644 -8.70 19.71 -15.91
C LEU A 644 -8.32 20.85 -14.96
N PHE A 645 -7.21 21.55 -15.24
CA PHE A 645 -6.85 22.64 -14.35
C PHE A 645 -7.95 23.70 -14.33
N GLU A 646 -8.56 23.97 -15.48
N GLU A 646 -8.53 24.01 -15.50
CA GLU A 646 -9.69 24.90 -15.51
CA GLU A 646 -9.62 24.97 -15.56
C GLU A 646 -10.88 24.34 -14.74
C GLU A 646 -10.81 24.49 -14.75
N GLU A 647 -11.26 23.10 -15.02
N GLU A 647 -11.22 23.23 -14.95
CA GLU A 647 -12.41 22.47 -14.38
CA GLU A 647 -12.43 22.72 -14.33
C GLU A 647 -12.31 22.52 -12.85
C GLU A 647 -12.31 22.61 -12.81
N PHE A 648 -11.11 22.34 -12.31
CA PHE A 648 -10.92 22.19 -10.88
C PHE A 648 -10.50 23.50 -10.20
N GLY A 649 -10.51 24.62 -10.92
CA GLY A 649 -10.34 25.91 -10.29
C GLY A 649 -8.92 26.43 -10.22
N PHE A 650 -7.99 25.80 -10.92
CA PHE A 650 -6.60 26.26 -10.96
C PHE A 650 -6.47 27.26 -12.09
N THR A 651 -7.13 28.40 -11.88
CA THR A 651 -7.15 29.51 -12.83
C THR A 651 -6.80 30.80 -12.10
N VAL A 652 -6.23 31.76 -12.83
CA VAL A 652 -5.93 33.03 -12.20
C VAL A 652 -7.19 33.67 -11.64
N ASP A 653 -8.29 33.62 -12.39
CA ASP A 653 -9.52 34.23 -11.91
C ASP A 653 -9.97 33.64 -10.58
N ASN A 654 -9.93 32.31 -10.46
CA ASN A 654 -10.39 31.70 -9.22
C ASN A 654 -9.46 32.00 -8.05
N VAL A 655 -8.14 31.93 -8.28
CA VAL A 655 -7.20 32.21 -7.20
C VAL A 655 -7.36 33.65 -6.74
N VAL A 656 -7.46 34.60 -7.69
CA VAL A 656 -7.66 35.99 -7.34
C VAL A 656 -8.98 36.17 -6.58
N ALA A 657 -10.05 35.52 -7.04
CA ALA A 657 -11.33 35.67 -6.38
C ALA A 657 -11.29 35.16 -4.95
N LYS A 658 -10.63 34.01 -4.73
N LYS A 658 -10.64 34.00 -4.73
CA LYS A 658 -10.51 33.47 -3.39
CA LYS A 658 -10.51 33.48 -3.38
C LYS A 658 -9.68 34.38 -2.49
C LYS A 658 -9.72 34.43 -2.50
N ALA A 659 -8.64 35.02 -3.05
CA ALA A 659 -7.85 35.96 -2.28
C ALA A 659 -8.65 37.21 -1.93
N LYS A 660 -9.42 37.73 -2.89
CA LYS A 660 -10.21 38.93 -2.62
C LYS A 660 -11.30 38.64 -1.59
N GLU A 661 -11.92 37.48 -1.68
CA GLU A 661 -12.95 37.11 -0.71
C GLU A 661 -12.33 37.09 0.68
N LEU A 662 -11.11 36.58 0.77
CA LEU A 662 -10.41 36.51 2.02
C LEU A 662 -10.10 37.90 2.55
N LEU A 663 -9.69 38.82 1.68
CA LEU A 663 -9.32 40.17 2.13
C LEU A 663 -10.51 40.96 2.64
N HIS A 664 -11.73 40.66 2.18
N HIS A 664 -11.74 40.63 2.22
CA HIS A 664 -12.89 41.28 2.82
CA HIS A 664 -12.89 41.30 2.81
C HIS A 664 -12.91 40.94 4.30
C HIS A 664 -13.10 40.90 4.26
N HIS A 665 -12.77 39.65 4.62
CA HIS A 665 -12.89 39.22 6.00
C HIS A 665 -11.80 39.82 6.87
N HIS A 666 -10.63 40.06 6.30
CA HIS A 666 -9.55 40.69 7.04
C HIS A 666 -9.61 42.20 6.86
N SER B 2 -18.59 -11.91 -42.91
CA SER B 2 -17.21 -11.53 -42.69
C SER B 2 -16.48 -12.67 -42.00
N SER B 3 -15.16 -12.72 -42.16
CA SER B 3 -14.39 -13.70 -41.42
C SER B 3 -14.23 -13.24 -39.97
N ARG B 4 -13.85 -14.19 -39.11
CA ARG B 4 -13.60 -13.84 -37.72
C ARG B 4 -12.51 -12.78 -37.62
N LYS B 5 -11.48 -12.87 -38.47
N LYS B 5 -11.47 -12.88 -38.45
CA LYS B 5 -10.41 -11.87 -38.43
CA LYS B 5 -10.42 -11.89 -38.44
C LYS B 5 -10.93 -10.49 -38.80
C LYS B 5 -10.97 -10.51 -38.77
N GLU B 6 -11.80 -10.40 -39.80
CA GLU B 6 -12.40 -9.11 -40.13
C GLU B 6 -13.21 -8.55 -38.97
N LEU B 7 -13.97 -9.40 -38.28
CA LEU B 7 -14.75 -8.93 -37.14
C LEU B 7 -13.83 -8.44 -36.02
N ALA B 8 -12.75 -9.16 -35.76
CA ALA B 8 -11.77 -8.70 -34.77
C ALA B 8 -11.11 -7.40 -35.22
N ASN B 9 -10.90 -7.24 -36.52
CA ASN B 9 -10.27 -6.03 -37.02
C ASN B 9 -11.13 -4.79 -36.78
N ALA B 10 -12.44 -4.94 -36.60
CA ALA B 10 -13.27 -3.79 -36.23
C ALA B 10 -12.81 -3.21 -34.90
N ILE B 11 -12.45 -4.07 -33.95
CA ILE B 11 -11.90 -3.61 -32.68
C ILE B 11 -10.59 -2.88 -32.91
N ARG B 12 -9.72 -3.45 -33.75
N ARG B 12 -9.72 -3.44 -33.76
CA ARG B 12 -8.43 -2.83 -34.03
CA ARG B 12 -8.43 -2.83 -34.01
C ARG B 12 -8.62 -1.43 -34.60
C ARG B 12 -8.58 -1.44 -34.63
N ALA B 13 -9.50 -1.29 -35.59
CA ALA B 13 -9.72 0.01 -36.22
C ALA B 13 -10.29 1.01 -35.24
N LEU B 14 -11.38 0.65 -34.53
CA LEU B 14 -11.95 1.61 -33.59
C LEU B 14 -10.92 2.02 -32.55
N SER B 15 -10.11 1.06 -32.08
CA SER B 15 -9.16 1.35 -31.03
C SER B 15 -8.05 2.27 -31.51
N MET B 16 -7.41 1.94 -32.64
CA MET B 16 -6.33 2.81 -33.08
C MET B 16 -6.84 4.18 -33.48
N ASP B 17 -8.03 4.23 -34.08
CA ASP B 17 -8.58 5.51 -34.52
C ASP B 17 -9.03 6.38 -33.35
N ALA B 18 -9.62 5.76 -32.31
CA ALA B 18 -10.06 6.56 -31.17
C ALA B 18 -8.87 7.11 -30.40
N VAL B 19 -7.82 6.30 -30.23
CA VAL B 19 -6.58 6.78 -29.62
C VAL B 19 -5.99 7.91 -30.46
N GLN B 20 -6.00 7.76 -31.78
CA GLN B 20 -5.40 8.80 -32.63
C GLN B 20 -6.15 10.12 -32.48
N LYS B 21 -7.49 10.07 -32.47
CA LYS B 21 -8.27 11.30 -32.37
C LYS B 21 -8.04 11.97 -31.02
N ALA B 22 -7.93 11.19 -29.95
CA ALA B 22 -7.64 11.74 -28.64
C ALA B 22 -6.20 12.23 -28.52
N LYS B 23 -5.33 11.80 -29.43
CA LYS B 23 -3.89 12.04 -29.31
C LYS B 23 -3.34 11.49 -27.99
N SER B 24 -3.93 10.40 -27.51
CA SER B 24 -3.64 9.90 -26.17
C SER B 24 -4.23 8.51 -26.04
N GLY B 25 -3.51 7.63 -25.37
CA GLY B 25 -4.04 6.31 -25.05
C GLY B 25 -3.16 5.19 -25.57
N HIS B 26 -3.73 3.98 -25.51
CA HIS B 26 -2.99 2.74 -25.55
C HIS B 26 -3.56 1.84 -26.64
N PRO B 27 -2.98 1.84 -27.84
CA PRO B 27 -3.55 1.04 -28.92
C PRO B 27 -3.05 -0.39 -28.97
N GLY B 28 -1.90 -0.66 -28.35
CA GLY B 28 -1.22 -1.93 -28.55
C GLY B 28 -1.98 -3.13 -28.03
N ALA B 29 -2.40 -3.09 -26.77
CA ALA B 29 -3.07 -4.23 -26.17
C ALA B 29 -4.44 -4.48 -26.81
N PRO B 30 -5.24 -3.46 -27.09
CA PRO B 30 -6.50 -3.73 -27.83
C PRO B 30 -6.24 -4.42 -29.15
N MET B 31 -5.21 -4.00 -29.87
CA MET B 31 -4.89 -4.63 -31.15
C MET B 31 -4.38 -6.05 -30.96
N GLY B 32 -3.62 -6.29 -29.90
CA GLY B 32 -3.09 -7.61 -29.64
C GLY B 32 -4.13 -8.61 -29.16
N MET B 33 -5.17 -8.15 -28.45
CA MET B 33 -6.15 -9.05 -27.87
CA MET B 33 -6.16 -9.01 -27.84
C MET B 33 -7.45 -9.13 -28.66
N ALA B 34 -7.54 -8.47 -29.81
CA ALA B 34 -8.83 -8.39 -30.50
C ALA B 34 -9.35 -9.75 -30.93
N ASP B 35 -8.48 -10.66 -31.38
CA ASP B 35 -8.97 -11.97 -31.82
C ASP B 35 -9.49 -12.78 -30.65
N ILE B 36 -8.82 -12.70 -29.49
CA ILE B 36 -9.27 -13.38 -28.30
C ILE B 36 -10.64 -12.83 -27.89
N ALA B 37 -10.76 -11.51 -27.90
CA ALA B 37 -12.03 -10.89 -27.52
C ALA B 37 -13.16 -11.28 -28.45
N GLU B 38 -12.89 -11.35 -29.75
CA GLU B 38 -13.93 -11.72 -30.71
C GLU B 38 -14.46 -13.13 -30.41
N VAL B 39 -13.57 -14.09 -30.12
CA VAL B 39 -14.05 -15.43 -29.80
C VAL B 39 -14.81 -15.43 -28.47
N LEU B 40 -14.24 -14.83 -27.43
CA LEU B 40 -14.89 -14.87 -26.13
C LEU B 40 -16.28 -14.24 -26.21
N TRP B 41 -16.35 -13.02 -26.74
CA TRP B 41 -17.61 -12.29 -26.72
C TRP B 41 -18.63 -12.87 -27.69
N ARG B 42 -18.20 -13.27 -28.89
CA ARG B 42 -19.20 -13.73 -29.87
C ARG B 42 -19.62 -15.19 -29.65
N ASP B 43 -18.75 -16.03 -29.10
CA ASP B 43 -19.08 -17.45 -28.99
C ASP B 43 -19.44 -17.90 -27.59
N PHE B 44 -19.04 -17.17 -26.55
CA PHE B 44 -19.24 -17.68 -25.20
C PHE B 44 -19.96 -16.75 -24.25
N LEU B 45 -19.66 -15.45 -24.26
CA LEU B 45 -20.11 -14.59 -23.17
C LEU B 45 -21.63 -14.54 -23.11
N LYS B 46 -22.18 -14.75 -21.91
CA LYS B 46 -23.61 -14.73 -21.67
C LYS B 46 -23.96 -13.35 -21.11
N HIS B 47 -24.60 -12.52 -21.92
CA HIS B 47 -24.86 -11.14 -21.52
C HIS B 47 -26.00 -10.58 -22.35
N ASN B 48 -26.61 -9.52 -21.84
CA ASN B 48 -27.68 -8.83 -22.55
C ASN B 48 -27.35 -7.35 -22.61
N PRO B 49 -26.95 -6.84 -23.78
CA PRO B 49 -26.65 -5.40 -23.89
C PRO B 49 -27.80 -4.50 -23.46
N GLN B 50 -29.03 -4.97 -23.57
N GLN B 50 -29.03 -4.97 -23.58
CA GLN B 50 -30.17 -4.14 -23.19
CA GLN B 50 -30.17 -4.15 -23.19
C GLN B 50 -30.43 -4.16 -21.68
C GLN B 50 -30.37 -4.12 -21.68
N ASN B 51 -29.75 -5.01 -20.92
CA ASN B 51 -29.81 -4.96 -19.47
C ASN B 51 -28.47 -5.36 -18.88
N PRO B 52 -27.55 -4.40 -18.77
CA PRO B 52 -26.24 -4.67 -18.17
C PRO B 52 -26.31 -5.07 -16.71
N SER B 53 -27.47 -4.95 -16.06
CA SER B 53 -27.61 -5.31 -14.66
C SER B 53 -28.26 -6.68 -14.46
N TRP B 54 -28.49 -7.44 -15.52
CA TRP B 54 -29.05 -8.79 -15.40
C TRP B 54 -28.26 -9.58 -14.36
N ALA B 55 -28.97 -10.10 -13.36
CA ALA B 55 -28.28 -10.66 -12.21
C ALA B 55 -27.39 -11.85 -12.55
N ASP B 56 -27.77 -12.65 -13.55
CA ASP B 56 -27.07 -13.89 -13.85
C ASP B 56 -26.17 -13.80 -15.08
N ARG B 57 -25.85 -12.59 -15.53
CA ARG B 57 -24.92 -12.43 -16.63
C ARG B 57 -23.53 -12.93 -16.26
N ASP B 58 -22.77 -13.37 -17.25
CA ASP B 58 -21.33 -13.52 -17.03
C ASP B 58 -20.72 -12.15 -16.75
N ARG B 59 -19.62 -12.14 -16.00
CA ARG B 59 -18.87 -10.92 -15.73
C ARG B 59 -17.56 -10.97 -16.50
N PHE B 60 -17.23 -9.89 -17.20
CA PHE B 60 -15.95 -9.71 -17.89
C PHE B 60 -15.17 -8.60 -17.21
N VAL B 61 -13.86 -8.83 -17.02
CA VAL B 61 -12.98 -7.85 -16.39
C VAL B 61 -11.72 -7.66 -17.22
N LEU B 62 -11.41 -6.42 -17.53
CA LEU B 62 -10.17 -6.03 -18.21
C LEU B 62 -9.18 -5.57 -17.14
N SER B 63 -8.34 -6.50 -16.68
CA SER B 63 -7.35 -6.14 -15.66
C SER B 63 -6.24 -5.27 -16.23
N ASN B 64 -5.88 -5.48 -17.49
CA ASN B 64 -4.95 -4.61 -18.21
C ASN B 64 -5.73 -3.39 -18.73
N GLY B 65 -6.17 -2.56 -17.78
CA GLY B 65 -7.20 -1.55 -18.04
C GLY B 65 -6.75 -0.41 -18.93
N HIS B 66 -5.45 -0.23 -19.09
CA HIS B 66 -4.97 0.73 -20.08
C HIS B 66 -5.52 0.44 -21.46
N GLY B 67 -5.83 -0.82 -21.77
CA GLY B 67 -6.43 -1.16 -23.04
C GLY B 67 -7.91 -0.88 -23.13
N SER B 68 -8.31 0.28 -22.60
CA SER B 68 -9.72 0.61 -22.47
C SER B 68 -10.48 0.63 -23.80
N MET B 69 -9.84 0.99 -24.92
CA MET B 69 -10.58 0.95 -26.16
C MET B 69 -11.01 -0.46 -26.54
N LEU B 70 -10.37 -1.49 -26.00
CA LEU B 70 -10.86 -2.84 -26.25
C LEU B 70 -12.27 -3.02 -25.72
N ILE B 71 -12.51 -2.64 -24.46
CA ILE B 71 -13.85 -2.81 -23.89
CA ILE B 71 -13.85 -2.82 -23.89
C ILE B 71 -14.84 -1.84 -24.51
N TYR B 72 -14.41 -0.61 -24.82
CA TYR B 72 -15.36 0.31 -25.44
C TYR B 72 -15.78 -0.19 -26.82
N SER B 73 -14.83 -0.75 -27.57
CA SER B 73 -15.17 -1.32 -28.87
C SER B 73 -16.17 -2.46 -28.72
N LEU B 74 -15.92 -3.36 -27.77
CA LEU B 74 -16.79 -4.51 -27.57
C LEU B 74 -18.20 -4.06 -27.16
N LEU B 75 -18.28 -3.13 -26.22
CA LEU B 75 -19.60 -2.66 -25.77
C LEU B 75 -20.35 -1.97 -26.90
N HIS B 76 -19.65 -1.13 -27.67
CA HIS B 76 -20.29 -0.48 -28.79
C HIS B 76 -20.76 -1.49 -29.84
N LEU B 77 -19.87 -2.38 -30.26
CA LEU B 77 -20.19 -3.29 -31.35
C LEU B 77 -21.31 -4.25 -30.99
N THR B 78 -21.36 -4.71 -29.73
CA THR B 78 -22.37 -5.70 -29.35
C THR B 78 -23.72 -5.09 -29.02
N GLY B 79 -23.84 -3.76 -28.99
CA GLY B 79 -25.13 -3.12 -28.88
C GLY B 79 -25.46 -2.49 -27.54
N TYR B 80 -24.49 -2.31 -26.66
CA TYR B 80 -24.72 -1.55 -25.44
C TYR B 80 -24.99 -0.09 -25.77
N ASP B 81 -25.53 0.63 -24.79
CA ASP B 81 -25.80 2.06 -24.93
C ASP B 81 -24.50 2.86 -24.81
N LEU B 82 -23.68 2.77 -25.85
CA LEU B 82 -22.38 3.44 -25.93
C LEU B 82 -22.21 3.86 -27.38
N PRO B 83 -22.78 5.00 -27.76
CA PRO B 83 -22.79 5.39 -29.18
C PRO B 83 -21.41 5.73 -29.71
N MET B 84 -21.31 5.72 -31.05
CA MET B 84 -20.05 6.05 -31.70
C MET B 84 -19.54 7.43 -31.27
N GLU B 85 -20.46 8.38 -31.03
CA GLU B 85 -20.02 9.70 -30.61
C GLU B 85 -19.21 9.63 -29.33
N GLU B 86 -19.55 8.70 -28.42
CA GLU B 86 -18.73 8.56 -27.21
C GLU B 86 -17.33 8.05 -27.53
N LEU B 87 -17.20 7.13 -28.49
CA LEU B 87 -15.87 6.68 -28.89
C LEU B 87 -15.06 7.82 -29.49
N LYS B 88 -15.72 8.73 -30.21
N LYS B 88 -15.72 8.73 -30.21
CA LYS B 88 -15.09 9.93 -30.74
CA LYS B 88 -15.07 9.93 -30.74
C LYS B 88 -14.67 10.90 -29.63
C LYS B 88 -14.71 10.92 -29.64
N ASN B 89 -15.20 10.70 -28.41
CA ASN B 89 -14.87 11.52 -27.26
C ASN B 89 -14.05 10.75 -26.22
N PHE B 90 -13.34 9.72 -26.66
CA PHE B 90 -12.39 9.00 -25.81
C PHE B 90 -11.46 9.98 -25.12
N ARG B 91 -11.33 9.83 -23.80
CA ARG B 91 -10.40 10.61 -22.99
C ARG B 91 -10.75 12.09 -22.92
N GLN B 92 -11.99 12.46 -23.24
CA GLN B 92 -12.44 13.84 -23.14
C GLN B 92 -13.36 14.03 -21.93
N LEU B 93 -13.36 15.26 -21.41
CA LEU B 93 -14.04 15.54 -20.15
C LEU B 93 -15.51 15.13 -20.21
N HIS B 94 -15.91 14.37 -19.20
CA HIS B 94 -17.25 13.86 -18.94
CA HIS B 94 -17.30 13.98 -19.03
C HIS B 94 -17.77 12.90 -20.01
N SER B 95 -16.90 12.39 -20.87
CA SER B 95 -17.37 11.37 -21.80
C SER B 95 -17.64 10.05 -21.07
N LYS B 96 -18.34 9.15 -21.75
CA LYS B 96 -18.54 7.79 -21.26
C LYS B 96 -17.37 6.88 -21.60
N THR B 97 -16.27 7.44 -22.09
CA THR B 97 -15.10 6.68 -22.53
C THR B 97 -13.84 7.27 -21.89
N PRO B 98 -13.75 7.27 -20.56
CA PRO B 98 -12.51 7.73 -19.91
C PRO B 98 -11.32 6.82 -20.24
N GLY B 99 -10.12 7.37 -20.02
CA GLY B 99 -8.90 6.70 -20.43
C GLY B 99 -8.68 5.32 -19.84
N HIS B 100 -9.14 5.09 -18.61
N HIS B 100 -9.16 5.09 -18.62
CA HIS B 100 -9.24 3.77 -18.00
CA HIS B 100 -9.28 3.77 -18.04
C HIS B 100 -10.73 3.54 -17.70
C HIS B 100 -10.75 3.55 -17.74
N PRO B 101 -11.24 2.32 -17.86
CA PRO B 101 -12.70 2.13 -17.72
C PRO B 101 -13.15 2.35 -16.30
N GLU B 102 -14.35 2.92 -16.17
CA GLU B 102 -14.93 3.27 -14.88
CA GLU B 102 -14.91 3.25 -14.87
C GLU B 102 -16.32 2.69 -14.73
N VAL B 103 -16.55 1.95 -13.65
CA VAL B 103 -17.87 1.42 -13.38
C VAL B 103 -18.82 2.58 -13.06
N GLY B 104 -20.04 2.46 -13.55
CA GLY B 104 -21.08 3.37 -13.15
C GLY B 104 -21.56 4.18 -14.32
N TYR B 105 -20.63 4.86 -14.99
CA TYR B 105 -20.96 5.83 -16.01
C TYR B 105 -21.01 5.25 -17.42
N THR B 106 -20.48 4.05 -17.64
CA THR B 106 -20.46 3.43 -18.96
C THR B 106 -21.21 2.11 -18.88
N ALA B 107 -22.22 1.95 -19.72
CA ALA B 107 -23.03 0.74 -19.70
C ALA B 107 -22.17 -0.49 -19.98
N GLY B 108 -22.24 -1.47 -19.10
CA GLY B 108 -21.55 -2.72 -19.29
C GLY B 108 -20.16 -2.82 -18.67
N VAL B 109 -19.59 -1.72 -18.16
CA VAL B 109 -18.29 -1.79 -17.50
C VAL B 109 -18.52 -2.30 -16.07
N GLU B 110 -17.83 -3.38 -15.69
CA GLU B 110 -18.11 -4.04 -14.43
C GLU B 110 -17.30 -3.51 -13.24
N THR B 111 -16.17 -2.87 -13.51
CA THR B 111 -15.25 -2.44 -12.48
C THR B 111 -14.38 -1.35 -13.09
N THR B 112 -13.80 -0.51 -12.22
CA THR B 112 -12.82 0.48 -12.63
C THR B 112 -11.43 -0.13 -12.51
N THR B 113 -10.72 -0.21 -13.63
CA THR B 113 -9.39 -0.83 -13.61
C THR B 113 -8.38 0.11 -14.23
N GLY B 114 -7.13 -0.30 -14.21
CA GLY B 114 -6.04 0.57 -14.59
C GLY B 114 -4.85 0.29 -13.70
N PRO B 115 -4.99 0.51 -12.40
CA PRO B 115 -3.95 0.08 -11.44
C PRO B 115 -3.76 -1.42 -11.56
N LEU B 116 -2.57 -1.84 -11.97
CA LEU B 116 -2.39 -3.21 -12.44
C LEU B 116 -2.54 -4.20 -11.29
N GLY B 117 -2.99 -5.39 -11.65
CA GLY B 117 -3.24 -6.45 -10.72
C GLY B 117 -4.61 -6.41 -10.06
N GLN B 118 -5.21 -5.23 -9.92
CA GLN B 118 -6.45 -5.18 -9.17
C GLN B 118 -7.63 -5.76 -9.96
N GLY B 119 -7.62 -5.68 -11.28
CA GLY B 119 -8.72 -6.28 -12.03
C GLY B 119 -8.83 -7.77 -11.81
N ILE B 120 -7.72 -8.50 -11.89
CA ILE B 120 -7.79 -9.94 -11.64
C ILE B 120 -8.28 -10.20 -10.21
N ALA B 121 -7.87 -9.36 -9.26
CA ALA B 121 -8.40 -9.49 -7.89
C ALA B 121 -9.91 -9.29 -7.86
N ASN B 122 -10.40 -8.25 -8.55
CA ASN B 122 -11.83 -8.03 -8.60
C ASN B 122 -12.55 -9.24 -9.21
N ALA B 123 -11.96 -9.81 -10.26
CA ALA B 123 -12.55 -10.98 -10.90
C ALA B 123 -12.60 -12.17 -9.95
N VAL B 124 -11.54 -12.38 -9.16
CA VAL B 124 -11.58 -13.43 -8.15
C VAL B 124 -12.75 -13.20 -7.21
N GLY B 125 -12.96 -11.96 -6.78
CA GLY B 125 -14.10 -11.64 -5.93
C GLY B 125 -15.45 -11.90 -6.60
N MET B 126 -15.57 -11.55 -7.88
CA MET B 126 -16.81 -11.83 -8.60
C MET B 126 -17.06 -13.32 -8.71
N ALA B 127 -15.99 -14.12 -8.89
CA ALA B 127 -16.16 -15.57 -8.97
C ALA B 127 -16.49 -16.16 -7.61
N ILE B 128 -15.88 -15.63 -6.53
CA ILE B 128 -16.27 -16.06 -5.19
C ILE B 128 -17.74 -15.75 -4.95
N ALA B 129 -18.18 -14.55 -5.36
CA ALA B 129 -19.56 -14.16 -5.17
C ALA B 129 -20.51 -15.11 -5.90
N GLU B 130 -20.21 -15.44 -7.16
CA GLU B 130 -21.08 -16.34 -7.89
C GLU B 130 -21.15 -17.71 -7.22
N LYS B 131 -20.01 -18.23 -6.78
CA LYS B 131 -19.98 -19.56 -6.19
C LYS B 131 -20.77 -19.60 -4.90
N THR B 132 -20.62 -18.54 -4.09
CA THR B 132 -21.29 -18.47 -2.80
C THR B 132 -22.78 -18.24 -2.97
N LEU B 133 -23.15 -17.35 -3.89
N LEU B 133 -23.15 -17.32 -3.87
CA LEU B 133 -24.56 -17.07 -4.13
CA LEU B 133 -24.56 -17.08 -4.15
C LEU B 133 -25.27 -18.29 -4.71
C LEU B 133 -25.23 -18.36 -4.64
N ALA B 134 -24.59 -19.05 -5.58
CA ALA B 134 -25.17 -20.28 -6.09
C ALA B 134 -25.40 -21.27 -4.97
N ALA B 135 -24.41 -21.44 -4.09
CA ALA B 135 -24.55 -22.38 -2.99
C ALA B 135 -25.66 -21.96 -2.04
N GLN B 136 -25.81 -20.65 -1.81
CA GLN B 136 -26.85 -20.17 -0.90
C GLN B 136 -28.25 -20.31 -1.49
N PHE B 137 -28.42 -20.01 -2.79
CA PHE B 137 -29.74 -19.86 -3.38
C PHE B 137 -30.21 -20.99 -4.28
N ASN B 138 -29.32 -21.70 -4.96
CA ASN B 138 -29.80 -22.73 -5.87
C ASN B 138 -30.47 -23.85 -5.10
N ARG B 139 -31.45 -24.47 -5.72
CA ARG B 139 -32.23 -25.54 -5.13
C ARG B 139 -32.43 -26.61 -6.19
N PRO B 140 -32.78 -27.84 -5.80
CA PRO B 140 -32.91 -28.91 -6.80
C PRO B 140 -33.94 -28.53 -7.87
N GLY B 141 -33.51 -28.58 -9.11
CA GLY B 141 -34.34 -28.18 -10.23
C GLY B 141 -34.35 -26.69 -10.52
N HIS B 142 -33.61 -25.88 -9.74
CA HIS B 142 -33.69 -24.42 -9.81
C HIS B 142 -32.30 -23.83 -9.62
N ASP B 143 -31.48 -23.87 -10.66
CA ASP B 143 -30.14 -23.32 -10.59
C ASP B 143 -30.16 -21.89 -11.13
N ILE B 144 -30.67 -20.98 -10.30
CA ILE B 144 -30.85 -19.59 -10.69
C ILE B 144 -29.54 -18.81 -10.75
N VAL B 145 -28.47 -19.29 -10.11
CA VAL B 145 -27.17 -18.66 -10.21
C VAL B 145 -26.25 -19.63 -10.97
N ASP B 146 -25.78 -19.19 -12.13
CA ASP B 146 -24.88 -20.02 -12.93
C ASP B 146 -24.22 -19.11 -13.98
N HIS B 147 -23.08 -18.53 -13.62
CA HIS B 147 -22.40 -17.69 -14.59
C HIS B 147 -20.89 -17.71 -14.38
N TYR B 148 -20.19 -17.37 -15.45
CA TYR B 148 -18.74 -17.34 -15.50
C TYR B 148 -18.18 -15.96 -15.22
N THR B 149 -16.91 -15.94 -14.83
CA THR B 149 -16.13 -14.72 -14.67
C THR B 149 -14.91 -14.85 -15.56
N TYR B 150 -14.81 -13.96 -16.55
CA TYR B 150 -13.72 -13.98 -17.52
C TYR B 150 -12.87 -12.73 -17.30
N ALA B 151 -11.55 -12.91 -17.28
CA ALA B 151 -10.64 -11.78 -17.08
C ALA B 151 -9.54 -11.79 -18.12
N PHE B 152 -9.18 -10.61 -18.60
CA PHE B 152 -7.98 -10.41 -19.41
C PHE B 152 -6.92 -9.75 -18.53
N MET B 153 -5.66 -10.18 -18.68
CA MET B 153 -4.59 -9.62 -17.87
C MET B 153 -3.28 -9.73 -18.66
N GLY B 154 -2.34 -8.85 -18.33
CA GLY B 154 -1.06 -8.80 -19.00
C GLY B 154 0.13 -8.99 -18.08
N ASP B 155 1.32 -8.68 -18.60
CA ASP B 155 2.55 -8.90 -17.86
C ASP B 155 2.61 -8.07 -16.59
N GLY B 156 2.10 -6.83 -16.63
CA GLY B 156 2.13 -6.01 -15.44
C GLY B 156 1.33 -6.62 -14.30
N CYS B 157 0.11 -7.09 -14.61
CA CYS B 157 -0.69 -7.77 -13.61
C CYS B 157 0.04 -8.99 -13.07
N MET B 158 0.70 -9.75 -13.95
CA MET B 158 1.42 -10.95 -13.51
C MET B 158 2.59 -10.63 -12.60
N MET B 159 3.30 -9.52 -12.86
CA MET B 159 4.44 -9.15 -12.02
C MET B 159 3.99 -8.66 -10.66
N GLU B 160 2.86 -7.96 -10.59
CA GLU B 160 2.40 -7.39 -9.34
C GLU B 160 2.13 -8.47 -8.29
N GLY B 161 2.53 -8.18 -7.06
CA GLY B 161 2.31 -9.12 -5.98
C GLY B 161 0.86 -9.47 -5.76
N ILE B 162 -0.04 -8.53 -6.02
CA ILE B 162 -1.44 -8.83 -5.76
C ILE B 162 -1.92 -10.02 -6.60
N SER B 163 -1.34 -10.25 -7.77
CA SER B 163 -1.75 -11.41 -8.55
C SER B 163 -1.43 -12.70 -7.83
N HIS B 164 -0.28 -12.74 -7.13
CA HIS B 164 0.06 -13.90 -6.31
C HIS B 164 -0.96 -14.11 -5.21
N GLU B 165 -1.34 -13.04 -4.51
CA GLU B 165 -2.31 -13.18 -3.43
C GLU B 165 -3.62 -13.76 -3.92
N VAL B 166 -4.18 -13.16 -4.97
CA VAL B 166 -5.55 -13.52 -5.33
C VAL B 166 -5.60 -14.80 -6.13
N CYS B 167 -4.58 -15.09 -6.93
CA CYS B 167 -4.61 -16.32 -7.71
C CYS B 167 -4.26 -17.53 -6.84
N SER B 168 -3.43 -17.35 -5.82
CA SER B 168 -3.23 -18.40 -4.84
C SER B 168 -4.55 -18.76 -4.16
N LEU B 169 -5.28 -17.74 -3.68
CA LEU B 169 -6.54 -18.00 -2.99
C LEU B 169 -7.59 -18.59 -3.94
N ALA B 170 -7.63 -18.12 -5.19
CA ALA B 170 -8.57 -18.68 -6.16
C ALA B 170 -8.32 -20.17 -6.36
N GLY B 171 -7.06 -20.60 -6.32
CA GLY B 171 -6.75 -22.01 -6.40
C GLY B 171 -7.29 -22.78 -5.21
N THR B 172 -7.05 -22.27 -4.00
CA THR B 172 -7.58 -22.93 -2.81
C THR B 172 -9.09 -23.12 -2.89
N LEU B 173 -9.78 -22.10 -3.38
CA LEU B 173 -11.23 -22.10 -3.42
C LEU B 173 -11.79 -22.79 -4.66
N LYS B 174 -10.94 -23.35 -5.51
CA LYS B 174 -11.39 -24.21 -6.61
C LYS B 174 -12.45 -23.51 -7.46
N LEU B 175 -12.12 -22.29 -7.88
CA LEU B 175 -13.05 -21.43 -8.62
C LEU B 175 -13.11 -21.83 -10.09
N GLY B 176 -13.86 -22.90 -10.36
CA GLY B 176 -13.95 -23.48 -11.68
C GLY B 176 -14.66 -22.64 -12.71
N LYS B 177 -15.34 -21.57 -12.32
CA LYS B 177 -15.97 -20.68 -13.30
C LYS B 177 -15.15 -19.43 -13.55
N LEU B 178 -13.94 -19.35 -13.01
CA LEU B 178 -13.02 -18.26 -13.31
C LEU B 178 -12.11 -18.71 -14.44
N ILE B 179 -12.07 -17.94 -15.52
CA ILE B 179 -11.25 -18.20 -16.69
C ILE B 179 -10.52 -16.91 -17.05
N ALA B 180 -9.19 -16.94 -16.95
CA ALA B 180 -8.35 -15.77 -17.21
C ALA B 180 -7.54 -16.01 -18.48
N PHE B 181 -7.38 -14.95 -19.25
CA PHE B 181 -6.59 -14.95 -20.47
C PHE B 181 -5.39 -14.04 -20.24
N TYR B 182 -4.19 -14.60 -20.37
CA TYR B 182 -2.95 -13.87 -20.23
C TYR B 182 -2.46 -13.44 -21.61
N ASP B 183 -2.29 -12.12 -21.76
CA ASP B 183 -1.81 -11.47 -22.98
C ASP B 183 -0.29 -11.60 -22.98
N ASP B 184 0.19 -12.71 -23.49
CA ASP B 184 1.61 -13.08 -23.40
C ASP B 184 2.30 -12.54 -24.64
N ASN B 185 2.68 -11.26 -24.58
CA ASN B 185 3.18 -10.53 -25.75
C ASN B 185 4.64 -10.12 -25.61
N GLY B 186 5.30 -10.43 -24.51
CA GLY B 186 6.74 -10.21 -24.38
C GLY B 186 7.18 -8.77 -24.21
N ILE B 187 6.26 -7.82 -24.06
CA ILE B 187 6.57 -6.40 -24.09
C ILE B 187 6.01 -5.71 -22.85
N SER B 188 6.83 -4.87 -22.22
CA SER B 188 6.34 -3.93 -21.22
C SER B 188 6.96 -2.57 -21.51
N ILE B 189 6.73 -1.58 -20.65
CA ILE B 189 7.12 -0.21 -20.99
C ILE B 189 8.63 -0.09 -21.13
N ASP B 190 9.40 -0.82 -20.32
CA ASP B 190 10.85 -0.73 -20.43
C ASP B 190 11.41 -1.48 -21.64
N GLY B 191 10.60 -2.28 -22.34
CA GLY B 191 11.05 -3.01 -23.51
C GLY B 191 10.74 -4.50 -23.49
N HIS B 192 11.70 -5.31 -23.94
CA HIS B 192 11.51 -6.76 -23.94
C HIS B 192 11.57 -7.29 -22.51
N VAL B 193 10.52 -8.00 -22.09
CA VAL B 193 10.37 -8.27 -20.67
C VAL B 193 11.45 -9.19 -20.08
N GLU B 194 12.17 -9.93 -20.92
N GLU B 194 12.17 -9.94 -20.92
CA GLU B 194 13.15 -10.90 -20.42
CA GLU B 194 13.14 -10.90 -20.40
C GLU B 194 14.21 -10.29 -19.52
C GLU B 194 14.18 -10.28 -19.47
N GLY B 195 14.45 -8.97 -19.59
CA GLY B 195 15.43 -8.36 -18.71
C GLY B 195 14.98 -8.24 -17.27
N TRP B 196 13.69 -8.38 -17.00
CA TRP B 196 13.16 -8.19 -15.67
C TRP B 196 12.03 -9.17 -15.34
N PHE B 197 11.62 -10.03 -16.26
CA PHE B 197 10.47 -10.90 -16.01
C PHE B 197 10.71 -12.22 -16.74
N THR B 198 11.09 -13.24 -15.97
CA THR B 198 11.52 -14.50 -16.55
C THR B 198 10.78 -15.70 -15.96
N ASP B 199 9.70 -15.47 -15.22
CA ASP B 199 8.98 -16.56 -14.59
C ASP B 199 8.51 -17.57 -15.65
N ASP B 200 8.50 -18.83 -15.26
CA ASP B 200 7.66 -19.83 -15.93
C ASP B 200 6.26 -19.64 -15.37
N THR B 201 5.50 -18.75 -16.01
CA THR B 201 4.20 -18.36 -15.47
C THR B 201 3.24 -19.53 -15.43
N ALA B 202 3.30 -20.42 -16.42
CA ALA B 202 2.45 -21.60 -16.41
C ALA B 202 2.73 -22.43 -15.17
N MET B 203 4.00 -22.70 -14.89
CA MET B 203 4.36 -23.50 -13.73
C MET B 203 3.93 -22.82 -12.42
N ARG B 204 4.08 -21.50 -12.35
CA ARG B 204 3.63 -20.75 -11.18
C ARG B 204 2.14 -20.96 -10.95
N PHE B 205 1.32 -20.84 -12.00
CA PHE B 205 -0.11 -20.98 -11.83
C PHE B 205 -0.50 -22.42 -11.53
N GLU B 206 0.24 -23.40 -12.07
CA GLU B 206 0.04 -24.79 -11.68
CA GLU B 206 0.01 -24.78 -11.66
C GLU B 206 0.31 -24.97 -10.18
N ALA B 207 1.30 -24.25 -9.64
CA ALA B 207 1.58 -24.33 -8.22
C ALA B 207 0.43 -23.80 -7.38
N TYR B 208 -0.39 -22.92 -7.94
CA TYR B 208 -1.57 -22.41 -7.26
C TYR B 208 -2.77 -23.34 -7.37
N GLY B 209 -2.69 -24.38 -8.19
CA GLY B 209 -3.85 -25.22 -8.42
C GLY B 209 -4.74 -24.77 -9.57
N TRP B 210 -4.21 -24.00 -10.51
CA TRP B 210 -4.97 -23.64 -11.69
C TRP B 210 -4.74 -24.66 -12.81
N HIS B 211 -5.76 -24.78 -13.66
N HIS B 211 -5.71 -24.72 -13.72
CA HIS B 211 -5.60 -25.48 -14.92
CA HIS B 211 -5.60 -25.50 -14.95
C HIS B 211 -5.00 -24.50 -15.93
C HIS B 211 -5.09 -24.59 -16.06
N VAL B 212 -3.85 -24.82 -16.49
CA VAL B 212 -3.15 -23.90 -17.39
C VAL B 212 -3.09 -24.49 -18.78
N ILE B 213 -3.46 -23.68 -19.77
CA ILE B 213 -3.39 -24.07 -21.17
C ILE B 213 -2.29 -23.25 -21.80
N ARG B 214 -1.23 -23.92 -22.22
CA ARG B 214 -0.02 -23.29 -22.73
C ARG B 214 -0.11 -23.05 -24.24
N ASP B 215 0.66 -22.05 -24.69
CA ASP B 215 1.06 -21.92 -26.09
C ASP B 215 -0.14 -21.80 -27.03
N ILE B 216 -1.13 -21.03 -26.62
CA ILE B 216 -2.26 -20.75 -27.49
C ILE B 216 -1.88 -19.67 -28.49
N ASP B 217 -2.17 -19.90 -29.77
CA ASP B 217 -2.00 -18.86 -30.77
C ASP B 217 -3.13 -17.85 -30.60
N GLY B 218 -2.82 -16.70 -29.99
CA GLY B 218 -3.81 -15.68 -29.71
C GLY B 218 -4.32 -14.95 -30.91
N HIS B 219 -3.83 -15.29 -32.11
CA HIS B 219 -4.33 -14.71 -33.35
C HIS B 219 -5.03 -15.75 -34.21
N ASP B 220 -5.36 -16.90 -33.63
CA ASP B 220 -6.06 -17.96 -34.35
C ASP B 220 -7.36 -18.28 -33.60
N ALA B 221 -8.48 -17.88 -34.20
CA ALA B 221 -9.77 -18.06 -33.52
C ALA B 221 -10.02 -19.50 -33.13
N ALA B 222 -9.69 -20.47 -34.01
CA ALA B 222 -9.98 -21.87 -33.68
C ALA B 222 -9.21 -22.33 -32.45
N SER B 223 -7.94 -21.91 -32.35
CA SER B 223 -7.11 -22.27 -31.19
CA SER B 223 -7.12 -22.27 -31.19
C SER B 223 -7.69 -21.67 -29.91
N ILE B 224 -8.08 -20.41 -29.97
CA ILE B 224 -8.65 -19.74 -28.81
C ILE B 224 -9.93 -20.45 -28.38
N LYS B 225 -10.79 -20.75 -29.35
CA LYS B 225 -12.07 -21.39 -29.05
C LYS B 225 -11.86 -22.75 -28.39
N ARG B 226 -10.95 -23.57 -28.92
N ARG B 226 -10.94 -23.56 -28.91
CA ARG B 226 -10.68 -24.86 -28.29
CA ARG B 226 -10.67 -24.86 -28.30
C ARG B 226 -10.22 -24.68 -26.85
C ARG B 226 -10.18 -24.71 -26.87
N ALA B 227 -9.35 -23.69 -26.61
CA ALA B 227 -8.86 -23.47 -25.26
C ALA B 227 -9.99 -23.05 -24.31
N VAL B 228 -10.88 -22.17 -24.76
CA VAL B 228 -11.99 -21.79 -23.90
C VAL B 228 -12.87 -22.99 -23.60
N GLU B 229 -13.13 -23.84 -24.59
CA GLU B 229 -13.92 -25.04 -24.35
C GLU B 229 -13.26 -25.94 -23.31
N GLU B 230 -11.94 -26.11 -23.40
CA GLU B 230 -11.22 -26.92 -22.41
C GLU B 230 -11.38 -26.33 -21.01
N ALA B 231 -11.19 -25.02 -20.87
CA ALA B 231 -11.32 -24.37 -19.57
C ALA B 231 -12.73 -24.50 -19.01
N ARG B 232 -13.74 -24.42 -19.87
CA ARG B 232 -15.11 -24.59 -19.41
C ARG B 232 -15.39 -26.02 -18.99
N ALA B 233 -14.66 -26.99 -19.54
CA ALA B 233 -14.86 -28.38 -19.15
C ALA B 233 -14.22 -28.71 -17.81
N VAL B 234 -13.28 -27.89 -17.33
CA VAL B 234 -12.60 -28.12 -16.05
C VAL B 234 -13.39 -27.36 -14.99
N THR B 235 -14.16 -28.09 -14.18
CA THR B 235 -15.12 -27.44 -13.29
C THR B 235 -14.58 -27.22 -11.88
N ASP B 236 -13.38 -27.73 -11.58
CA ASP B 236 -12.86 -27.77 -10.22
C ASP B 236 -11.59 -26.96 -10.03
N LYS B 237 -11.21 -26.16 -11.01
CA LYS B 237 -10.01 -25.31 -10.92
C LYS B 237 -10.26 -24.06 -11.75
N PRO B 238 -9.77 -22.91 -11.30
CA PRO B 238 -9.70 -21.74 -12.21
C PRO B 238 -8.71 -22.05 -13.32
N SER B 239 -8.92 -21.44 -14.48
CA SER B 239 -8.10 -21.71 -15.65
C SER B 239 -7.37 -20.47 -16.14
N LEU B 240 -6.13 -20.68 -16.57
CA LEU B 240 -5.31 -19.63 -17.18
C LEU B 240 -4.98 -20.04 -18.62
N LEU B 241 -5.35 -19.19 -19.56
CA LEU B 241 -5.09 -19.42 -20.98
C LEU B 241 -3.91 -18.53 -21.37
N MET B 242 -2.78 -19.17 -21.69
CA MET B 242 -1.53 -18.49 -22.05
CA MET B 242 -1.58 -18.42 -22.04
C MET B 242 -1.62 -18.13 -23.53
N CYS B 243 -2.01 -16.91 -23.85
CA CYS B 243 -2.28 -16.51 -25.22
C CYS B 243 -1.09 -15.75 -25.78
N LYS B 244 -0.39 -16.38 -26.73
N LYS B 244 -0.38 -16.38 -26.72
CA LYS B 244 0.71 -15.72 -27.39
CA LYS B 244 0.74 -15.71 -27.38
C LYS B 244 0.15 -14.69 -28.37
C LYS B 244 0.19 -14.70 -28.38
N THR B 245 0.45 -13.42 -28.15
CA THR B 245 -0.07 -12.36 -28.98
C THR B 245 1.08 -11.44 -29.39
N ILE B 246 0.79 -10.65 -30.42
CA ILE B 246 1.68 -9.62 -30.92
C ILE B 246 1.05 -8.28 -30.57
N ILE B 247 1.68 -7.53 -29.67
CA ILE B 247 1.17 -6.21 -29.32
C ILE B 247 1.10 -5.37 -30.59
N GLY B 248 0.02 -4.61 -30.75
CA GLY B 248 -0.07 -3.79 -31.94
C GLY B 248 -0.27 -4.55 -33.23
N PHE B 249 -0.79 -5.77 -33.16
CA PHE B 249 -1.03 -6.62 -34.32
C PHE B 249 -1.68 -5.83 -35.44
N GLY B 250 -1.05 -5.89 -36.62
CA GLY B 250 -1.53 -5.19 -37.81
C GLY B 250 -0.61 -4.07 -38.25
N SER B 251 0.14 -3.50 -37.32
CA SER B 251 1.00 -2.36 -37.61
C SER B 251 2.35 -2.86 -38.15
N PRO B 252 2.71 -2.54 -39.40
CA PRO B 252 3.97 -3.08 -39.92
C PRO B 252 5.19 -2.63 -39.14
N ASN B 253 5.21 -1.38 -38.67
CA ASN B 253 6.40 -0.83 -38.05
C ASN B 253 6.37 -0.82 -36.54
N LYS B 254 5.20 -0.96 -35.91
CA LYS B 254 5.10 -0.91 -34.47
C LYS B 254 4.56 -2.19 -33.83
N ALA B 255 4.03 -3.15 -34.57
CA ALA B 255 3.66 -4.41 -33.94
C ALA B 255 4.88 -5.03 -33.29
N GLY B 256 4.69 -5.60 -32.10
CA GLY B 256 5.77 -6.25 -31.40
C GLY B 256 6.74 -5.30 -30.74
N THR B 257 6.43 -4.01 -30.66
CA THR B 257 7.33 -3.03 -30.10
C THR B 257 6.69 -2.34 -28.89
N HIS B 258 7.54 -1.88 -27.98
CA HIS B 258 7.04 -1.09 -26.87
C HIS B 258 6.40 0.21 -27.33
N ASP B 259 6.77 0.70 -28.52
CA ASP B 259 6.20 1.95 -29.01
C ASP B 259 4.70 1.86 -29.20
N SER B 260 4.17 0.66 -29.45
CA SER B 260 2.74 0.48 -29.66
C SER B 260 1.95 0.45 -28.37
N HIS B 261 2.62 0.39 -27.22
CA HIS B 261 1.90 0.18 -25.96
C HIS B 261 1.06 1.39 -25.56
N GLY B 262 1.67 2.58 -25.56
CA GLY B 262 1.12 3.67 -24.77
C GLY B 262 1.09 5.03 -25.43
N ALA B 263 1.13 5.05 -26.75
CA ALA B 263 1.02 6.29 -27.49
C ALA B 263 0.28 6.03 -28.79
N PRO B 264 -0.34 7.06 -29.36
CA PRO B 264 -0.95 6.90 -30.68
C PRO B 264 0.03 6.33 -31.70
N LEU B 265 -0.48 5.50 -32.62
CA LEU B 265 0.39 4.94 -33.64
C LEU B 265 0.89 6.00 -34.61
N GLY B 266 0.12 7.06 -34.83
CA GLY B 266 0.39 8.06 -35.83
C GLY B 266 -0.42 7.82 -37.09
N ASP B 267 -0.78 8.91 -37.77
CA ASP B 267 -1.65 8.78 -38.94
C ASP B 267 -1.01 7.97 -40.07
N ALA B 268 0.28 8.19 -40.35
CA ALA B 268 0.91 7.44 -41.43
C ALA B 268 0.93 5.95 -41.11
N GLU B 269 1.22 5.61 -39.85
CA GLU B 269 1.26 4.20 -39.48
C GLU B 269 -0.13 3.57 -39.50
N ILE B 270 -1.16 4.34 -39.13
CA ILE B 270 -2.53 3.83 -39.20
C ILE B 270 -2.91 3.50 -40.65
N ALA B 271 -2.52 4.35 -41.60
CA ALA B 271 -2.79 4.04 -43.00
C ALA B 271 -2.15 2.72 -43.40
N LEU B 272 -0.89 2.51 -43.01
CA LEU B 272 -0.22 1.25 -43.31
C LEU B 272 -0.87 0.07 -42.60
N THR B 273 -1.40 0.30 -41.39
CA THR B 273 -2.07 -0.76 -40.64
C THR B 273 -3.36 -1.17 -41.33
N ARG B 274 -4.15 -0.19 -41.79
CA ARG B 274 -5.34 -0.53 -42.57
C ARG B 274 -4.98 -1.39 -43.76
N GLU B 275 -3.89 -1.05 -44.44
CA GLU B 275 -3.49 -1.82 -45.62
C GLU B 275 -3.07 -3.23 -45.24
N GLN B 276 -2.34 -3.40 -44.15
CA GLN B 276 -1.93 -4.73 -43.73
C GLN B 276 -3.13 -5.58 -43.32
N LEU B 277 -4.07 -4.98 -42.58
CA LEU B 277 -5.24 -5.70 -42.10
C LEU B 277 -6.32 -5.88 -43.16
N GLY B 278 -6.25 -5.15 -44.27
CA GLY B 278 -7.31 -5.19 -45.25
C GLY B 278 -8.59 -4.51 -44.78
N TRP B 279 -8.47 -3.50 -43.90
CA TRP B 279 -9.62 -2.82 -43.30
C TRP B 279 -9.85 -1.52 -44.06
N LYS B 280 -10.93 -1.46 -44.86
CA LYS B 280 -11.10 -0.35 -45.78
C LYS B 280 -11.87 0.83 -45.20
N TYR B 281 -12.58 0.63 -44.11
CA TYR B 281 -13.52 1.64 -43.62
C TYR B 281 -12.78 2.80 -42.96
N ALA B 282 -13.35 3.99 -43.11
CA ALA B 282 -12.78 5.20 -42.55
C ALA B 282 -12.92 5.20 -41.03
N PRO B 283 -12.22 6.10 -40.34
CA PRO B 283 -12.34 6.15 -38.88
C PRO B 283 -13.79 6.31 -38.44
N PHE B 284 -14.20 5.48 -37.48
CA PHE B 284 -15.52 5.52 -36.86
C PHE B 284 -16.63 5.07 -37.80
N GLU B 285 -16.27 4.39 -38.89
CA GLU B 285 -17.22 3.83 -39.84
CA GLU B 285 -17.24 3.83 -39.81
C GLU B 285 -17.26 2.31 -39.66
N ILE B 286 -18.46 1.77 -39.45
CA ILE B 286 -18.67 0.34 -39.33
C ILE B 286 -19.89 0.02 -40.20
N PRO B 287 -19.79 -0.88 -41.17
CA PRO B 287 -20.94 -1.17 -42.03
C PRO B 287 -21.99 -1.99 -41.32
N SER B 288 -23.23 -1.88 -41.81
N SER B 288 -23.21 -1.93 -41.86
CA SER B 288 -24.35 -2.57 -41.20
CA SER B 288 -24.33 -2.67 -41.31
C SER B 288 -24.11 -4.07 -41.09
C SER B 288 -24.03 -4.15 -41.16
N GLU B 289 -23.41 -4.67 -42.06
N GLU B 289 -23.41 -4.76 -42.19
CA GLU B 289 -23.24 -6.12 -42.04
CA GLU B 289 -23.13 -6.19 -42.13
C GLU B 289 -22.29 -6.55 -40.93
C GLU B 289 -22.32 -6.54 -40.88
N ILE B 290 -21.34 -5.70 -40.55
CA ILE B 290 -20.46 -6.02 -39.42
C ILE B 290 -21.21 -5.84 -38.10
N TYR B 291 -22.01 -4.78 -37.98
CA TYR B 291 -22.88 -4.68 -36.81
C TYR B 291 -23.78 -5.90 -36.69
N ALA B 292 -24.31 -6.40 -37.81
CA ALA B 292 -25.25 -7.51 -37.73
C ALA B 292 -24.58 -8.74 -37.13
N GLN B 293 -23.29 -8.94 -37.43
CA GLN B 293 -22.58 -10.11 -36.90
C GLN B 293 -22.10 -9.90 -35.47
N TRP B 294 -21.82 -8.65 -35.07
CA TRP B 294 -21.37 -8.36 -33.72
C TRP B 294 -22.52 -8.18 -32.72
N ASP B 295 -23.70 -7.77 -33.18
CA ASP B 295 -24.74 -7.37 -32.26
C ASP B 295 -25.21 -8.55 -31.40
N ALA B 296 -25.42 -8.28 -30.12
CA ALA B 296 -25.83 -9.30 -29.17
C ALA B 296 -27.21 -9.08 -28.60
N LYS B 297 -27.98 -8.13 -29.14
CA LYS B 297 -29.27 -7.80 -28.55
CA LYS B 297 -29.27 -7.81 -28.52
C LYS B 297 -30.26 -8.97 -28.63
N GLU B 298 -30.34 -9.64 -29.78
N GLU B 298 -30.34 -9.61 -29.80
CA GLU B 298 -31.34 -10.69 -29.92
CA GLU B 298 -31.31 -10.69 -29.97
C GLU B 298 -30.98 -11.92 -29.09
C GLU B 298 -30.97 -11.89 -29.07
N ALA B 299 -29.72 -12.35 -29.12
CA ALA B 299 -29.32 -13.48 -28.29
C ALA B 299 -29.41 -13.13 -26.82
N GLY B 300 -29.01 -11.90 -26.45
CA GLY B 300 -29.05 -11.50 -25.07
C GLY B 300 -30.46 -11.45 -24.50
N GLN B 301 -31.40 -10.89 -25.28
N GLN B 301 -31.39 -10.91 -25.28
CA GLN B 301 -32.80 -10.90 -24.86
CA GLN B 301 -32.79 -10.89 -24.85
C GLN B 301 -33.28 -12.32 -24.62
C GLN B 301 -33.32 -12.30 -24.64
N ALA B 302 -32.99 -13.22 -25.55
CA ALA B 302 -33.47 -14.58 -25.43
C ALA B 302 -32.91 -15.24 -24.17
N LYS B 303 -31.63 -15.04 -23.91
CA LYS B 303 -31.01 -15.64 -22.72
C LYS B 303 -31.61 -15.07 -21.44
N GLU B 304 -31.75 -13.74 -21.37
CA GLU B 304 -32.30 -13.16 -20.16
C GLU B 304 -33.77 -13.53 -19.99
N SER B 305 -34.52 -13.60 -21.09
CA SER B 305 -35.92 -14.00 -20.99
CA SER B 305 -35.92 -14.00 -21.00
C SER B 305 -36.05 -15.42 -20.45
N ALA B 306 -35.20 -16.34 -20.94
CA ALA B 306 -35.21 -17.69 -20.39
C ALA B 306 -34.86 -17.69 -18.91
N TRP B 307 -33.89 -16.86 -18.50
CA TRP B 307 -33.52 -16.81 -17.09
C TRP B 307 -34.68 -16.26 -16.25
N ASN B 308 -35.37 -15.24 -16.76
CA ASN B 308 -36.49 -14.68 -16.01
C ASN B 308 -37.59 -15.72 -15.82
N GLU B 309 -37.82 -16.59 -16.81
N GLU B 309 -37.80 -16.61 -16.79
CA GLU B 309 -38.75 -17.69 -16.63
CA GLU B 309 -38.77 -17.68 -16.61
C GLU B 309 -38.27 -18.65 -15.54
C GLU B 309 -38.28 -18.69 -15.57
N LYS B 310 -36.97 -18.98 -15.55
CA LYS B 310 -36.42 -19.81 -14.49
CA LYS B 310 -36.42 -19.82 -14.50
C LYS B 310 -36.61 -19.16 -13.13
N PHE B 311 -36.36 -17.86 -13.05
CA PHE B 311 -36.51 -17.18 -11.77
C PHE B 311 -37.97 -17.15 -11.32
N ALA B 312 -38.91 -16.99 -12.27
CA ALA B 312 -40.32 -17.01 -11.90
C ALA B 312 -40.72 -18.36 -11.34
N ALA B 313 -40.21 -19.45 -11.93
CA ALA B 313 -40.48 -20.77 -11.41
C ALA B 313 -39.86 -20.96 -10.04
N TYR B 314 -38.65 -20.44 -9.84
CA TYR B 314 -38.04 -20.49 -8.52
C TYR B 314 -38.87 -19.74 -7.51
N ALA B 315 -39.38 -18.55 -7.88
CA ALA B 315 -40.14 -17.74 -6.95
C ALA B 315 -41.45 -18.42 -6.55
N LYS B 316 -42.05 -19.20 -7.46
N LYS B 316 -42.03 -19.22 -7.44
CA LYS B 316 -43.25 -19.95 -7.09
CA LYS B 316 -43.25 -19.95 -7.10
C LYS B 316 -42.93 -21.01 -6.04
C LYS B 316 -42.97 -21.06 -6.11
N ALA B 317 -41.81 -21.71 -6.22
CA ALA B 317 -41.47 -22.84 -5.35
C ALA B 317 -40.79 -22.39 -4.07
N TYR B 318 -40.10 -21.24 -4.11
CA TYR B 318 -39.27 -20.73 -3.01
C TYR B 318 -39.51 -19.23 -2.88
N PRO B 319 -40.73 -18.82 -2.49
CA PRO B 319 -41.05 -17.38 -2.52
C PRO B 319 -40.19 -16.50 -1.61
N GLN B 320 -39.93 -16.93 -0.38
N GLN B 320 -39.92 -16.94 -0.38
CA GLN B 320 -39.13 -16.10 0.51
CA GLN B 320 -39.13 -16.10 0.52
C GLN B 320 -37.69 -16.00 0.01
C GLN B 320 -37.67 -16.03 0.07
N GLU B 321 -37.14 -17.10 -0.50
CA GLU B 321 -35.78 -17.08 -1.03
C GLU B 321 -35.68 -16.16 -2.23
N ALA B 322 -36.68 -16.21 -3.12
CA ALA B 322 -36.66 -15.33 -4.29
C ALA B 322 -36.72 -13.87 -3.87
N ALA B 323 -37.54 -13.54 -2.88
CA ALA B 323 -37.60 -12.16 -2.40
C ALA B 323 -36.24 -11.73 -1.83
N GLU B 324 -35.57 -12.62 -1.09
CA GLU B 324 -34.24 -12.31 -0.57
C GLU B 324 -33.23 -12.13 -1.70
N PHE B 325 -33.31 -12.95 -2.75
CA PHE B 325 -32.39 -12.81 -3.86
C PHE B 325 -32.53 -11.44 -4.51
N THR B 326 -33.78 -11.05 -4.78
CA THR B 326 -34.02 -9.75 -5.41
C THR B 326 -33.52 -8.62 -4.51
N ARG B 327 -33.87 -8.67 -3.23
CA ARG B 327 -33.43 -7.64 -2.30
C ARG B 327 -31.91 -7.51 -2.30
N ARG B 328 -31.23 -8.65 -2.17
CA ARG B 328 -29.77 -8.64 -2.04
C ARG B 328 -29.10 -8.21 -3.34
N MET B 329 -29.60 -8.66 -4.48
CA MET B 329 -29.00 -8.24 -5.75
C MET B 329 -29.18 -6.75 -5.98
N LYS B 330 -30.26 -6.16 -5.47
CA LYS B 330 -30.48 -4.73 -5.57
C LYS B 330 -29.67 -3.93 -4.55
N GLY B 331 -29.06 -4.59 -3.56
CA GLY B 331 -28.33 -3.87 -2.54
C GLY B 331 -29.20 -3.19 -1.52
N GLU B 332 -30.47 -3.59 -1.42
CA GLU B 332 -31.37 -2.97 -0.47
CA GLU B 332 -31.42 -3.02 -0.48
C GLU B 332 -31.26 -3.65 0.89
N MET B 333 -31.54 -2.88 1.92
N MET B 333 -31.51 -2.85 1.93
CA MET B 333 -31.44 -3.39 3.28
CA MET B 333 -31.46 -3.33 3.30
C MET B 333 -32.77 -3.95 3.74
C MET B 333 -32.77 -4.03 3.66
N PRO B 334 -32.76 -4.86 4.72
CA PRO B 334 -34.04 -5.37 5.24
C PRO B 334 -34.87 -4.21 5.78
N SER B 335 -36.18 -4.30 5.62
CA SER B 335 -37.06 -3.20 6.01
CA SER B 335 -37.03 -3.18 6.00
C SER B 335 -36.98 -2.91 7.50
N ASP B 336 -36.72 -3.92 8.32
CA ASP B 336 -36.70 -3.71 9.76
C ASP B 336 -35.31 -3.47 10.32
N PHE B 337 -34.30 -3.36 9.46
CA PHE B 337 -32.94 -3.24 9.96
C PHE B 337 -32.74 -1.95 10.75
N ASP B 338 -33.21 -0.83 10.21
CA ASP B 338 -33.02 0.45 10.90
C ASP B 338 -33.56 0.39 12.32
N ALA B 339 -34.79 -0.09 12.48
CA ALA B 339 -35.40 -0.13 13.81
C ALA B 339 -34.65 -1.08 14.74
N LYS B 340 -34.28 -2.25 14.24
N LYS B 340 -34.29 -2.26 14.24
CA LYS B 340 -33.58 -3.22 15.09
CA LYS B 340 -33.59 -3.22 15.09
C LYS B 340 -32.20 -2.73 15.47
C LYS B 340 -32.21 -2.71 15.48
N ALA B 341 -31.50 -2.07 14.55
CA ALA B 341 -30.18 -1.56 14.87
C ALA B 341 -30.27 -0.41 15.86
N LYS B 342 -31.29 0.45 15.72
CA LYS B 342 -31.48 1.52 16.70
C LYS B 342 -31.79 0.95 18.08
N GLU B 343 -32.58 -0.12 18.14
N GLU B 343 -32.58 -0.12 18.14
CA GLU B 343 -32.87 -0.75 19.42
CA GLU B 343 -32.86 -0.74 19.44
C GLU B 343 -31.59 -1.26 20.08
C GLU B 343 -31.58 -1.26 20.09
N PHE B 344 -30.70 -1.86 19.29
CA PHE B 344 -29.43 -2.36 19.81
C PHE B 344 -28.58 -1.20 20.34
N ILE B 345 -28.46 -0.13 19.56
CA ILE B 345 -27.70 1.04 19.97
C ILE B 345 -28.24 1.61 21.28
N ALA B 346 -29.57 1.74 21.37
CA ALA B 346 -30.18 2.30 22.58
C ALA B 346 -29.91 1.41 23.78
N LYS B 347 -29.95 0.08 23.59
N LYS B 347 -29.97 0.08 23.60
CA LYS B 347 -29.67 -0.84 24.68
CA LYS B 347 -29.67 -0.83 24.69
C LYS B 347 -28.24 -0.68 25.18
C LYS B 347 -28.24 -0.62 25.17
N LEU B 348 -27.30 -0.48 24.25
CA LEU B 348 -25.92 -0.28 24.67
C LEU B 348 -25.77 1.01 25.47
N GLN B 349 -26.40 2.10 25.01
CA GLN B 349 -26.28 3.35 25.76
C GLN B 349 -26.84 3.20 27.17
N ALA B 350 -27.90 2.39 27.34
CA ALA B 350 -28.52 2.21 28.65
C ALA B 350 -27.79 1.20 29.53
N ASN B 351 -26.85 0.43 28.97
CA ASN B 351 -26.20 -0.68 29.68
C ASN B 351 -24.71 -0.60 29.43
N PRO B 352 -24.01 0.27 30.15
N PRO B 352 -24.02 0.29 30.14
CA PRO B 352 -22.61 0.54 29.83
CA PRO B 352 -22.60 0.53 29.89
C PRO B 352 -21.70 -0.67 30.05
C PRO B 352 -21.76 -0.74 29.99
N ALA B 353 -20.71 -0.78 29.16
CA ALA B 353 -19.70 -1.83 29.22
C ALA B 353 -18.40 -1.20 28.74
N LYS B 354 -17.35 -1.32 29.57
CA LYS B 354 -16.02 -0.78 29.28
C LYS B 354 -15.23 -1.91 28.64
N ILE B 355 -15.26 -1.94 27.32
CA ILE B 355 -14.71 -3.00 26.49
C ILE B 355 -13.93 -2.34 25.36
N ALA B 356 -13.05 -3.12 24.72
CA ALA B 356 -12.31 -2.59 23.60
C ALA B 356 -13.26 -2.35 22.42
N SER B 357 -12.99 -1.34 21.60
CA SER B 357 -13.87 -1.18 20.46
C SER B 357 -13.73 -2.33 19.46
N ARG B 358 -12.61 -3.08 19.48
CA ARG B 358 -12.60 -4.29 18.65
C ARG B 358 -13.66 -5.29 19.13
N LYS B 359 -13.87 -5.38 20.45
CA LYS B 359 -14.92 -6.26 20.98
CA LYS B 359 -14.92 -6.25 20.98
C LYS B 359 -16.31 -5.69 20.71
N ALA B 360 -16.46 -4.36 20.84
CA ALA B 360 -17.74 -3.74 20.51
C ALA B 360 -18.09 -3.98 19.05
N SER B 361 -17.07 -4.02 18.17
CA SER B 361 -17.27 -4.34 16.77
C SER B 361 -17.78 -5.77 16.61
N GLN B 362 -17.12 -6.73 17.27
CA GLN B 362 -17.62 -8.10 17.23
C GLN B 362 -19.06 -8.19 17.72
N ASN B 363 -19.39 -7.43 18.78
CA ASN B 363 -20.75 -7.46 19.30
C ASN B 363 -21.74 -6.92 18.29
N ALA B 364 -21.36 -5.90 17.51
CA ALA B 364 -22.23 -5.40 16.45
C ALA B 364 -22.39 -6.42 15.33
N ILE B 365 -21.31 -7.12 14.96
CA ILE B 365 -21.44 -8.18 13.96
C ILE B 365 -22.40 -9.25 14.46
N GLU B 366 -22.27 -9.64 15.72
CA GLU B 366 -23.18 -10.63 16.31
C GLU B 366 -24.62 -10.14 16.29
N ALA B 367 -24.85 -8.86 16.57
CA ALA B 367 -26.22 -8.33 16.56
C ALA B 367 -26.76 -8.21 15.13
N PHE B 368 -25.92 -7.80 14.18
N PHE B 368 -25.93 -7.80 14.18
CA PHE B 368 -26.37 -7.58 12.81
CA PHE B 368 -26.40 -7.55 12.83
C PHE B 368 -26.45 -8.87 12.02
C PHE B 368 -26.33 -8.80 11.93
N GLY B 369 -25.58 -9.82 12.32
CA GLY B 369 -25.45 -11.03 11.53
C GLY B 369 -26.76 -11.71 11.18
N PRO B 370 -27.64 -11.91 12.16
CA PRO B 370 -28.92 -12.56 11.86
C PRO B 370 -29.81 -11.74 10.95
N LEU B 371 -29.57 -10.42 10.88
CA LEU B 371 -30.39 -9.52 10.08
C LEU B 371 -29.85 -9.32 8.69
N LEU B 372 -28.56 -9.60 8.46
CA LEU B 372 -27.87 -9.32 7.21
C LEU B 372 -27.25 -10.60 6.67
N PRO B 373 -28.08 -11.50 6.13
CA PRO B 373 -27.55 -12.72 5.50
C PRO B 373 -26.64 -12.44 4.33
N GLU B 374 -26.67 -11.22 3.78
CA GLU B 374 -25.77 -10.81 2.73
C GLU B 374 -24.34 -10.58 3.19
N PHE B 375 -24.04 -10.53 4.49
CA PHE B 375 -22.66 -10.35 4.87
C PHE B 375 -21.79 -11.44 4.23
N LEU B 376 -20.64 -11.02 3.71
CA LEU B 376 -19.59 -11.94 3.28
C LEU B 376 -18.32 -11.32 3.86
N GLY B 377 -17.95 -11.77 5.06
CA GLY B 377 -16.93 -11.13 5.84
C GLY B 377 -15.64 -11.93 5.87
N GLY B 378 -14.58 -11.33 6.39
CA GLY B 378 -13.33 -12.06 6.50
C GLY B 378 -12.25 -11.22 7.16
N SER B 379 -11.12 -11.86 7.40
CA SER B 379 -9.93 -11.25 7.96
C SER B 379 -8.71 -11.84 7.27
N ALA B 380 -7.65 -11.05 7.20
CA ALA B 380 -6.39 -11.48 6.64
C ALA B 380 -5.54 -12.19 7.71
N ASP B 381 -5.98 -13.40 8.02
CA ASP B 381 -5.33 -14.30 8.97
C ASP B 381 -5.28 -13.72 10.38
N LEU B 382 -6.27 -12.93 10.77
CA LEU B 382 -6.29 -12.33 12.09
C LEU B 382 -7.66 -12.44 12.75
N ALA B 383 -8.42 -13.48 12.43
CA ALA B 383 -9.75 -13.60 13.03
C ALA B 383 -9.74 -13.49 14.55
N PRO B 384 -8.87 -14.18 15.29
CA PRO B 384 -8.93 -14.07 16.76
C PRO B 384 -8.44 -12.76 17.33
N SER B 385 -7.82 -11.91 16.53
CA SER B 385 -7.33 -10.60 16.95
CA SER B 385 -7.35 -10.61 16.97
C SER B 385 -8.24 -9.47 16.49
N ASN B 386 -8.68 -9.53 15.24
CA ASN B 386 -9.59 -8.53 14.71
C ASN B 386 -11.02 -8.74 15.20
N LEU B 387 -11.37 -9.95 15.64
CA LEU B 387 -12.67 -10.31 16.20
C LEU B 387 -13.79 -10.22 15.15
N THR B 388 -13.54 -10.86 14.02
CA THR B 388 -14.42 -10.82 12.86
C THR B 388 -15.40 -11.97 12.80
N LEU B 389 -15.28 -12.97 13.65
CA LEU B 389 -16.21 -14.09 13.66
C LEU B 389 -17.35 -13.80 14.64
N TRP B 390 -18.56 -14.18 14.26
CA TRP B 390 -19.70 -14.23 15.16
C TRP B 390 -20.24 -15.65 15.19
N SER B 391 -21.24 -15.90 16.01
CA SER B 391 -21.68 -17.27 16.23
C SER B 391 -22.19 -17.92 14.95
N GLY B 392 -22.71 -17.13 14.02
CA GLY B 392 -23.22 -17.59 12.76
C GLY B 392 -22.24 -17.59 11.61
N SER B 393 -20.97 -17.28 11.84
CA SER B 393 -19.99 -17.33 10.76
C SER B 393 -19.75 -18.75 10.31
N LYS B 394 -19.62 -18.93 8.99
N LYS B 394 -19.62 -18.93 8.99
CA LYS B 394 -19.27 -20.22 8.41
CA LYS B 394 -19.28 -20.23 8.42
C LYS B 394 -18.33 -19.97 7.25
C LYS B 394 -18.35 -19.99 7.24
N ALA B 395 -17.12 -20.51 7.34
CA ALA B 395 -16.12 -20.29 6.33
C ALA B 395 -16.48 -20.99 5.02
N ILE B 396 -16.32 -20.26 3.90
CA ILE B 396 -16.71 -20.80 2.61
C ILE B 396 -15.81 -21.91 2.10
N ASN B 397 -14.59 -22.06 2.64
CA ASN B 397 -13.76 -23.19 2.29
C ASN B 397 -14.29 -24.48 2.94
N GLU B 398 -15.12 -24.35 3.98
CA GLU B 398 -15.74 -25.48 4.65
C GLU B 398 -17.12 -25.79 4.09
N ASP B 399 -17.91 -24.77 3.79
CA ASP B 399 -19.24 -24.92 3.22
C ASP B 399 -19.43 -23.75 2.26
N ALA B 400 -19.61 -24.06 0.98
CA ALA B 400 -19.66 -23.00 -0.03
C ALA B 400 -20.84 -22.06 0.17
N ALA B 401 -21.86 -22.46 0.93
CA ALA B 401 -22.99 -21.59 1.23
C ALA B 401 -22.75 -20.69 2.44
N GLY B 402 -21.53 -20.68 2.98
CA GLY B 402 -21.19 -19.85 4.11
C GLY B 402 -21.09 -18.37 3.80
N ASN B 403 -20.49 -17.66 4.75
CA ASN B 403 -20.56 -16.20 4.79
C ASN B 403 -19.25 -15.60 5.28
N TYR B 404 -18.17 -16.37 5.32
CA TYR B 404 -16.92 -15.92 5.91
C TYR B 404 -15.77 -16.42 5.05
N ILE B 405 -14.74 -15.58 4.88
CA ILE B 405 -13.57 -15.92 4.08
C ILE B 405 -12.32 -15.79 4.94
N HIS B 406 -11.58 -16.89 5.06
CA HIS B 406 -10.22 -16.86 5.57
C HIS B 406 -9.32 -16.38 4.44
N TYR B 407 -8.96 -15.10 4.43
CA TYR B 407 -8.20 -14.54 3.33
C TYR B 407 -6.72 -14.89 3.36
N GLY B 408 -6.21 -15.38 4.48
CA GLY B 408 -4.77 -15.54 4.61
C GLY B 408 -4.08 -14.20 4.74
N VAL B 409 -2.75 -14.23 4.68
CA VAL B 409 -1.91 -13.05 4.92
C VAL B 409 -1.78 -12.28 3.61
N ARG B 410 -2.86 -11.62 3.23
CA ARG B 410 -3.09 -11.13 1.87
C ARG B 410 -3.94 -9.87 1.93
N GLU B 411 -3.42 -8.79 2.54
CA GLU B 411 -4.29 -7.65 2.82
C GLU B 411 -4.75 -6.94 1.54
N PHE B 412 -3.83 -6.72 0.60
CA PHE B 412 -4.17 -6.03 -0.64
C PHE B 412 -5.14 -6.86 -1.46
N GLY B 413 -4.81 -8.14 -1.65
CA GLY B 413 -5.70 -9.04 -2.35
C GLY B 413 -7.08 -9.15 -1.71
N MET B 414 -7.12 -9.28 -0.39
CA MET B 414 -8.39 -9.31 0.33
C MET B 414 -9.25 -8.11 -0.04
N THR B 415 -8.67 -6.92 0.01
CA THR B 415 -9.46 -5.71 -0.16
C THR B 415 -9.96 -5.59 -1.59
N ALA B 416 -9.11 -5.91 -2.58
CA ALA B 416 -9.54 -5.85 -3.97
C ALA B 416 -10.48 -7.00 -4.34
N ILE B 417 -10.33 -8.17 -3.71
CA ILE B 417 -11.34 -9.22 -3.85
C ILE B 417 -12.69 -8.71 -3.33
N ALA B 418 -12.67 -8.07 -2.17
CA ALA B 418 -13.92 -7.54 -1.62
C ALA B 418 -14.53 -6.47 -2.51
N ASN B 419 -13.71 -5.70 -3.23
CA ASN B 419 -14.25 -4.80 -4.23
C ASN B 419 -15.01 -5.58 -5.29
N GLY B 420 -14.45 -6.70 -5.75
CA GLY B 420 -15.19 -7.57 -6.67
C GLY B 420 -16.48 -8.11 -6.09
N ILE B 421 -16.46 -8.48 -4.81
CA ILE B 421 -17.66 -8.96 -4.15
C ILE B 421 -18.74 -7.88 -4.13
N SER B 422 -18.39 -6.66 -3.76
N SER B 422 -18.38 -6.66 -3.75
CA SER B 422 -19.39 -5.59 -3.73
CA SER B 422 -19.35 -5.58 -3.74
C SER B 422 -19.89 -5.27 -5.13
C SER B 422 -19.88 -5.28 -5.14
N LEU B 423 -18.99 -5.30 -6.13
CA LEU B 423 -19.39 -5.00 -7.50
C LEU B 423 -20.31 -6.06 -8.08
N HIS B 424 -20.20 -7.29 -7.59
CA HIS B 424 -21.00 -8.37 -8.16
C HIS B 424 -22.48 -8.18 -7.86
N GLY B 425 -22.80 -7.71 -6.67
CA GLY B 425 -24.17 -7.74 -6.17
C GLY B 425 -24.45 -9.00 -5.38
N GLY B 426 -25.35 -8.87 -4.39
CA GLY B 426 -25.81 -9.98 -3.60
C GLY B 426 -25.23 -10.05 -2.20
N PHE B 427 -24.14 -9.31 -1.96
CA PHE B 427 -23.39 -9.37 -0.73
C PHE B 427 -23.05 -7.98 -0.20
N LEU B 428 -22.73 -7.96 1.09
CA LEU B 428 -22.17 -6.79 1.78
C LEU B 428 -20.86 -7.28 2.37
N PRO B 429 -19.72 -6.98 1.75
CA PRO B 429 -18.46 -7.51 2.27
C PRO B 429 -17.93 -6.66 3.41
N TYR B 430 -17.29 -7.35 4.36
CA TYR B 430 -16.43 -6.69 5.32
C TYR B 430 -15.07 -7.39 5.32
N THR B 431 -14.02 -6.59 5.50
CA THR B 431 -12.65 -7.08 5.50
C THR B 431 -11.98 -6.58 6.77
N SER B 432 -10.82 -7.16 7.11
N SER B 432 -10.83 -7.16 7.11
CA SER B 432 -10.21 -6.81 8.38
CA SER B 432 -10.21 -6.76 8.37
C SER B 432 -8.73 -7.16 8.42
C SER B 432 -8.73 -7.14 8.41
N THR B 433 -7.97 -6.29 9.07
CA THR B 433 -6.57 -6.52 9.41
C THR B 433 -6.23 -5.52 10.52
N PHE B 434 -5.01 -5.60 11.04
CA PHE B 434 -4.53 -4.54 11.90
C PHE B 434 -4.45 -3.25 11.09
N LEU B 435 -4.76 -2.12 11.73
CA LEU B 435 -4.78 -0.85 11.01
C LEU B 435 -3.48 -0.56 10.25
N MET B 436 -2.32 -0.88 10.84
CA MET B 436 -1.09 -0.56 10.13
C MET B 436 -1.12 -1.10 8.70
N PHE B 437 -1.68 -2.29 8.52
CA PHE B 437 -1.58 -3.00 7.25
C PHE B 437 -2.66 -2.56 6.27
N VAL B 438 -3.44 -1.53 6.60
CA VAL B 438 -4.09 -0.77 5.55
C VAL B 438 -3.06 -0.29 4.54
N GLU B 439 -1.82 -0.07 4.99
CA GLU B 439 -0.80 0.41 4.05
C GLU B 439 -0.48 -0.63 2.99
N TYR B 440 -0.57 -1.93 3.31
CA TYR B 440 -0.39 -2.97 2.30
C TYR B 440 -1.53 -2.93 1.28
N ALA B 441 -2.73 -2.57 1.71
CA ALA B 441 -3.92 -2.63 0.87
C ALA B 441 -4.33 -1.26 0.35
N ARG B 442 -3.45 -0.27 0.43
N ARG B 442 -3.47 -0.26 0.52
CA ARG B 442 -3.91 1.12 0.46
CA ARG B 442 -3.91 1.13 0.44
C ARG B 442 -4.61 1.54 -0.83
C ARG B 442 -4.68 1.44 -0.83
N ASN B 443 -4.12 1.11 -2.00
CA ASN B 443 -4.75 1.53 -3.23
C ASN B 443 -6.08 0.83 -3.45
N ALA B 444 -6.27 -0.39 -2.92
CA ALA B 444 -7.57 -1.05 -3.05
C ALA B 444 -8.64 -0.33 -2.23
N VAL B 445 -8.25 0.22 -1.08
CA VAL B 445 -9.15 1.06 -0.30
C VAL B 445 -9.54 2.27 -1.12
N ARG B 446 -8.55 2.94 -1.73
CA ARG B 446 -8.84 4.08 -2.58
C ARG B 446 -9.79 3.70 -3.71
N MET B 447 -9.58 2.54 -4.33
CA MET B 447 -10.41 2.13 -5.44
C MET B 447 -11.85 1.87 -4.99
N ALA B 448 -12.05 1.35 -3.77
CA ALA B 448 -13.41 1.19 -3.25
C ALA B 448 -14.09 2.55 -3.16
N ALA B 449 -13.37 3.56 -2.69
CA ALA B 449 -13.92 4.91 -2.60
C ALA B 449 -14.20 5.49 -3.97
N LEU B 450 -13.26 5.35 -4.91
CA LEU B 450 -13.47 5.87 -6.25
C LEU B 450 -14.66 5.21 -6.93
N MET B 451 -14.83 3.90 -6.73
CA MET B 451 -15.94 3.16 -7.34
C MET B 451 -17.24 3.28 -6.56
N LYS B 452 -17.27 4.05 -5.46
N LYS B 452 -17.27 4.06 -5.47
CA LYS B 452 -18.50 4.29 -4.70
CA LYS B 452 -18.50 4.28 -4.71
C LYS B 452 -19.08 3.00 -4.14
C LYS B 452 -19.08 2.98 -4.17
N GLN B 453 -18.21 2.10 -3.69
CA GLN B 453 -18.62 0.78 -3.23
C GLN B 453 -18.83 0.69 -1.73
N ARG B 454 -19.87 -0.06 -1.36
N ARG B 454 -19.86 -0.06 -1.34
CA ARG B 454 -20.17 -0.37 0.03
CA ARG B 454 -20.14 -0.34 0.05
C ARG B 454 -19.30 -1.55 0.49
C ARG B 454 -19.33 -1.54 0.51
N GLN B 455 -18.43 -1.29 1.47
CA GLN B 455 -17.58 -2.30 2.08
C GLN B 455 -17.22 -1.73 3.44
N VAL B 456 -17.31 -2.55 4.49
CA VAL B 456 -16.88 -2.15 5.82
C VAL B 456 -15.48 -2.73 6.05
N MET B 457 -14.55 -1.84 6.39
CA MET B 457 -13.15 -2.19 6.60
CA MET B 457 -13.14 -2.19 6.60
C MET B 457 -12.88 -2.08 8.10
N VAL B 458 -12.61 -3.22 8.73
CA VAL B 458 -12.50 -3.33 10.18
C VAL B 458 -11.02 -3.33 10.54
N TYR B 459 -10.51 -2.19 11.03
CA TYR B 459 -9.07 -2.03 11.26
C TYR B 459 -8.81 -1.91 12.76
N THR B 460 -8.22 -2.95 13.34
CA THR B 460 -8.05 -2.99 14.78
C THR B 460 -6.62 -2.68 15.18
N HIS B 461 -6.42 -2.49 16.49
CA HIS B 461 -5.10 -2.22 17.06
C HIS B 461 -4.58 -0.89 16.52
N ASP B 462 -5.29 0.16 16.92
CA ASP B 462 -5.26 1.42 16.19
C ASP B 462 -4.20 2.41 16.63
N SER B 463 -3.42 2.15 17.68
CA SER B 463 -2.49 3.16 18.16
C SER B 463 -1.42 2.49 19.00
N ILE B 464 -0.60 3.31 19.66
CA ILE B 464 0.32 2.85 20.69
C ILE B 464 -0.38 2.04 21.78
N GLY B 465 -1.71 2.15 21.88
CA GLY B 465 -2.47 1.30 22.80
C GLY B 465 -2.30 -0.19 22.58
N LEU B 466 -1.80 -0.61 21.42
CA LEU B 466 -1.53 -2.03 21.21
C LEU B 466 -0.31 -2.51 22.00
N GLY B 467 0.57 -1.61 22.44
CA GLY B 467 1.66 -1.99 23.33
C GLY B 467 2.87 -2.60 22.65
N GLU B 468 3.28 -3.78 23.13
CA GLU B 468 4.65 -4.27 22.99
C GLU B 468 5.08 -4.60 21.57
N ASP B 469 4.15 -4.85 20.64
CA ASP B 469 4.62 -5.15 19.28
C ASP B 469 5.42 -4.00 18.67
N GLY B 470 5.21 -2.76 19.11
CA GLY B 470 6.16 -1.72 18.78
C GLY B 470 5.89 -0.96 17.48
N PRO B 471 6.87 -0.14 17.06
CA PRO B 471 6.59 0.89 16.05
C PRO B 471 6.28 0.37 14.66
N THR B 472 6.67 -0.85 14.32
CA THR B 472 6.31 -1.35 13.00
C THR B 472 4.81 -1.64 12.91
N HIS B 473 4.15 -1.80 14.04
CA HIS B 473 2.74 -2.16 14.12
C HIS B 473 1.84 -1.04 14.64
N GLN B 474 2.38 -0.08 15.39
CA GLN B 474 1.59 0.97 16.03
C GLN B 474 1.25 2.07 15.03
N PRO B 475 -0.01 2.20 14.66
CA PRO B 475 -0.38 3.28 13.74
C PRO B 475 -0.13 4.64 14.36
N VAL B 476 0.26 5.59 13.50
CA VAL B 476 0.39 6.99 13.88
C VAL B 476 -0.32 7.85 12.83
N GLU B 477 0.11 7.72 11.58
CA GLU B 477 -0.33 8.60 10.49
C GLU B 477 -1.35 7.96 9.55
N GLN B 478 -1.76 6.72 9.81
CA GLN B 478 -2.64 6.00 8.88
C GLN B 478 -4.06 6.55 8.87
N VAL B 479 -4.60 6.91 10.04
CA VAL B 479 -5.97 7.45 10.06
C VAL B 479 -6.03 8.75 9.29
N ALA B 480 -5.04 9.63 9.49
CA ALA B 480 -5.04 10.90 8.76
C ALA B 480 -5.05 10.66 7.24
N SER B 481 -4.33 9.65 6.78
N SER B 481 -4.36 9.61 6.78
CA SER B 481 -4.33 9.36 5.35
CA SER B 481 -4.31 9.32 5.35
C SER B 481 -5.72 8.97 4.86
C SER B 481 -5.66 8.86 4.82
N LEU B 482 -6.42 8.13 5.63
CA LEU B 482 -7.79 7.77 5.26
C LEU B 482 -8.70 8.98 5.30
N ARG B 483 -8.52 9.87 6.28
CA ARG B 483 -9.42 11.00 6.42
C ARG B 483 -9.34 11.95 5.24
N VAL B 484 -8.20 12.03 4.57
CA VAL B 484 -8.05 12.95 3.44
C VAL B 484 -8.32 12.28 2.11
N THR B 485 -8.85 11.06 2.12
CA THR B 485 -9.17 10.35 0.89
C THR B 485 -10.57 10.70 0.42
N PRO B 486 -10.75 11.20 -0.80
CA PRO B 486 -12.10 11.52 -1.29
C PRO B 486 -13.02 10.31 -1.20
N ASN B 487 -14.23 10.57 -0.74
CA ASN B 487 -15.31 9.59 -0.62
C ASN B 487 -15.06 8.46 0.36
N MET B 488 -14.01 8.53 1.17
CA MET B 488 -13.79 7.57 2.25
CA MET B 488 -13.84 7.55 2.23
C MET B 488 -14.57 8.01 3.48
N SER B 489 -15.10 7.06 4.23
CA SER B 489 -15.65 7.35 5.55
C SER B 489 -14.80 6.60 6.57
N THR B 490 -14.41 7.30 7.63
CA THR B 490 -13.50 6.78 8.65
C THR B 490 -14.07 7.10 10.02
N TRP B 491 -14.29 6.08 10.84
CA TRP B 491 -14.89 6.23 12.17
C TRP B 491 -13.91 5.69 13.20
N ARG B 492 -13.66 6.48 14.25
CA ARG B 492 -12.79 6.09 15.35
C ARG B 492 -13.64 6.18 16.63
N PRO B 493 -14.45 5.17 16.89
CA PRO B 493 -15.42 5.27 17.98
C PRO B 493 -14.78 5.28 19.35
N CYS B 494 -15.39 6.02 20.28
CA CYS B 494 -14.82 6.17 21.62
C CYS B 494 -15.33 5.16 22.63
N ASP B 495 -16.35 4.39 22.29
CA ASP B 495 -16.95 3.44 23.22
C ASP B 495 -17.82 2.48 22.42
N GLN B 496 -18.48 1.57 23.12
CA GLN B 496 -19.23 0.53 22.43
C GLN B 496 -20.43 1.10 21.68
N VAL B 497 -20.94 2.26 22.13
CA VAL B 497 -22.10 2.88 21.51
C VAL B 497 -21.70 3.53 20.20
N GLU B 498 -20.66 4.36 20.23
CA GLU B 498 -20.17 4.92 18.97
C GLU B 498 -19.76 3.81 18.01
N SER B 499 -19.28 2.67 18.53
CA SER B 499 -18.89 1.57 17.65
C SER B 499 -20.08 1.01 16.90
N ALA B 500 -21.20 0.81 17.61
CA ALA B 500 -22.40 0.30 16.97
C ALA B 500 -22.98 1.30 15.98
N VAL B 501 -22.94 2.59 16.32
CA VAL B 501 -23.41 3.61 15.39
C VAL B 501 -22.58 3.59 14.12
N ALA B 502 -21.25 3.47 14.27
CA ALA B 502 -20.37 3.45 13.10
C ALA B 502 -20.63 2.22 12.23
N TRP B 503 -20.84 1.06 12.84
CA TRP B 503 -21.19 -0.13 12.09
C TRP B 503 -22.50 0.06 11.32
N LYS B 504 -23.52 0.62 11.98
CA LYS B 504 -24.79 0.87 11.29
C LYS B 504 -24.59 1.82 10.13
N TYR B 505 -23.84 2.90 10.36
CA TYR B 505 -23.53 3.86 9.29
C TYR B 505 -22.88 3.16 8.12
N GLY B 506 -21.90 2.29 8.41
CA GLY B 506 -21.17 1.61 7.35
C GLY B 506 -22.04 0.68 6.51
N VAL B 507 -22.86 -0.15 7.17
CA VAL B 507 -23.67 -1.08 6.40
C VAL B 507 -24.75 -0.37 5.61
N GLU B 508 -25.19 0.79 6.07
CA GLU B 508 -26.23 1.56 5.41
C GLU B 508 -25.67 2.53 4.38
N ARG B 509 -24.35 2.67 4.26
CA ARG B 509 -23.73 3.60 3.33
C ARG B 509 -23.61 2.92 1.97
N GLN B 510 -24.43 3.38 1.02
N GLN B 510 -24.45 3.34 1.02
CA GLN B 510 -24.57 2.68 -0.24
CA GLN B 510 -24.55 2.63 -0.24
C GLN B 510 -23.59 3.13 -1.29
C GLN B 510 -23.52 3.09 -1.26
N ASP B 511 -22.93 4.27 -1.09
CA ASP B 511 -22.18 4.96 -2.13
C ASP B 511 -20.72 5.19 -1.77
N GLY B 512 -20.19 4.39 -0.84
CA GLY B 512 -18.79 4.39 -0.57
C GLY B 512 -18.50 3.55 0.65
N PRO B 513 -17.21 3.33 0.92
CA PRO B 513 -16.78 2.40 1.96
C PRO B 513 -16.66 3.10 3.30
N THR B 514 -16.55 2.30 4.35
CA THR B 514 -16.49 2.81 5.71
C THR B 514 -15.43 2.02 6.47
N ALA B 515 -14.40 2.73 6.95
CA ALA B 515 -13.36 2.14 7.77
C ALA B 515 -13.66 2.38 9.24
N LEU B 516 -13.53 1.34 10.04
CA LEU B 516 -13.69 1.40 11.49
C LEU B 516 -12.30 1.27 12.12
N ILE B 517 -11.97 2.21 13.00
CA ILE B 517 -10.66 2.34 13.61
C ILE B 517 -10.84 1.94 15.07
N LEU B 518 -10.33 0.76 15.42
CA LEU B 518 -10.77 0.06 16.63
C LEU B 518 -9.60 -0.25 17.55
N SER B 519 -9.87 -0.17 18.86
CA SER B 519 -8.83 -0.27 19.87
C SER B 519 -8.60 -1.71 20.33
N ARG B 520 -7.37 -1.97 20.78
N ARG B 520 -7.36 -1.96 20.77
CA ARG B 520 -7.09 -3.20 21.51
CA ARG B 520 -7.01 -3.17 21.49
C ARG B 520 -7.61 -3.11 22.93
C ARG B 520 -7.51 -3.13 22.94
N GLN B 521 -7.46 -1.95 23.56
CA GLN B 521 -7.70 -1.77 24.97
C GLN B 521 -9.12 -1.27 25.26
N ASN B 522 -9.55 -1.46 26.52
CA ASN B 522 -10.92 -1.17 26.90
C ASN B 522 -11.17 0.33 26.94
N LEU B 523 -12.35 0.74 26.46
CA LEU B 523 -12.73 2.14 26.33
C LEU B 523 -13.94 2.44 27.22
N ALA B 524 -13.84 3.52 28.00
CA ALA B 524 -14.95 3.92 28.87
C ALA B 524 -16.17 4.34 28.07
N GLN B 525 -17.34 3.91 28.52
CA GLN B 525 -18.57 4.42 27.93
C GLN B 525 -18.89 5.80 28.49
N GLN B 526 -19.29 6.70 27.60
CA GLN B 526 -19.68 8.05 27.95
C GLN B 526 -21.19 8.17 28.10
N GLU B 527 -21.61 9.06 29.00
N GLU B 527 -21.61 9.06 28.99
CA GLU B 527 -23.01 9.38 29.18
CA GLU B 527 -23.04 9.35 29.18
C GLU B 527 -23.52 10.18 27.98
C GLU B 527 -23.55 10.21 28.04
N ARG B 528 -24.76 9.91 27.58
CA ARG B 528 -25.39 10.66 26.51
C ARG B 528 -26.88 10.81 26.74
N THR B 529 -27.38 12.02 26.49
CA THR B 529 -28.81 12.24 26.36
C THR B 529 -29.31 11.60 25.06
N GLU B 530 -30.63 11.57 24.89
CA GLU B 530 -31.22 11.08 23.65
CA GLU B 530 -31.19 11.05 23.65
C GLU B 530 -30.69 11.86 22.45
N GLU B 531 -30.61 13.18 22.59
N GLU B 531 -30.58 13.18 22.59
CA GLU B 531 -30.10 14.05 21.53
CA GLU B 531 -30.09 14.00 21.48
C GLU B 531 -28.65 13.71 21.20
C GLU B 531 -28.63 13.71 21.19
N GLN B 532 -27.80 13.56 22.23
CA GLN B 532 -26.40 13.25 22.00
C GLN B 532 -26.25 11.87 21.35
N LEU B 533 -27.06 10.90 21.77
CA LEU B 533 -27.03 9.58 21.16
C LEU B 533 -27.31 9.67 19.66
N ALA B 534 -28.33 10.44 19.29
CA ALA B 534 -28.65 10.63 17.88
C ALA B 534 -27.58 11.42 17.14
N ASN B 535 -26.82 12.26 17.87
CA ASN B 535 -25.81 13.10 17.23
C ASN B 535 -24.52 12.36 16.92
N ILE B 536 -24.30 11.16 17.46
CA ILE B 536 -23.07 10.43 17.12
C ILE B 536 -22.95 10.32 15.60
N ALA B 537 -24.07 9.99 14.95
CA ALA B 537 -24.06 9.77 13.51
C ALA B 537 -23.73 11.02 12.72
N ARG B 538 -23.80 12.21 13.34
CA ARG B 538 -23.40 13.44 12.68
C ARG B 538 -21.88 13.64 12.67
N GLY B 539 -21.12 12.69 13.20
CA GLY B 539 -19.68 12.65 13.03
C GLY B 539 -18.88 13.39 14.07
N GLY B 540 -19.36 14.55 14.46
CA GLY B 540 -18.80 15.33 15.54
C GLY B 540 -19.93 15.94 16.32
N TYR B 541 -19.84 15.93 17.66
CA TYR B 541 -20.95 16.41 18.46
C TYR B 541 -20.45 16.84 19.84
N VAL B 542 -21.23 17.70 20.47
CA VAL B 542 -20.94 18.17 21.82
C VAL B 542 -21.27 17.06 22.82
N LEU B 543 -20.26 16.60 23.54
CA LEU B 543 -20.39 15.56 24.55
C LEU B 543 -20.44 16.12 25.96
N LYS B 544 -19.64 17.14 26.27
CA LYS B 544 -19.67 17.85 27.54
C LYS B 544 -19.66 19.34 27.22
N ASP B 545 -20.32 20.14 28.05
CA ASP B 545 -20.45 21.55 27.72
C ASP B 545 -20.46 22.39 28.98
N CYS B 546 -20.52 23.69 28.78
CA CYS B 546 -20.60 24.68 29.83
C CYS B 546 -21.71 25.64 29.46
N ALA B 547 -22.12 26.43 30.43
CA ALA B 547 -23.04 27.53 30.18
C ALA B 547 -22.25 28.71 29.63
N GLY B 548 -22.77 29.33 28.57
CA GLY B 548 -22.06 30.42 27.93
C GLY B 548 -20.99 29.93 26.99
N GLN B 549 -20.28 30.89 26.41
CA GLN B 549 -19.25 30.58 25.43
CA GLN B 549 -19.26 30.56 25.43
C GLN B 549 -18.09 29.87 26.12
N PRO B 550 -17.67 28.69 25.64
CA PRO B 550 -16.50 28.04 26.25
C PRO B 550 -15.26 28.89 26.07
N GLU B 551 -14.38 28.87 27.06
N GLU B 551 -14.42 28.87 27.13
CA GLU B 551 -13.06 29.42 26.81
CA GLU B 551 -13.04 29.34 27.06
C GLU B 551 -12.08 28.37 26.34
C GLU B 551 -12.17 28.40 26.26
N LEU B 552 -12.51 27.12 26.24
CA LEU B 552 -11.66 26.03 25.80
CA LEU B 552 -11.67 26.10 25.66
C LEU B 552 -12.55 24.96 25.21
N ILE B 553 -12.20 24.42 24.03
CA ILE B 553 -12.89 23.26 23.47
C ILE B 553 -11.85 22.17 23.26
N PHE B 554 -12.08 21.01 23.87
CA PHE B 554 -11.33 19.80 23.55
C PHE B 554 -12.03 19.10 22.39
N ILE B 555 -11.24 18.61 21.43
CA ILE B 555 -11.74 17.80 20.33
C ILE B 555 -10.99 16.48 20.41
N ALA B 556 -11.71 15.38 20.59
CA ALA B 556 -11.05 14.11 20.83
C ALA B 556 -11.77 13.01 20.06
N THR B 557 -11.04 11.90 19.85
CA THR B 557 -11.56 10.76 19.14
C THR B 557 -11.18 9.49 19.88
N GLY B 558 -11.94 8.43 19.59
CA GLY B 558 -11.54 7.10 20.00
C GLY B 558 -11.16 7.00 21.46
N SER B 559 -10.07 6.28 21.71
CA SER B 559 -9.60 6.02 23.06
C SER B 559 -9.23 7.29 23.81
N GLU B 560 -9.07 8.43 23.15
CA GLU B 560 -8.65 9.66 23.82
C GLU B 560 -9.82 10.50 24.32
N VAL B 561 -11.07 10.14 23.99
CA VAL B 561 -12.19 10.89 24.55
C VAL B 561 -12.21 10.78 26.08
N GLU B 562 -11.91 9.60 26.63
N GLU B 562 -11.93 9.60 26.62
CA GLU B 562 -11.89 9.41 28.07
CA GLU B 562 -11.90 9.45 28.08
C GLU B 562 -10.92 10.38 28.72
C GLU B 562 -10.94 10.44 28.70
N LEU B 563 -9.73 10.53 28.13
CA LEU B 563 -8.73 11.46 28.63
C LEU B 563 -9.20 12.91 28.53
N ALA B 564 -9.79 13.28 27.40
CA ALA B 564 -10.29 14.64 27.24
C ALA B 564 -11.38 14.97 28.24
N VAL B 565 -12.29 14.01 28.51
CA VAL B 565 -13.34 14.22 29.49
C VAL B 565 -12.74 14.40 30.88
N ALA B 566 -11.74 13.59 31.24
CA ALA B 566 -11.11 13.77 32.54
C ALA B 566 -10.47 15.15 32.67
N ALA B 567 -9.83 15.64 31.62
CA ALA B 567 -9.25 16.97 31.66
C ALA B 567 -10.34 18.03 31.78
N TYR B 568 -11.42 17.87 31.02
CA TYR B 568 -12.58 18.76 31.14
C TYR B 568 -13.09 18.80 32.57
N GLU B 569 -13.18 17.65 33.24
CA GLU B 569 -13.71 17.65 34.60
CA GLU B 569 -13.71 17.64 34.60
C GLU B 569 -12.79 18.39 35.55
N LYS B 570 -11.47 18.18 35.43
N LYS B 570 -11.48 18.20 35.41
CA LYS B 570 -10.53 18.90 36.28
CA LYS B 570 -10.53 18.89 36.28
C LYS B 570 -10.67 20.40 36.09
C LYS B 570 -10.60 20.39 36.07
N LEU B 571 -10.65 20.84 34.82
CA LEU B 571 -10.72 22.27 34.54
C LEU B 571 -12.05 22.86 34.98
N THR B 572 -13.15 22.13 34.75
CA THR B 572 -14.46 22.61 35.18
C THR B 572 -14.50 22.82 36.69
N ALA B 573 -13.90 21.89 37.45
CA ALA B 573 -13.88 22.03 38.91
C ALA B 573 -13.07 23.24 39.35
N GLU B 574 -12.12 23.72 38.54
CA GLU B 574 -11.34 24.91 38.83
C GLU B 574 -12.00 26.17 38.28
N GLY B 575 -13.20 26.07 37.71
CA GLY B 575 -13.93 27.22 37.24
C GLY B 575 -13.72 27.57 35.78
N VAL B 576 -12.99 26.77 35.03
CA VAL B 576 -12.80 27.03 33.61
C VAL B 576 -14.04 26.59 32.85
N LYS B 577 -14.45 27.41 31.88
CA LYS B 577 -15.58 27.11 31.02
C LYS B 577 -15.09 26.29 29.84
N ALA B 578 -15.39 25.00 29.84
CA ALA B 578 -14.86 24.09 28.85
C ALA B 578 -15.96 23.27 28.20
N ARG B 579 -15.63 22.73 27.03
CA ARG B 579 -16.49 21.86 26.25
C ARG B 579 -15.65 20.71 25.71
N VAL B 580 -16.26 19.53 25.59
CA VAL B 580 -15.65 18.40 24.90
C VAL B 580 -16.51 18.05 23.69
N VAL B 581 -15.86 17.99 22.53
CA VAL B 581 -16.44 17.50 21.29
C VAL B 581 -15.84 16.13 21.01
N SER B 582 -16.72 15.12 20.85
CA SER B 582 -16.30 13.82 20.34
C SER B 582 -16.44 13.86 18.83
N MET B 583 -15.38 13.47 18.12
CA MET B 583 -15.31 13.54 16.66
CA MET B 583 -15.36 13.52 16.66
C MET B 583 -15.05 12.15 16.10
N PRO B 584 -15.99 11.22 16.22
CA PRO B 584 -15.75 9.87 15.70
C PRO B 584 -15.53 9.85 14.20
N SER B 585 -16.15 10.76 13.44
CA SER B 585 -15.94 10.77 11.99
C SER B 585 -15.83 12.20 11.47
N THR B 586 -14.62 12.58 11.08
CA THR B 586 -14.41 13.88 10.47
C THR B 586 -15.15 14.03 9.15
N ASP B 587 -15.23 12.95 8.36
CA ASP B 587 -15.91 13.07 7.07
C ASP B 587 -17.40 13.28 7.25
N ALA B 588 -18.02 12.56 8.19
CA ALA B 588 -19.44 12.80 8.44
C ALA B 588 -19.65 14.19 9.01
N PHE B 589 -18.78 14.64 9.91
CA PHE B 589 -18.92 15.99 10.46
C PHE B 589 -18.86 17.03 9.37
N ASP B 590 -17.89 16.88 8.46
CA ASP B 590 -17.70 17.87 7.40
C ASP B 590 -18.90 17.94 6.48
N LYS B 591 -19.66 16.84 6.35
CA LYS B 591 -20.86 16.79 5.52
C LYS B 591 -22.07 17.42 6.18
N GLN B 592 -22.01 17.73 7.46
CA GLN B 592 -23.10 18.43 8.10
C GLN B 592 -23.11 19.88 7.65
N ASP B 593 -24.27 20.53 7.77
CA ASP B 593 -24.37 21.89 7.26
C ASP B 593 -23.62 22.88 8.16
N ALA B 594 -23.46 24.08 7.62
CA ALA B 594 -22.64 25.09 8.27
C ALA B 594 -23.18 25.44 9.65
N ALA B 595 -24.51 25.50 9.79
CA ALA B 595 -25.10 25.84 11.08
C ALA B 595 -24.78 24.78 12.13
N TYR B 596 -24.87 23.49 11.76
CA TYR B 596 -24.54 22.46 12.73
C TYR B 596 -23.05 22.52 13.10
N ARG B 597 -22.17 22.66 12.11
N ARG B 597 -22.18 22.64 12.10
CA ARG B 597 -20.75 22.68 12.42
CA ARG B 597 -20.74 22.68 12.41
C ARG B 597 -20.39 23.86 13.32
C ARG B 597 -20.42 23.85 13.34
N GLU B 598 -21.02 25.02 13.09
CA GLU B 598 -20.83 26.18 13.95
C GLU B 598 -21.32 25.91 15.37
N SER B 599 -22.41 25.15 15.51
CA SER B 599 -22.91 24.87 16.86
C SER B 599 -21.94 24.02 17.65
N VAL B 600 -21.16 23.17 16.99
CA VAL B 600 -20.22 22.28 17.67
C VAL B 600 -18.87 22.94 17.89
N LEU B 601 -18.36 23.59 16.83
CA LEU B 601 -17.06 24.26 16.84
C LEU B 601 -17.29 25.73 16.49
N PRO B 602 -17.78 26.52 17.45
CA PRO B 602 -18.09 27.92 17.13
C PRO B 602 -16.86 28.71 16.73
N LYS B 603 -17.02 29.51 15.67
CA LYS B 603 -15.91 30.28 15.15
C LYS B 603 -15.33 31.25 16.16
N ALA B 604 -16.14 31.70 17.13
CA ALA B 604 -15.66 32.62 18.15
C ALA B 604 -14.63 31.98 19.08
N VAL B 605 -14.60 30.66 19.18
CA VAL B 605 -13.76 29.99 20.15
C VAL B 605 -12.54 29.47 19.43
N THR B 606 -11.39 30.09 19.67
CA THR B 606 -10.15 29.71 19.01
C THR B 606 -9.24 28.87 19.89
N ALA B 607 -9.50 28.79 21.19
CA ALA B 607 -8.69 27.99 22.11
C ALA B 607 -9.20 26.56 22.06
N ARG B 608 -8.68 25.81 21.09
CA ARG B 608 -9.10 24.46 20.80
C ARG B 608 -7.91 23.52 21.01
N VAL B 609 -8.16 22.41 21.72
CA VAL B 609 -7.13 21.41 22.02
C VAL B 609 -7.60 20.08 21.44
N ALA B 610 -6.88 19.57 20.44
CA ALA B 610 -7.15 18.24 19.92
C ALA B 610 -6.38 17.21 20.72
N VAL B 611 -7.02 16.05 20.95
CA VAL B 611 -6.40 14.96 21.71
C VAL B 611 -6.63 13.67 20.92
N GLU B 612 -5.56 13.08 20.41
CA GLU B 612 -5.65 11.85 19.63
C GLU B 612 -4.28 11.22 19.56
N ALA B 613 -4.20 9.90 19.80
CA ALA B 613 -2.93 9.17 19.70
C ALA B 613 -2.64 8.83 18.24
N GLY B 614 -2.48 9.90 17.45
CA GLY B 614 -2.18 9.83 16.04
C GLY B 614 -1.47 11.10 15.62
N ILE B 615 -1.09 11.17 14.34
CA ILE B 615 -0.20 12.26 13.91
C ILE B 615 -0.85 13.61 14.15
N ALA B 616 -0.07 14.51 14.74
CA ALA B 616 -0.60 15.79 15.18
C ALA B 616 -0.99 16.69 14.01
N ASP B 617 -0.21 16.67 12.93
CA ASP B 617 -0.39 17.67 11.87
C ASP B 617 -1.78 17.65 11.25
N TYR B 618 -2.48 16.52 11.30
CA TYR B 618 -3.83 16.45 10.77
C TYR B 618 -4.73 17.52 11.41
N TRP B 619 -4.56 17.75 12.71
CA TRP B 619 -5.55 18.43 13.53
C TRP B 619 -5.58 19.93 13.36
N TYR B 620 -4.62 20.52 12.64
CA TYR B 620 -4.70 21.94 12.33
C TYR B 620 -6.01 22.27 11.60
N LYS B 621 -6.58 21.30 10.90
CA LYS B 621 -7.85 21.52 10.21
C LYS B 621 -8.94 21.99 11.16
N TYR B 622 -8.97 21.47 12.38
CA TYR B 622 -10.01 21.84 13.33
C TYR B 622 -9.52 22.74 14.45
N VAL B 623 -8.22 22.76 14.75
CA VAL B 623 -7.75 23.61 15.82
CA VAL B 623 -7.67 23.59 15.82
C VAL B 623 -7.16 24.94 15.34
N GLY B 624 -6.84 25.06 14.06
CA GLY B 624 -6.27 26.30 13.58
C GLY B 624 -4.85 26.52 14.09
N LEU B 625 -4.42 27.78 14.01
CA LEU B 625 -3.06 28.17 14.36
C LEU B 625 -2.94 28.71 15.79
N ASN B 626 -4.04 28.82 16.52
CA ASN B 626 -4.04 29.39 17.86
C ASN B 626 -4.55 28.39 18.89
N GLY B 627 -4.37 27.11 18.60
CA GLY B 627 -4.80 26.07 19.52
C GLY B 627 -3.64 25.23 20.00
N ALA B 628 -3.93 23.98 20.35
CA ALA B 628 -2.92 23.05 20.81
C ALA B 628 -3.33 21.66 20.36
N ILE B 629 -2.34 20.80 20.19
CA ILE B 629 -2.58 19.42 19.78
C ILE B 629 -1.79 18.50 20.71
N VAL B 630 -2.49 17.60 21.38
CA VAL B 630 -1.89 16.52 22.15
C VAL B 630 -2.00 15.29 21.25
N GLY B 631 -0.91 15.05 20.51
CA GLY B 631 -0.87 14.02 19.50
C GLY B 631 0.49 13.38 19.45
N MET B 632 0.70 12.53 18.45
N MET B 632 0.69 12.60 18.38
CA MET B 632 1.98 11.91 18.17
CA MET B 632 1.95 11.95 18.09
C MET B 632 2.69 12.70 17.09
C MET B 632 2.70 12.79 17.08
N THR B 633 4.03 12.83 17.21
CA THR B 633 4.87 13.46 16.20
C THR B 633 5.99 12.54 15.75
N THR B 634 6.00 11.29 16.22
CA THR B 634 7.07 10.35 16.01
C THR B 634 6.45 8.98 15.78
N PHE B 635 7.29 8.03 15.37
CA PHE B 635 6.94 6.61 15.49
C PHE B 635 6.79 6.21 16.96
N GLY B 636 6.17 5.06 17.17
CA GLY B 636 6.00 4.53 18.50
C GLY B 636 7.24 3.86 19.06
N GLU B 637 7.02 3.04 20.10
CA GLU B 637 8.08 2.32 20.79
C GLU B 637 7.51 1.01 21.33
N SER B 638 8.36 0.01 21.48
CA SER B 638 7.94 -1.28 22.04
C SER B 638 7.98 -1.21 23.57
N ALA B 639 6.79 -1.22 24.18
CA ALA B 639 6.66 -1.22 25.64
C ALA B 639 5.21 -1.49 25.98
N PRO B 640 4.91 -1.81 27.23
CA PRO B 640 3.51 -1.88 27.66
C PRO B 640 2.76 -0.60 27.34
N ALA B 641 1.51 -0.76 26.90
CA ALA B 641 0.74 0.37 26.40
C ALA B 641 0.59 1.47 27.43
N GLU B 642 0.35 1.13 28.69
CA GLU B 642 0.13 2.16 29.68
C GLU B 642 1.37 3.03 29.84
N LEU B 643 2.57 2.44 29.70
CA LEU B 643 3.79 3.22 29.77
C LEU B 643 3.96 4.07 28.52
N LEU B 644 3.55 3.58 27.35
CA LEU B 644 3.60 4.39 26.14
C LEU B 644 2.70 5.61 26.26
N PHE B 645 1.48 5.44 26.75
CA PHE B 645 0.61 6.61 26.87
C PHE B 645 1.24 7.66 27.77
N GLU B 646 1.86 7.25 28.87
N GLU B 646 1.87 7.23 28.87
CA GLU B 646 2.57 8.19 29.73
CA GLU B 646 2.56 8.19 29.73
C GLU B 646 3.73 8.85 28.98
C GLU B 646 3.74 8.84 29.03
N GLU B 647 4.56 8.03 28.33
CA GLU B 647 5.75 8.53 27.64
CA GLU B 647 5.74 8.58 27.68
C GLU B 647 5.39 9.58 26.60
N PHE B 648 4.28 9.39 25.90
CA PHE B 648 3.92 10.24 24.78
C PHE B 648 2.96 11.36 25.16
N GLY B 649 2.65 11.51 26.44
CA GLY B 649 1.93 12.68 26.90
C GLY B 649 0.43 12.52 26.99
N PHE B 650 -0.08 11.30 26.87
CA PHE B 650 -1.52 11.04 26.95
C PHE B 650 -1.88 10.77 28.42
N THR B 651 -1.77 11.83 29.21
CA THR B 651 -2.07 11.79 30.64
C THR B 651 -2.94 13.00 30.97
N VAL B 652 -3.75 12.86 32.01
CA VAL B 652 -4.58 13.99 32.43
C VAL B 652 -3.71 15.20 32.76
N ASP B 653 -2.63 14.98 33.52
CA ASP B 653 -1.79 16.09 33.92
C ASP B 653 -1.27 16.83 32.69
N ASN B 654 -0.82 16.10 31.67
CA ASN B 654 -0.25 16.78 30.51
C ASN B 654 -1.33 17.49 29.70
N VAL B 655 -2.50 16.87 29.51
CA VAL B 655 -3.56 17.52 28.76
C VAL B 655 -4.01 18.79 29.47
N VAL B 656 -4.19 18.71 30.79
CA VAL B 656 -4.56 19.91 31.55
C VAL B 656 -3.48 20.98 31.42
N ALA B 657 -2.21 20.58 31.56
CA ALA B 657 -1.12 21.55 31.47
C ALA B 657 -1.10 22.20 30.10
N LYS B 658 -1.27 21.42 29.03
CA LYS B 658 -1.24 21.99 27.70
C LYS B 658 -2.42 22.93 27.49
N ALA B 659 -3.59 22.58 28.04
CA ALA B 659 -4.75 23.46 27.94
C ALA B 659 -4.53 24.76 28.71
N LYS B 660 -3.96 24.68 29.91
CA LYS B 660 -3.71 25.88 30.69
C LYS B 660 -2.64 26.75 30.05
N GLU B 661 -1.63 26.10 29.48
CA GLU B 661 -0.58 26.83 28.77
C GLU B 661 -1.16 27.56 27.58
N LEU B 662 -2.07 26.89 26.87
CA LEU B 662 -2.76 27.54 25.76
C LEU B 662 -3.55 28.74 26.24
N LEU B 663 -4.33 28.58 27.31
CA LEU B 663 -5.11 29.70 27.82
C LEU B 663 -4.20 30.83 28.28
N HIS B 664 -3.07 30.51 28.92
CA HIS B 664 -2.16 31.55 29.35
C HIS B 664 -1.63 32.34 28.15
N HIS B 665 -1.31 31.64 27.06
CA HIS B 665 -0.86 32.34 25.86
C HIS B 665 -1.97 33.23 25.29
N HIS B 666 -3.20 32.72 25.26
CA HIS B 666 -4.33 33.54 24.81
C HIS B 666 -4.51 34.78 25.68
N HIS B 667 -4.33 34.64 27.00
CA HIS B 667 -4.55 35.77 27.89
C HIS B 667 -3.46 36.82 27.75
N HIS B 668 -2.26 36.41 27.34
CA HIS B 668 -1.12 37.32 27.26
C HIS B 668 -0.45 37.25 25.89
#